data_1EKI
# 
_entry.id   1EKI 
# 
_audit_conform.dict_name       mmcif_pdbx.dic 
_audit_conform.dict_version    5.391 
_audit_conform.dict_location   http://mmcif.pdb.org/dictionaries/ascii/mmcif_pdbx.dic 
# 
loop_
_database_2.database_id 
_database_2.database_code 
_database_2.pdbx_database_accession 
_database_2.pdbx_DOI 
PDB   1EKI         pdb_00001eki 10.2210/pdb1eki/pdb 
RCSB  RCSB010675   ?            ?                   
WWPDB D_1000010675 ?            ?                   
# 
loop_
_pdbx_audit_revision_history.ordinal 
_pdbx_audit_revision_history.data_content_type 
_pdbx_audit_revision_history.major_revision 
_pdbx_audit_revision_history.minor_revision 
_pdbx_audit_revision_history.revision_date 
1 'Structure model' 1 0 2000-03-20 
2 'Structure model' 1 1 2008-04-27 
3 'Structure model' 1 2 2011-07-13 
4 'Structure model' 1 3 2011-12-28 
5 'Structure model' 2 0 2020-07-29 
6 'Structure model' 2 1 2024-05-01 
# 
loop_
_pdbx_audit_revision_details.ordinal 
_pdbx_audit_revision_details.revision_ordinal 
_pdbx_audit_revision_details.data_content_type 
_pdbx_audit_revision_details.provider 
_pdbx_audit_revision_details.type 
_pdbx_audit_revision_details.description 
_pdbx_audit_revision_details.details 
1 1 'Structure model' repository 'Initial release' ?                          ? 
2 5 'Structure model' repository Remediation       'Carbohydrate remediation' ? 
# 
loop_
_pdbx_audit_revision_group.ordinal 
_pdbx_audit_revision_group.revision_ordinal 
_pdbx_audit_revision_group.data_content_type 
_pdbx_audit_revision_group.group 
1  2 'Structure model' 'Version format compliance' 
2  3 'Structure model' 'Version format compliance' 
3  4 'Structure model' Advisory                    
4  5 'Structure model' Advisory                    
5  5 'Structure model' 'Atomic model'              
6  5 'Structure model' 'Data collection'           
7  5 'Structure model' 'Derived calculations'      
8  5 'Structure model' 'Structure summary'         
9  6 'Structure model' 'Data collection'           
10 6 'Structure model' 'Database references'       
11 6 'Structure model' 'Structure summary'         
# 
loop_
_pdbx_audit_revision_category.ordinal 
_pdbx_audit_revision_category.revision_ordinal 
_pdbx_audit_revision_category.data_content_type 
_pdbx_audit_revision_category.category 
1  5 'Structure model' atom_site                     
2  5 'Structure model' chem_comp                     
3  5 'Structure model' database_PDB_caveat           
4  5 'Structure model' entity                        
5  5 'Structure model' pdbx_branch_scheme            
6  5 'Structure model' pdbx_chem_comp_identifier     
7  5 'Structure model' pdbx_entity_branch            
8  5 'Structure model' pdbx_entity_branch_descriptor 
9  5 'Structure model' pdbx_entity_branch_link       
10 5 'Structure model' pdbx_entity_branch_list       
11 5 'Structure model' pdbx_entity_nonpoly           
12 5 'Structure model' pdbx_nmr_software             
13 5 'Structure model' pdbx_nonpoly_scheme           
14 5 'Structure model' pdbx_struct_assembly_gen      
15 5 'Structure model' pdbx_struct_conn_angle        
16 5 'Structure model' pdbx_unobs_or_zero_occ_atoms  
17 5 'Structure model' pdbx_validate_close_contact   
18 5 'Structure model' struct_asym                   
19 5 'Structure model' struct_conn                   
20 5 'Structure model' struct_site                   
21 5 'Structure model' struct_site_gen               
22 6 'Structure model' chem_comp                     
23 6 'Structure model' chem_comp_atom                
24 6 'Structure model' chem_comp_bond                
25 6 'Structure model' database_2                    
# 
loop_
_pdbx_audit_revision_item.ordinal 
_pdbx_audit_revision_item.revision_ordinal 
_pdbx_audit_revision_item.data_content_type 
_pdbx_audit_revision_item.item 
1  5 'Structure model' '_atom_site.B_iso_or_equiv'                   
2  5 'Structure model' '_atom_site.Cartn_x'                          
3  5 'Structure model' '_atom_site.Cartn_y'                          
4  5 'Structure model' '_atom_site.Cartn_z'                          
5  5 'Structure model' '_atom_site.auth_asym_id'                     
6  5 'Structure model' '_atom_site.auth_atom_id'                     
7  5 'Structure model' '_atom_site.auth_comp_id'                     
8  5 'Structure model' '_atom_site.auth_seq_id'                      
9  5 'Structure model' '_atom_site.label_asym_id'                    
10 5 'Structure model' '_atom_site.label_atom_id'                    
11 5 'Structure model' '_atom_site.label_comp_id'                    
12 5 'Structure model' '_atom_site.label_entity_id'                  
13 5 'Structure model' '_atom_site.type_symbol'                      
14 5 'Structure model' '_chem_comp.mon_nstd_flag'                    
15 5 'Structure model' '_chem_comp.name'                             
16 5 'Structure model' '_chem_comp.type'                             
17 5 'Structure model' '_pdbx_nmr_software.name'                     
18 5 'Structure model' '_pdbx_struct_assembly_gen.asym_id_list'      
19 5 'Structure model' '_pdbx_struct_conn_angle.ptnr1_auth_asym_id'  
20 5 'Structure model' '_pdbx_struct_conn_angle.ptnr1_auth_seq_id'   
21 5 'Structure model' '_pdbx_struct_conn_angle.ptnr1_label_asym_id' 
22 5 'Structure model' '_pdbx_struct_conn_angle.ptnr1_label_atom_id' 
23 5 'Structure model' '_pdbx_struct_conn_angle.ptnr2_label_asym_id' 
24 5 'Structure model' '_pdbx_struct_conn_angle.ptnr3_auth_asym_id'  
25 5 'Structure model' '_pdbx_struct_conn_angle.ptnr3_auth_seq_id'   
26 5 'Structure model' '_pdbx_struct_conn_angle.ptnr3_label_asym_id' 
27 5 'Structure model' '_pdbx_struct_conn_angle.ptnr3_label_atom_id' 
28 5 'Structure model' '_pdbx_struct_conn_angle.value'               
29 5 'Structure model' '_pdbx_validate_close_contact.auth_asym_id_1' 
30 5 'Structure model' '_pdbx_validate_close_contact.auth_asym_id_2' 
31 5 'Structure model' '_pdbx_validate_close_contact.auth_atom_id_1' 
32 5 'Structure model' '_pdbx_validate_close_contact.auth_atom_id_2' 
33 5 'Structure model' '_pdbx_validate_close_contact.auth_comp_id_1' 
34 5 'Structure model' '_pdbx_validate_close_contact.auth_comp_id_2' 
35 5 'Structure model' '_pdbx_validate_close_contact.auth_seq_id_1'  
36 5 'Structure model' '_pdbx_validate_close_contact.auth_seq_id_2'  
37 6 'Structure model' '_chem_comp.pdbx_synonyms'                    
38 6 'Structure model' '_database_2.pdbx_DOI'                        
39 6 'Structure model' '_database_2.pdbx_database_accession'         
# 
loop_
_database_PDB_caveat.id 
_database_PDB_caveat.text 
1 
;DA A 8 HAS WRONG CHIRALITY AT ATOM C3'
;
2 
;DA B 18 HAS WRONG CHIRALITY AT ATOM C3'
;
3 
;CPH A 33 HAS WRONG CHIRALITY AT ATOM C1'
;
# 
_pdbx_database_status.status_code                     REL 
_pdbx_database_status.entry_id                        1EKI 
_pdbx_database_status.recvd_initial_deposition_date   2000-03-08 
_pdbx_database_status.deposit_site                    RCSB 
_pdbx_database_status.process_site                    RCSB 
_pdbx_database_status.SG_entry                        . 
_pdbx_database_status.status_code_sf                  ? 
_pdbx_database_status.status_code_mr                  ? 
_pdbx_database_status.status_code_cs                  ? 
_pdbx_database_status.pdb_format_compatible           Y 
_pdbx_database_status.status_code_nmr_data            ? 
_pdbx_database_status.methods_development_category    ? 
# 
loop_
_pdbx_database_related.db_name 
_pdbx_database_related.db_id 
_pdbx_database_related.details 
_pdbx_database_related.content_type 
PDB 1ekh 'Family of 6 structures' unspecified 
PDB 1d83 .                        unspecified 
# 
_audit_author.name           'Gochin, M.' 
_audit_author.pdbx_ordinal   1 
# 
loop_
_citation.id 
_citation.title 
_citation.journal_abbrev 
_citation.journal_volume 
_citation.page_first 
_citation.page_last 
_citation.year 
_citation.journal_id_ASTM 
_citation.country 
_citation.journal_id_ISSN 
_citation.journal_id_CSD 
_citation.book_publisher 
_citation.pdbx_database_id_PubMed 
_citation.pdbx_database_id_DOI 
primary 
'A high-resolution structure of a DNA-chromomycin-Co(II) complex determined from pseudocontact shifts in nuclear magnetic resonance.' 
'Structure Fold.Des.' 8   441  452  2000 FODEFH UK 0969-2126 1263 ? 10801486 '10.1016/S0969-2126(00)00124-6' 
1       
'Structure determination by restrained molecular dynamics using NMR pseudocontact shifts as experimentally determined constraints' 
J.Am.Chem.Soc.        121 9276 9285 1999 JACSAT US 0002-7863 0004 ? ?        10.1021/ja9904540               
# 
loop_
_citation_author.citation_id 
_citation_author.name 
_citation_author.ordinal 
_citation_author.identifier_ORCID 
primary 'Gochin, M.' 1 ? 
1       'Tu, K.'     2 ? 
1       'Gochin, M.' 3 ? 
# 
loop_
_entity.id 
_entity.type 
_entity.src_method 
_entity.pdbx_description 
_entity.formula_weight 
_entity.pdbx_number_of_molecules 
_entity.pdbx_ec 
_entity.pdbx_mutation 
_entity.pdbx_fragment 
_entity.details 
1 polymer     syn 
;DNA (5'-D(*TP*TP*GP*GP*CP*CP*AP*A)-3')
;
2426.617 2 ? ? ? 
'TWO MOLECULES OF THE DRUG CHROMOMYCIN A3 (1GL-2GL-DXB-DDA-DDA-1AR, CHAINS C, AND D) ARE BOUND IN THE MINOR GROOVE' 
2 branched    man '2,6-dideoxy-4-O-methyl-alpha-D-galactopyranose-(1-3)-4-O-acetyl-2,6-dideoxy-beta-D-galactopyranose' 334.363  2 
? ? ? ?                                                                                                                   
3 branched    man '3-C-methyl-4-O-acetyl-alpha-L-Olivopyranose-(1-3)-beta-D-Olivopyranose-(1-3)-beta-D-Olivopyranose' 464.504  2 ? 
? ? ?                                                                                                                   
4 non-polymer syn 'COBALT (II) ION' 58.933   1 ? ? ? ? 
5 non-polymer syn 
'(1S)-5-deoxy-1-O-methyl-1-C-[(2R,3S)-3,5,7,10-tetrahydroxy-6-methyl-4-oxo-1,2,3,4-tetrahydroanthracen-2-yl]-D-xylulose' 420.410  
2 ? ? ? ?                                                                                                                   
# 
_entity_poly.entity_id                      1 
_entity_poly.type                           polydeoxyribonucleotide 
_entity_poly.nstd_linkage                   no 
_entity_poly.nstd_monomer                   no 
_entity_poly.pdbx_seq_one_letter_code       '(DT)(DT)(DG)(DG)(DC)(DC)(DA)(DA)' 
_entity_poly.pdbx_seq_one_letter_code_can   TTGGCCAA 
_entity_poly.pdbx_strand_id                 A,B 
_entity_poly.pdbx_target_identifier         ? 
# 
loop_
_pdbx_entity_nonpoly.entity_id 
_pdbx_entity_nonpoly.name 
_pdbx_entity_nonpoly.comp_id 
4 'COBALT (II) ION'                                                                                                        CO  
5 '(1S)-5-deoxy-1-O-methyl-1-C-[(2R,3S)-3,5,7,10-tetrahydroxy-6-methyl-4-oxo-1,2,3,4-tetrahydroanthracen-2-yl]-D-xylulose' CPH 
# 
loop_
_entity_poly_seq.entity_id 
_entity_poly_seq.num 
_entity_poly_seq.mon_id 
_entity_poly_seq.hetero 
1 1 DT n 
1 2 DT n 
1 3 DG n 
1 4 DG n 
1 5 DC n 
1 6 DC n 
1 7 DA n 
1 8 DA n 
# 
loop_
_pdbx_entity_branch.entity_id 
_pdbx_entity_branch.type 
2 oligosaccharide 
3 oligosaccharide 
# 
loop_
_pdbx_entity_branch_descriptor.ordinal 
_pdbx_entity_branch_descriptor.entity_id 
_pdbx_entity_branch_descriptor.descriptor 
_pdbx_entity_branch_descriptor.type 
_pdbx_entity_branch_descriptor.program 
_pdbx_entity_branch_descriptor.program_version 
1 2 'WURCS=2.0/2,2,1/[ad112m-1b_1-5_4*OCC/3=O][ad112m-1a_1-5_4*OC]/1-2/a3-b1'               WURCS  PDB2Glycan 1.1.0 
2 2 '[][b-D-2-deoxy-Fucp4Ac]{[(3+1)][a-D-2-deoxy-Fucp4Me]{}}'                               LINUCS PDB-CARE   ?     
3 3 'WURCS=2.0/2,3,2/[ad122m-1b_1-5][ad611m-1a_1-5_3*C_4*OCC/3=O]/1-1-2/a3-b1_b3-c1'        WURCS  PDB2Glycan 1.1.0 
4 3 '[][b-D-2,6-deoxy-Glcp]{[(3+1)][b-D-2,6-deoxy-Glcp]{[(3+1)][a-L-2,6-deoxy-Glcp4Ac]{}}}' LINUCS PDB-CARE   ?     
# 
loop_
_pdbx_entity_branch_link.link_id 
_pdbx_entity_branch_link.entity_id 
_pdbx_entity_branch_link.entity_branch_list_num_1 
_pdbx_entity_branch_link.comp_id_1 
_pdbx_entity_branch_link.atom_id_1 
_pdbx_entity_branch_link.leaving_atom_id_1 
_pdbx_entity_branch_link.entity_branch_list_num_2 
_pdbx_entity_branch_link.comp_id_2 
_pdbx_entity_branch_link.atom_id_2 
_pdbx_entity_branch_link.leaving_atom_id_2 
_pdbx_entity_branch_link.value_order 
_pdbx_entity_branch_link.details 
1 2 2 1GL C1 O1 1 2GL O3 HO3 sing ? 
2 3 2 DDA C1 O1 1 DDA O3 HO3 sing ? 
3 3 3 ERI C1 O1 2 DDA O3 HO3 sing ? 
# 
loop_
_chem_comp.id 
_chem_comp.type 
_chem_comp.mon_nstd_flag 
_chem_comp.name 
_chem_comp.pdbx_synonyms 
_chem_comp.formula 
_chem_comp.formula_weight 
1GL 'D-saccharide, alpha linking' . 2,6-dideoxy-4-O-methyl-alpha-D-galactopyranose 
;4-O-METHYL-2,6-DIDEOXY-ALPHA-D-GALACTO-HEXOPYRANOSE; 2-deoxy-4-O-methyl-alpha-D-fucopyranose; 2,6-dideoxy-4-O-methyl-alpha-D-galactose; 2,6-dideoxy-4-O-methyl-D-galactose; 2,6-dideoxy-4-O-methyl-galactose
;
'C7 H14 O4'       162.184 
2GL 'D-saccharide, beta linking'  . 4-O-acetyl-2,6-dideoxy-beta-D-galactopyranose 
;4-O-ACETYL-2,6-DIDEOXY-ALPHA-D-GALACTO-HEXOPYRANOSE; 4-O-acetyl-2,6-dideoxy-beta-D-galactose; 4-O-acetyl-2,6-dideoxy-D-galactose; 4-O-acetyl-2,6-dideoxy-galactose
;
'C8 H14 O5'       190.194 
CO  non-polymer                   . 'COBALT (II) ION' ? 'Co 2'            58.933  
CPH non-polymer                   . 
'(1S)-5-deoxy-1-O-methyl-1-C-[(2R,3S)-3,5,7,10-tetrahydroxy-6-methyl-4-oxo-1,2,3,4-tetrahydroanthracen-2-yl]-D-xylulose' None 
'C21 H24 O9'      420.410 
DA  'DNA linking'                 y "2'-DEOXYADENOSINE-5'-MONOPHOSPHATE" ? 'C10 H14 N5 O6 P' 331.222 
DC  'DNA linking'                 y "2'-DEOXYCYTIDINE-5'-MONOPHOSPHATE" ? 'C9 H14 N3 O7 P'  307.197 
DDA 'D-saccharide, beta linking'  . beta-D-Olivopyranose 
;beta-D-Olivose; 2,6-dideoxy-beta-D-arabino-hexopyranose; 2,6-dideoxy-beta-D-glucopyranose; 2,6-dideoxy-beta-D-mannopyranose; 2-deoxy-beta-D-quinovopyranose; 2-deoxy-beta-D-rhamnoopyranose; D-Olivose; Olivose; 2,6-DIDEOXY-BETA-D-GLUCOSE; 2,6-DIDEOXY-BETA-D-MANNOSE
;
'C6 H12 O4'       148.157 
DG  'DNA linking'                 y "2'-DEOXYGUANOSINE-5'-MONOPHOSPHATE" ? 'C10 H14 N5 O7 P' 347.221 
DT  'DNA linking'                 y "THYMIDINE-5'-MONOPHOSPHATE" ? 'C10 H15 N2 O8 P' 322.208 
ERI 'L-saccharide, alpha linking' n 3-C-methyl-4-O-acetyl-alpha-L-Olivopyranose 
;4-O-ACETYL-2,6-DIDEOXY-3-C-METHYL-BETA-L-ARABINO-HEXOPYRANOSE; 3-C-methyl-4-O-acetyl-alpha-L-Olivose; 3-C-methyl-4-O-acetyl-L-Olivose; 3-C-methyl-4-O-acetyl-Olivose
;
'C9 H16 O5'       204.220 
# 
loop_
_pdbx_chem_comp_identifier.comp_id 
_pdbx_chem_comp_identifier.type 
_pdbx_chem_comp_identifier.program 
_pdbx_chem_comp_identifier.program_version 
_pdbx_chem_comp_identifier.identifier 
1GL 'IUPAC CARBOHYDRATE SYMBOL'           PDB-CARE 1.0 a-D-2-deoxy-Fucp4OMe 
DDA 'CONDENSED IUPAC CARBOHYDRATE SYMBOL' GMML     1.0 DOlib                
DDA 'COMMON NAME'                         GMML     1.0 b-D-Olivopyranose    
DDA 'IUPAC CARBOHYDRATE SYMBOL'           PDB-CARE 1.0 b-D-2,6-deoxy-Glcp   
DDA 'SNFG CARBOHYDRATE SYMBOL'            GMML     1.0 Oli                  
# 
loop_
_pdbx_poly_seq_scheme.asym_id 
_pdbx_poly_seq_scheme.entity_id 
_pdbx_poly_seq_scheme.seq_id 
_pdbx_poly_seq_scheme.mon_id 
_pdbx_poly_seq_scheme.ndb_seq_num 
_pdbx_poly_seq_scheme.pdb_seq_num 
_pdbx_poly_seq_scheme.auth_seq_num 
_pdbx_poly_seq_scheme.pdb_mon_id 
_pdbx_poly_seq_scheme.auth_mon_id 
_pdbx_poly_seq_scheme.pdb_strand_id 
_pdbx_poly_seq_scheme.pdb_ins_code 
_pdbx_poly_seq_scheme.hetero 
A 1 1 DT 1 1  1  DT DT A . n 
A 1 2 DT 2 2  2  DT DT A . n 
A 1 3 DG 3 3  3  DG DG A . n 
A 1 4 DG 4 4  4  DG DG A . n 
A 1 5 DC 5 5  5  DC DC A . n 
A 1 6 DC 6 6  6  DC DC A . n 
A 1 7 DA 7 7  7  DA DA A . n 
A 1 8 DA 8 8  8  DA DA A . n 
B 1 1 DT 1 11 11 DT DT B . n 
B 1 2 DT 2 12 12 DT DT B . n 
B 1 3 DG 3 13 13 DG DG B . n 
B 1 4 DG 4 14 14 DG DG B . n 
B 1 5 DC 5 15 15 DC DC B . n 
B 1 6 DC 6 16 16 DC DC B . n 
B 1 7 DA 7 17 17 DA DA B . n 
B 1 8 DA 8 18 18 DA DA B . n 
# 
loop_
_pdbx_branch_scheme.asym_id 
_pdbx_branch_scheme.entity_id 
_pdbx_branch_scheme.mon_id 
_pdbx_branch_scheme.num 
_pdbx_branch_scheme.pdb_asym_id 
_pdbx_branch_scheme.pdb_mon_id 
_pdbx_branch_scheme.pdb_seq_num 
_pdbx_branch_scheme.auth_asym_id 
_pdbx_branch_scheme.auth_mon_id 
_pdbx_branch_scheme.auth_seq_num 
_pdbx_branch_scheme.hetero 
C 2 2GL 1 C 2GL 1 A 2GL 32 n 
C 2 1GL 2 C 1GL 2 A 1GL 31 n 
D 2 2GL 1 D 2GL 1 B 2GL 22 n 
D 2 1GL 2 D 1GL 2 B 1GL 21 n 
E 3 DDA 1 E DDA 1 B DDA 26 n 
E 3 DDA 2 E DDA 2 B DDA 25 n 
E 3 ERI 3 E ERI 3 B ERI 24 n 
F 3 DDA 1 F DDA 1 B DDA 36 n 
F 3 DDA 2 F DDA 2 B DDA 35 n 
F 3 ERI 3 F ERI 3 B ERI 34 n 
# 
loop_
_pdbx_nonpoly_scheme.asym_id 
_pdbx_nonpoly_scheme.entity_id 
_pdbx_nonpoly_scheme.mon_id 
_pdbx_nonpoly_scheme.ndb_seq_num 
_pdbx_nonpoly_scheme.pdb_seq_num 
_pdbx_nonpoly_scheme.auth_seq_num 
_pdbx_nonpoly_scheme.pdb_mon_id 
_pdbx_nonpoly_scheme.auth_mon_id 
_pdbx_nonpoly_scheme.pdb_strand_id 
_pdbx_nonpoly_scheme.pdb_ins_code 
G 4 CO  1 41 41 CO  CO  A . 
H 5 CPH 1 33 33 CPH CPH A . 
I 5 CPH 1 23 23 CPH CPH B . 
# 
loop_
_pdbx_unobs_or_zero_occ_atoms.id 
_pdbx_unobs_or_zero_occ_atoms.PDB_model_num 
_pdbx_unobs_or_zero_occ_atoms.polymer_flag 
_pdbx_unobs_or_zero_occ_atoms.occupancy_flag 
_pdbx_unobs_or_zero_occ_atoms.auth_asym_id 
_pdbx_unobs_or_zero_occ_atoms.auth_comp_id 
_pdbx_unobs_or_zero_occ_atoms.auth_seq_id 
_pdbx_unobs_or_zero_occ_atoms.PDB_ins_code 
_pdbx_unobs_or_zero_occ_atoms.auth_atom_id 
_pdbx_unobs_or_zero_occ_atoms.label_alt_id 
_pdbx_unobs_or_zero_occ_atoms.label_asym_id 
_pdbx_unobs_or_zero_occ_atoms.label_comp_id 
_pdbx_unobs_or_zero_occ_atoms.label_seq_id 
_pdbx_unobs_or_zero_occ_atoms.label_atom_id 
1 1 N 1 A CPH 33 ? O6 ? H CPH 1 O6 
2 1 N 1 A CPH 33 ? O2 ? H CPH 1 O2 
3 1 N 1 B CPH 23 ? O6 ? I CPH 1 O6 
4 1 N 1 B CPH 23 ? O2 ? I CPH 1 O2 
# 
_cell.entry_id           1EKI 
_cell.length_a           1.000 
_cell.length_b           1.000 
_cell.length_c           1.000 
_cell.angle_alpha        90.00 
_cell.angle_beta         90.00 
_cell.angle_gamma        90.00 
_cell.Z_PDB              1 
_cell.pdbx_unique_axis   ? 
# 
_symmetry.entry_id                         1EKI 
_symmetry.space_group_name_H-M             'P 1' 
_symmetry.pdbx_full_space_group_name_H-M   ? 
_symmetry.cell_setting                     ? 
_symmetry.Int_Tables_number                1 
# 
_exptl.entry_id          1EKI 
_exptl.method            'SOLUTION NMR' 
_exptl.crystals_number   ? 
# 
_struct.entry_id                  1EKI 
_struct.title                     'AVERAGE SOLUTION STRUCTURE OF D(TTGGCCAA)2 BOUND TO CHROMOMYCIN-A3 AND COBALT' 
_struct.pdbx_model_details        ? 
_struct.pdbx_CASP_flag            ? 
_struct.pdbx_model_type_details   'minimized average' 
# 
_struct_keywords.entry_id        1EKI 
_struct_keywords.pdbx_keywords   DNA 
_struct_keywords.text            'drug bound in the minor groove of DNA, DNA' 
# 
loop_
_struct_asym.id 
_struct_asym.pdbx_blank_PDB_chainid_flag 
_struct_asym.pdbx_modified 
_struct_asym.entity_id 
_struct_asym.details 
A N N 1 ? 
B N N 1 ? 
C N N 2 ? 
D N N 2 ? 
E N N 3 ? 
F N N 3 ? 
G N N 4 ? 
H N N 5 ? 
I N N 5 ? 
# 
_struct_ref.id                         1 
_struct_ref.entity_id                  1 
_struct_ref.db_name                    PDB 
_struct_ref.db_code                    1EKI 
_struct_ref.pdbx_db_accession          1EKI 
_struct_ref.pdbx_align_begin           ? 
_struct_ref.pdbx_seq_one_letter_code   ? 
_struct_ref.pdbx_db_isoform            ? 
# 
loop_
_struct_ref_seq.align_id 
_struct_ref_seq.ref_id 
_struct_ref_seq.pdbx_PDB_id_code 
_struct_ref_seq.pdbx_strand_id 
_struct_ref_seq.seq_align_beg 
_struct_ref_seq.pdbx_seq_align_beg_ins_code 
_struct_ref_seq.seq_align_end 
_struct_ref_seq.pdbx_seq_align_end_ins_code 
_struct_ref_seq.pdbx_db_accession 
_struct_ref_seq.db_align_beg 
_struct_ref_seq.pdbx_db_align_beg_ins_code 
_struct_ref_seq.db_align_end 
_struct_ref_seq.pdbx_db_align_end_ins_code 
_struct_ref_seq.pdbx_auth_seq_align_beg 
_struct_ref_seq.pdbx_auth_seq_align_end 
1 1 1EKI A 1 ? 8 ? 1EKI 1  ? 8  ? 1  8  
2 1 1EKI B 1 ? 8 ? 1EKI 11 ? 18 ? 11 18 
# 
_pdbx_struct_assembly.id                   1 
_pdbx_struct_assembly.details              author_defined_assembly 
_pdbx_struct_assembly.method_details       ? 
_pdbx_struct_assembly.oligomeric_details   dimeric 
_pdbx_struct_assembly.oligomeric_count     2 
# 
_pdbx_struct_assembly_gen.assembly_id       1 
_pdbx_struct_assembly_gen.oper_expression   1 
_pdbx_struct_assembly_gen.asym_id_list      A,B,C,D,E,F,G,H,I 
# 
_pdbx_struct_oper_list.id                   1 
_pdbx_struct_oper_list.type                 'identity operation' 
_pdbx_struct_oper_list.name                 1_555 
_pdbx_struct_oper_list.symmetry_operation   x,y,z 
_pdbx_struct_oper_list.matrix[1][1]         1.0000000000 
_pdbx_struct_oper_list.matrix[1][2]         0.0000000000 
_pdbx_struct_oper_list.matrix[1][3]         0.0000000000 
_pdbx_struct_oper_list.vector[1]            0.0000000000 
_pdbx_struct_oper_list.matrix[2][1]         0.0000000000 
_pdbx_struct_oper_list.matrix[2][2]         1.0000000000 
_pdbx_struct_oper_list.matrix[2][3]         0.0000000000 
_pdbx_struct_oper_list.vector[2]            0.0000000000 
_pdbx_struct_oper_list.matrix[3][1]         0.0000000000 
_pdbx_struct_oper_list.matrix[3][2]         0.0000000000 
_pdbx_struct_oper_list.matrix[3][3]         1.0000000000 
_pdbx_struct_oper_list.vector[3]            0.0000000000 
# 
_struct_biol.id        1 
_struct_biol.details   ? 
# 
loop_
_struct_conn.id 
_struct_conn.conn_type_id 
_struct_conn.pdbx_leaving_atom_flag 
_struct_conn.pdbx_PDB_id 
_struct_conn.ptnr1_label_asym_id 
_struct_conn.ptnr1_label_comp_id 
_struct_conn.ptnr1_label_seq_id 
_struct_conn.ptnr1_label_atom_id 
_struct_conn.pdbx_ptnr1_label_alt_id 
_struct_conn.pdbx_ptnr1_PDB_ins_code 
_struct_conn.pdbx_ptnr1_standard_comp_id 
_struct_conn.ptnr1_symmetry 
_struct_conn.ptnr2_label_asym_id 
_struct_conn.ptnr2_label_comp_id 
_struct_conn.ptnr2_label_seq_id 
_struct_conn.ptnr2_label_atom_id 
_struct_conn.pdbx_ptnr2_label_alt_id 
_struct_conn.pdbx_ptnr2_PDB_ins_code 
_struct_conn.ptnr1_auth_asym_id 
_struct_conn.ptnr1_auth_comp_id 
_struct_conn.ptnr1_auth_seq_id 
_struct_conn.ptnr2_auth_asym_id 
_struct_conn.ptnr2_auth_comp_id 
_struct_conn.ptnr2_auth_seq_id 
_struct_conn.ptnr2_symmetry 
_struct_conn.pdbx_ptnr3_label_atom_id 
_struct_conn.pdbx_ptnr3_label_seq_id 
_struct_conn.pdbx_ptnr3_label_comp_id 
_struct_conn.pdbx_ptnr3_label_asym_id 
_struct_conn.pdbx_ptnr3_label_alt_id 
_struct_conn.pdbx_ptnr3_PDB_ins_code 
_struct_conn.details 
_struct_conn.pdbx_dist_value 
_struct_conn.pdbx_value_order 
_struct_conn.pdbx_role 
covale1  covale both ? C 2GL . O3 ? ? ? 1_555 C 1GL . C1 ? ? C 2GL 1  C 1GL 2  1_555 ? ? ? ? ? ? ?            1.455 sing ? 
covale2  covale both ? D 2GL . O3 ? ? ? 1_555 D 1GL . C1 ? ? D 2GL 1  D 1GL 2  1_555 ? ? ? ? ? ? ?            1.453 sing ? 
covale3  covale both ? E DDA . O3 ? ? ? 1_555 E DDA . C1 ? ? E DDA 1  E DDA 2  1_555 ? ? ? ? ? ? ?            1.422 sing ? 
covale4  covale both ? E DDA . O3 ? ? ? 1_555 E ERI . C1 ? ? E DDA 2  E ERI 3  1_555 ? ? ? ? ? ? ?            1.433 sing ? 
covale5  covale both ? F DDA . O3 ? ? ? 1_555 F DDA . C1 ? ? F DDA 1  F DDA 2  1_555 ? ? ? ? ? ? ?            1.425 sing ? 
covale6  covale both ? F DDA . O3 ? ? ? 1_555 F ERI . C1 ? ? F DDA 2  F ERI 3  1_555 ? ? ? ? ? ? ?            1.440 sing ? 
metalc1  metalc ?    ? H CPH . O9 ? ? ? 1_555 G CO  . CO ? ? A CPH 33 A CO  41 1_555 ? ? ? ? ? ? ?            1.902 ?    ? 
metalc2  metalc ?    ? H CPH . O1 ? ? ? 1_555 G CO  . CO ? ? A CPH 33 A CO  41 1_555 ? ? ? ? ? ? ?            1.931 ?    ? 
metalc3  metalc ?    ? H CPH . C9 ? ? ? 1_555 G CO  . CO ? ? A CPH 33 A CO  41 1_555 ? ? ? ? ? ? ?            2.408 ?    ? 
metalc4  metalc ?    ? H CPH . C1 ? ? ? 1_555 G CO  . CO ? ? A CPH 33 A CO  41 1_555 ? ? ? ? ? ? ?            2.754 ?    ? 
metalc5  metalc ?    ? G CO  . CO ? ? ? 1_555 I CPH . O9 ? ? A CO  41 B CPH 23 1_555 ? ? ? ? ? ? ?            1.912 ?    ? 
metalc6  metalc ?    ? G CO  . CO ? ? ? 1_555 I CPH . O1 ? ? A CO  41 B CPH 23 1_555 ? ? ? ? ? ? ?            1.863 ?    ? 
metalc7  metalc ?    ? G CO  . CO ? ? ? 1_555 I CPH . C9 ? ? A CO  41 B CPH 23 1_555 ? ? ? ? ? ? ?            2.570 ?    ? 
metalc8  metalc ?    ? G CO  . CO ? ? ? 1_555 I CPH . C1 ? ? A CO  41 B CPH 23 1_555 ? ? ? ? ? ? ?            2.765 ?    ? 
hydrog1  hydrog ?    ? A DT  1 N3 ? ? ? 1_555 B DA  8 N1 ? ? A DT  1  B DA  18 1_555 ? ? ? ? ? ? WATSON-CRICK ?     ?    ? 
hydrog2  hydrog ?    ? A DT  1 O4 ? ? ? 1_555 B DA  8 N6 ? ? A DT  1  B DA  18 1_555 ? ? ? ? ? ? WATSON-CRICK ?     ?    ? 
hydrog3  hydrog ?    ? A DT  2 N3 ? ? ? 1_555 B DA  7 N1 ? ? A DT  2  B DA  17 1_555 ? ? ? ? ? ? WATSON-CRICK ?     ?    ? 
hydrog4  hydrog ?    ? A DT  2 O4 ? ? ? 1_555 B DA  7 N6 ? ? A DT  2  B DA  17 1_555 ? ? ? ? ? ? WATSON-CRICK ?     ?    ? 
hydrog5  hydrog ?    ? A DG  3 N1 ? ? ? 1_555 B DC  6 N3 ? ? A DG  3  B DC  16 1_555 ? ? ? ? ? ? WATSON-CRICK ?     ?    ? 
hydrog6  hydrog ?    ? A DG  3 N2 ? ? ? 1_555 B DC  6 O2 ? ? A DG  3  B DC  16 1_555 ? ? ? ? ? ? WATSON-CRICK ?     ?    ? 
hydrog7  hydrog ?    ? A DG  3 O6 ? ? ? 1_555 B DC  6 N4 ? ? A DG  3  B DC  16 1_555 ? ? ? ? ? ? WATSON-CRICK ?     ?    ? 
hydrog8  hydrog ?    ? A DG  4 N1 ? ? ? 1_555 B DC  5 N3 ? ? A DG  4  B DC  15 1_555 ? ? ? ? ? ? WATSON-CRICK ?     ?    ? 
hydrog9  hydrog ?    ? A DG  4 N2 ? ? ? 1_555 B DC  5 O2 ? ? A DG  4  B DC  15 1_555 ? ? ? ? ? ? WATSON-CRICK ?     ?    ? 
hydrog10 hydrog ?    ? A DG  4 O6 ? ? ? 1_555 B DC  5 N4 ? ? A DG  4  B DC  15 1_555 ? ? ? ? ? ? WATSON-CRICK ?     ?    ? 
hydrog11 hydrog ?    ? A DC  5 N3 ? ? ? 1_555 B DG  4 N1 ? ? A DC  5  B DG  14 1_555 ? ? ? ? ? ? WATSON-CRICK ?     ?    ? 
hydrog12 hydrog ?    ? A DC  5 N4 ? ? ? 1_555 B DG  4 O6 ? ? A DC  5  B DG  14 1_555 ? ? ? ? ? ? WATSON-CRICK ?     ?    ? 
hydrog13 hydrog ?    ? A DC  5 O2 ? ? ? 1_555 B DG  4 N2 ? ? A DC  5  B DG  14 1_555 ? ? ? ? ? ? WATSON-CRICK ?     ?    ? 
hydrog14 hydrog ?    ? A DC  6 N3 ? ? ? 1_555 B DG  3 N1 ? ? A DC  6  B DG  13 1_555 ? ? ? ? ? ? WATSON-CRICK ?     ?    ? 
hydrog15 hydrog ?    ? A DC  6 N4 ? ? ? 1_555 B DG  3 O6 ? ? A DC  6  B DG  13 1_555 ? ? ? ? ? ? WATSON-CRICK ?     ?    ? 
hydrog16 hydrog ?    ? A DC  6 O2 ? ? ? 1_555 B DG  3 N2 ? ? A DC  6  B DG  13 1_555 ? ? ? ? ? ? WATSON-CRICK ?     ?    ? 
hydrog17 hydrog ?    ? A DA  7 N1 ? ? ? 1_555 B DT  2 N3 ? ? A DA  7  B DT  12 1_555 ? ? ? ? ? ? WATSON-CRICK ?     ?    ? 
hydrog18 hydrog ?    ? A DA  7 N6 ? ? ? 1_555 B DT  2 O4 ? ? A DA  7  B DT  12 1_555 ? ? ? ? ? ? WATSON-CRICK ?     ?    ? 
hydrog19 hydrog ?    ? A DA  8 N1 ? ? ? 1_555 B DT  1 N3 ? ? A DA  8  B DT  11 1_555 ? ? ? ? ? ? WATSON-CRICK ?     ?    ? 
hydrog20 hydrog ?    ? A DA  8 N6 ? ? ? 1_555 B DT  1 O4 ? ? A DA  8  B DT  11 1_555 ? ? ? ? ? ? WATSON-CRICK ?     ?    ? 
# 
loop_
_struct_conn_type.id 
_struct_conn_type.criteria 
_struct_conn_type.reference 
covale ? ? 
metalc ? ? 
hydrog ? ? 
# 
loop_
_pdbx_struct_conn_angle.id 
_pdbx_struct_conn_angle.ptnr1_label_atom_id 
_pdbx_struct_conn_angle.ptnr1_label_alt_id 
_pdbx_struct_conn_angle.ptnr1_label_asym_id 
_pdbx_struct_conn_angle.ptnr1_label_comp_id 
_pdbx_struct_conn_angle.ptnr1_label_seq_id 
_pdbx_struct_conn_angle.ptnr1_auth_atom_id 
_pdbx_struct_conn_angle.ptnr1_auth_asym_id 
_pdbx_struct_conn_angle.ptnr1_auth_comp_id 
_pdbx_struct_conn_angle.ptnr1_auth_seq_id 
_pdbx_struct_conn_angle.ptnr1_PDB_ins_code 
_pdbx_struct_conn_angle.ptnr1_symmetry 
_pdbx_struct_conn_angle.ptnr2_label_atom_id 
_pdbx_struct_conn_angle.ptnr2_label_alt_id 
_pdbx_struct_conn_angle.ptnr2_label_asym_id 
_pdbx_struct_conn_angle.ptnr2_label_comp_id 
_pdbx_struct_conn_angle.ptnr2_label_seq_id 
_pdbx_struct_conn_angle.ptnr2_auth_atom_id 
_pdbx_struct_conn_angle.ptnr2_auth_asym_id 
_pdbx_struct_conn_angle.ptnr2_auth_comp_id 
_pdbx_struct_conn_angle.ptnr2_auth_seq_id 
_pdbx_struct_conn_angle.ptnr2_PDB_ins_code 
_pdbx_struct_conn_angle.ptnr2_symmetry 
_pdbx_struct_conn_angle.ptnr3_label_atom_id 
_pdbx_struct_conn_angle.ptnr3_label_alt_id 
_pdbx_struct_conn_angle.ptnr3_label_asym_id 
_pdbx_struct_conn_angle.ptnr3_label_comp_id 
_pdbx_struct_conn_angle.ptnr3_label_seq_id 
_pdbx_struct_conn_angle.ptnr3_auth_atom_id 
_pdbx_struct_conn_angle.ptnr3_auth_asym_id 
_pdbx_struct_conn_angle.ptnr3_auth_comp_id 
_pdbx_struct_conn_angle.ptnr3_auth_seq_id 
_pdbx_struct_conn_angle.ptnr3_PDB_ins_code 
_pdbx_struct_conn_angle.ptnr3_symmetry 
_pdbx_struct_conn_angle.value 
_pdbx_struct_conn_angle.value_esd 
1  O9 ? H CPH . ? A CPH 33 ? 1_555 CO ? G CO . ? A CO 41 ? 1_555 O1 ? H CPH . ? A CPH 33 ? 1_555 102.5 ? 
2  O9 ? H CPH . ? A CPH 33 ? 1_555 CO ? G CO . ? A CO 41 ? 1_555 C9 ? H CPH . ? A CPH 33 ? 1_555 35.6  ? 
3  O1 ? H CPH . ? A CPH 33 ? 1_555 CO ? G CO . ? A CO 41 ? 1_555 C9 ? H CPH . ? A CPH 33 ? 1_555 83.5  ? 
4  O9 ? H CPH . ? A CPH 33 ? 1_555 CO ? G CO . ? A CO 41 ? 1_555 C1 ? H CPH . ? A CPH 33 ? 1_555 85.3  ? 
5  O1 ? H CPH . ? A CPH 33 ? 1_555 CO ? G CO . ? A CO 41 ? 1_555 C1 ? H CPH . ? A CPH 33 ? 1_555 22.9  ? 
6  C9 ? H CPH . ? A CPH 33 ? 1_555 CO ? G CO . ? A CO 41 ? 1_555 C1 ? H CPH . ? A CPH 33 ? 1_555 61.2  ? 
7  O9 ? H CPH . ? A CPH 33 ? 1_555 CO ? G CO . ? A CO 41 ? 1_555 O9 ? I CPH . ? B CPH 23 ? 1_555 120.4 ? 
8  O1 ? H CPH . ? A CPH 33 ? 1_555 CO ? G CO . ? A CO 41 ? 1_555 O9 ? I CPH . ? B CPH 23 ? 1_555 115.3 ? 
9  C9 ? H CPH . ? A CPH 33 ? 1_555 CO ? G CO . ? A CO 41 ? 1_555 O9 ? I CPH . ? B CPH 23 ? 1_555 155.1 ? 
10 C1 ? H CPH . ? A CPH 33 ? 1_555 CO ? G CO . ? A CO 41 ? 1_555 O9 ? I CPH . ? B CPH 23 ? 1_555 138.1 ? 
11 O9 ? H CPH . ? A CPH 33 ? 1_555 CO ? G CO . ? A CO 41 ? 1_555 O1 ? I CPH . ? B CPH 23 ? 1_555 127.9 ? 
12 O1 ? H CPH . ? A CPH 33 ? 1_555 CO ? G CO . ? A CO 41 ? 1_555 O1 ? I CPH . ? B CPH 23 ? 1_555 88.0  ? 
13 C9 ? H CPH . ? A CPH 33 ? 1_555 CO ? G CO . ? A CO 41 ? 1_555 O1 ? I CPH . ? B CPH 23 ? 1_555 97.9  ? 
14 C1 ? H CPH . ? A CPH 33 ? 1_555 CO ? G CO . ? A CO 41 ? 1_555 O1 ? I CPH . ? B CPH 23 ? 1_555 86.6  ? 
15 O9 ? I CPH . ? B CPH 23 ? 1_555 CO ? G CO . ? A CO 41 ? 1_555 O1 ? I CPH . ? B CPH 23 ? 1_555 98.9  ? 
16 O9 ? H CPH . ? A CPH 33 ? 1_555 CO ? G CO . ? A CO 41 ? 1_555 C9 ? I CPH . ? B CPH 23 ? 1_555 151.5 ? 
17 O1 ? H CPH . ? A CPH 33 ? 1_555 CO ? G CO . ? A CO 41 ? 1_555 C9 ? I CPH . ? B CPH 23 ? 1_555 90.9  ? 
18 C9 ? H CPH . ? A CPH 33 ? 1_555 CO ? G CO . ? A CO 41 ? 1_555 C9 ? I CPH . ? B CPH 23 ? 1_555 172.6 ? 
19 C1 ? H CPH . ? A CPH 33 ? 1_555 CO ? G CO . ? A CO 41 ? 1_555 C9 ? I CPH . ? B CPH 23 ? 1_555 112.8 ? 
20 O9 ? I CPH . ? B CPH 23 ? 1_555 CO ? G CO . ? A CO 41 ? 1_555 C9 ? I CPH . ? B CPH 23 ? 1_555 32.3  ? 
21 O1 ? I CPH . ? B CPH 23 ? 1_555 CO ? G CO . ? A CO 41 ? 1_555 C9 ? I CPH . ? B CPH 23 ? 1_555 77.0  ? 
22 O9 ? H CPH . ? A CPH 33 ? 1_555 CO ? G CO . ? A CO 41 ? 1_555 C1 ? I CPH . ? B CPH 23 ? 1_555 146.1 ? 
23 O1 ? H CPH . ? A CPH 33 ? 1_555 CO ? G CO . ? A CO 41 ? 1_555 C1 ? I CPH . ? B CPH 23 ? 1_555 91.8  ? 
24 C9 ? H CPH . ? A CPH 33 ? 1_555 CO ? G CO . ? A CO 41 ? 1_555 C1 ? I CPH . ? B CPH 23 ? 1_555 118.8 ? 
25 C1 ? H CPH . ? A CPH 33 ? 1_555 CO ? G CO . ? A CO 41 ? 1_555 C1 ? I CPH . ? B CPH 23 ? 1_555 98.1  ? 
26 O9 ? I CPH . ? B CPH 23 ? 1_555 CO ? G CO . ? A CO 41 ? 1_555 C1 ? I CPH . ? B CPH 23 ? 1_555 78.7  ? 
27 O1 ? I CPH . ? B CPH 23 ? 1_555 CO ? G CO . ? A CO 41 ? 1_555 C1 ? I CPH . ? B CPH 23 ? 1_555 20.9  ? 
28 C9 ? I CPH . ? B CPH 23 ? 1_555 CO ? G CO . ? A CO 41 ? 1_555 C1 ? I CPH . ? B CPH 23 ? 1_555 56.3  ? 
# 
loop_
_pdbx_validate_close_contact.id 
_pdbx_validate_close_contact.PDB_model_num 
_pdbx_validate_close_contact.auth_atom_id_1 
_pdbx_validate_close_contact.auth_asym_id_1 
_pdbx_validate_close_contact.auth_comp_id_1 
_pdbx_validate_close_contact.auth_seq_id_1 
_pdbx_validate_close_contact.PDB_ins_code_1 
_pdbx_validate_close_contact.label_alt_id_1 
_pdbx_validate_close_contact.auth_atom_id_2 
_pdbx_validate_close_contact.auth_asym_id_2 
_pdbx_validate_close_contact.auth_comp_id_2 
_pdbx_validate_close_contact.auth_seq_id_2 
_pdbx_validate_close_contact.PDB_ins_code_2 
_pdbx_validate_close_contact.label_alt_id_2 
_pdbx_validate_close_contact.dist 
1 1 O1 D 2GL 1 ? ? C6  B CPH 23 ? ? 1.41 
2 1 O1 C 2GL 1 ? ? C6  A CPH 33 ? ? 1.42 
3 1 O1 E DDA 1 ? ? C2  B CPH 23 ? ? 1.42 
4 1 O1 F DDA 1 ? ? C2  A CPH 33 ? ? 1.45 
5 1 O2 A DC  6 ? ? H21 B DG  13 ? ? 1.59 
# 
loop_
_pdbx_validate_rmsd_angle.id 
_pdbx_validate_rmsd_angle.PDB_model_num 
_pdbx_validate_rmsd_angle.auth_atom_id_1 
_pdbx_validate_rmsd_angle.auth_asym_id_1 
_pdbx_validate_rmsd_angle.auth_comp_id_1 
_pdbx_validate_rmsd_angle.auth_seq_id_1 
_pdbx_validate_rmsd_angle.PDB_ins_code_1 
_pdbx_validate_rmsd_angle.label_alt_id_1 
_pdbx_validate_rmsd_angle.auth_atom_id_2 
_pdbx_validate_rmsd_angle.auth_asym_id_2 
_pdbx_validate_rmsd_angle.auth_comp_id_2 
_pdbx_validate_rmsd_angle.auth_seq_id_2 
_pdbx_validate_rmsd_angle.PDB_ins_code_2 
_pdbx_validate_rmsd_angle.label_alt_id_2 
_pdbx_validate_rmsd_angle.auth_atom_id_3 
_pdbx_validate_rmsd_angle.auth_asym_id_3 
_pdbx_validate_rmsd_angle.auth_comp_id_3 
_pdbx_validate_rmsd_angle.auth_seq_id_3 
_pdbx_validate_rmsd_angle.PDB_ins_code_3 
_pdbx_validate_rmsd_angle.label_alt_id_3 
_pdbx_validate_rmsd_angle.angle_value 
_pdbx_validate_rmsd_angle.angle_target_value 
_pdbx_validate_rmsd_angle.angle_deviation 
_pdbx_validate_rmsd_angle.angle_standard_deviation 
_pdbx_validate_rmsd_angle.linker_flag 
1  1 "O4'" A DT 1  ? ? "C1'" A DT 1  ? ? N1    A DT 1  ? ? 110.92 108.30 2.62  0.30 N 
2  1 C6    A DT 1  ? ? C5    A DT 1  ? ? C7    A DT 1  ? ? 119.28 122.90 -3.62 0.60 N 
3  1 "O4'" A DT 2  ? ? "C1'" A DT 2  ? ? N1    A DT 2  ? ? 111.12 108.30 2.82  0.30 N 
4  1 "C4'" A DG 3  ? ? "C3'" A DG 3  ? ? "C2'" A DG 3  ? ? 92.34  102.20 -9.86 0.70 N 
5  1 "C3'" A DG 3  ? ? "O3'" A DG 3  ? ? P     A DG 4  ? ? 137.29 119.70 17.59 1.20 Y 
6  1 P     A DG 4  ? ? "O5'" A DG 4  ? ? "C5'" A DG 4  ? ? 138.96 120.90 18.06 1.60 N 
7  1 N3    A DG 4  ? ? C2    A DG 4  ? ? N2    A DG 4  ? ? 125.15 119.90 5.25  0.70 N 
8  1 "C3'" A DG 4  ? ? "O3'" A DG 4  ? ? P     A DC 5  ? ? 129.34 119.70 9.64  1.20 Y 
9  1 "C4'" A DC 5  ? ? "C3'" A DC 5  ? ? "C2'" A DC 5  ? ? 97.54  102.20 -4.66 0.70 N 
10 1 "O4'" A DC 5  ? ? "C1'" A DC 5  ? ? N1    A DC 5  ? ? 111.48 108.30 3.18  0.30 N 
11 1 P     A DA 7  ? ? "O5'" A DA 7  ? ? "C5'" A DA 7  ? ? 131.88 120.90 10.98 1.60 N 
12 1 "C3'" A DA 7  ? ? "O3'" A DA 7  ? ? P     A DA 8  ? ? 135.84 119.70 16.14 1.20 Y 
13 1 "O4'" B DT 11 ? ? "C1'" B DT 11 ? ? N1    B DT 11 ? ? 110.97 108.30 2.67  0.30 N 
14 1 C6    B DT 11 ? ? C5    B DT 11 ? ? C7    B DT 11 ? ? 119.19 122.90 -3.71 0.60 N 
15 1 "O4'" B DT 12 ? ? "C1'" B DT 12 ? ? N1    B DT 12 ? ? 111.18 108.30 2.88  0.30 N 
16 1 P     B DG 13 ? ? "O5'" B DG 13 ? ? "C5'" B DG 13 ? ? 130.79 120.90 9.89  1.60 N 
17 1 "C4'" B DG 13 ? ? "C3'" B DG 13 ? ? "C2'" B DG 13 ? ? 92.36  102.20 -9.84 0.70 N 
18 1 "C3'" B DG 13 ? ? "O3'" B DG 13 ? ? P     B DG 14 ? ? 136.97 119.70 17.27 1.20 Y 
19 1 P     B DG 14 ? ? "O5'" B DG 14 ? ? "C5'" B DG 14 ? ? 138.49 120.90 17.59 1.60 N 
20 1 N3    B DG 14 ? ? C2    B DG 14 ? ? N2    B DG 14 ? ? 125.53 119.90 5.63  0.70 N 
21 1 "C3'" B DG 14 ? ? "O3'" B DG 14 ? ? P     B DC 15 ? ? 128.31 119.70 8.61  1.20 Y 
22 1 "C4'" B DC 15 ? ? "C3'" B DC 15 ? ? "C2'" B DC 15 ? ? 96.92  102.20 -5.28 0.70 N 
23 1 "O4'" B DC 15 ? ? "C1'" B DC 15 ? ? N1    B DC 15 ? ? 111.58 108.30 3.28  0.30 N 
24 1 "O4'" B DC 16 ? ? "C1'" B DC 16 ? ? N1    B DC 16 ? ? 110.56 108.30 2.26  0.30 N 
25 1 "C3'" B DA 17 ? ? "O3'" B DA 17 ? ? P     B DA 18 ? ? 135.78 119.70 16.08 1.20 Y 
# 
loop_
_pdbx_validate_chiral.id 
_pdbx_validate_chiral.PDB_model_num 
_pdbx_validate_chiral.auth_atom_id 
_pdbx_validate_chiral.label_alt_id 
_pdbx_validate_chiral.auth_asym_id 
_pdbx_validate_chiral.auth_comp_id 
_pdbx_validate_chiral.auth_seq_id 
_pdbx_validate_chiral.PDB_ins_code 
_pdbx_validate_chiral.details 
_pdbx_validate_chiral.omega 
1 1 "C3'" ? A DA  8  ? 'WRONG HAND' . 
2 1 "C3'" ? B DA  18 ? 'WRONG HAND' . 
3 1 "C1'" ? A CPH 33 ? PLANAR       . 
# 
loop_
_pdbx_validate_planes.id 
_pdbx_validate_planes.PDB_model_num 
_pdbx_validate_planes.auth_comp_id 
_pdbx_validate_planes.auth_asym_id 
_pdbx_validate_planes.auth_seq_id 
_pdbx_validate_planes.PDB_ins_code 
_pdbx_validate_planes.label_alt_id 
_pdbx_validate_planes.rmsd 
_pdbx_validate_planes.type 
1 1 DT A 2  ? ? 0.096 'SIDE CHAIN' 
2 1 DA A 7  ? ? 0.078 'SIDE CHAIN' 
3 1 DT B 12 ? ? 0.097 'SIDE CHAIN' 
4 1 DG B 14 ? ? 0.057 'SIDE CHAIN' 
# 
_pdbx_nmr_ensemble.entry_id                                      1EKI 
_pdbx_nmr_ensemble.conformers_calculated_total_number            1 
_pdbx_nmr_ensemble.conformers_submitted_total_number             1 
_pdbx_nmr_ensemble.conformer_selection_criteria                  'average structure' 
_pdbx_nmr_ensemble.average_constraints_per_residue               ? 
_pdbx_nmr_ensemble.average_constraint_violations_per_residue     ? 
_pdbx_nmr_ensemble.maximum_distance_constraint_violation         ? 
_pdbx_nmr_ensemble.average_distance_constraint_violation         ? 
_pdbx_nmr_ensemble.maximum_upper_distance_constraint_violation   ? 
_pdbx_nmr_ensemble.maximum_lower_distance_constraint_violation   ? 
_pdbx_nmr_ensemble.distance_constraint_violation_method          ? 
_pdbx_nmr_ensemble.maximum_torsion_angle_constraint_violation    ? 
_pdbx_nmr_ensemble.average_torsion_angle_constraint_violation    ? 
_pdbx_nmr_ensemble.torsion_angle_constraint_violation_method     ? 
# 
_pdbx_nmr_representative.entry_id             1EKI 
_pdbx_nmr_representative.conformer_id         1 
_pdbx_nmr_representative.selection_criteria   'minimized average structure' 
# 
_pdbx_nmr_sample_details.solution_id      1 
_pdbx_nmr_sample_details.contents         '2mM DNA-drug complex, 25 degrees C, in buffer (100mM NaCl, 10mM Na borate), final PH 6.' 
_pdbx_nmr_sample_details.solvent_system   '90% H2O/10% D2O' 
# 
_pdbx_nmr_exptl_sample_conditions.conditions_id       1 
_pdbx_nmr_exptl_sample_conditions.temperature         298 
_pdbx_nmr_exptl_sample_conditions.pressure            1 
_pdbx_nmr_exptl_sample_conditions.pH                  6 
_pdbx_nmr_exptl_sample_conditions.ionic_strength      110mM 
_pdbx_nmr_exptl_sample_conditions.pressure_units      atm 
_pdbx_nmr_exptl_sample_conditions.temperature_units   K 
# 
loop_
_pdbx_nmr_exptl.experiment_id 
_pdbx_nmr_exptl.conditions_id 
_pdbx_nmr_exptl.solution_id 
_pdbx_nmr_exptl.type 
1 1 1 '2D NOESY'    
2 1 1 '13C-1H HMQC' 
# 
_pdbx_nmr_details.entry_id   1EKI 
_pdbx_nmr_details.text       
'This structure was determined using standard 2D homonuclear techniques as well as 2D 13C-1H heteronuclear correlation' 
# 
_pdbx_nmr_refine.entry_id           1EKI 
_pdbx_nmr_refine.method             'simulated annealing' 
_pdbx_nmr_refine.details            
;molecular dynamics, isolated spin-pair approximation for NOE's; pseudocontact shift refinement
;
_pdbx_nmr_refine.software_ordinal   1 
# 
loop_
_pdbx_nmr_software.name 
_pdbx_nmr_software.version 
_pdbx_nmr_software.classification 
_pdbx_nmr_software.authors 
_pdbx_nmr_software.ordinal 
NMRPipe 1.7          processing      'DeLaglio and Bax'                 1 
Sparky  3.0          'data analysis' 'Kneller and Goddard'              2 
X-PLOR  '3.0, 3.851' refinement      'Brunger (modified Gochin and Tu)' 3 
Felix   2.1          'data analysis' Biosym                             4 
# 
loop_
_chem_comp_atom.comp_id 
_chem_comp_atom.atom_id 
_chem_comp_atom.type_symbol 
_chem_comp_atom.pdbx_aromatic_flag 
_chem_comp_atom.pdbx_stereo_config 
_chem_comp_atom.pdbx_ordinal 
1GL O1     O  N N 1   
1GL C1     C  N S 2   
1GL C2     C  N N 3   
1GL C3     C  N R 4   
1GL O3     O  N N 5   
1GL C4     C  N R 6   
1GL O4     O  N N 7   
1GL CME    C  N N 8   
1GL C5     C  N R 9   
1GL O5     O  N N 10  
1GL C6     C  N N 11  
1GL HO1    H  N N 12  
1GL H1     H  N N 13  
1GL H2     H  N N 14  
1GL H22    H  N N 15  
1GL H3     H  N N 16  
1GL HO3    H  N N 17  
1GL H4     H  N N 18  
1GL HM41   H  N N 19  
1GL HM42   H  N N 20  
1GL HM43   H  N N 21  
1GL H5     H  N N 22  
1GL H61    H  N N 23  
1GL H62    H  N N 24  
1GL H63    H  N N 25  
2GL O5     O  N N 26  
2GL C1     C  N R 27  
2GL C2     C  N N 28  
2GL C3     C  N R 29  
2GL O3     O  N N 30  
2GL C4     C  N R 31  
2GL O4     O  N N 32  
2GL CME    C  N N 33  
2GL CO4    C  N N 34  
2GL OC4    O  N N 35  
2GL C5     C  N R 36  
2GL O1     O  N N 37  
2GL C6     C  N N 38  
2GL HO1    H  N N 39  
2GL H1     H  N N 40  
2GL H2     H  N N 41  
2GL H22    H  N N 42  
2GL H3     H  N N 43  
2GL HO3    H  N N 44  
2GL H4     H  N N 45  
2GL HM41   H  N N 46  
2GL HM42   H  N N 47  
2GL HM43   H  N N 48  
2GL H5     H  N N 49  
2GL H61    H  N N 50  
2GL H62    H  N N 51  
2GL H63    H  N N 52  
CO  CO     CO N N 53  
CPH C1     C  N N 54  
CPH O1     O  N N 55  
CPH C2     C  N S 56  
CPH C3     C  N R 57  
CPH C4     C  N N 58  
CPH C5     C  Y N 59  
CPH C6     C  Y N 60  
CPH C7     C  Y N 61  
CPH C8     C  Y N 62  
CPH O8     O  N N 63  
CPH C9     C  Y N 64  
CPH O9     O  N N 65  
CPH "C1'"  C  N S 66  
CPH "O1'"  O  N N 67  
CPH C10    C  Y N 68  
CPH "C2'"  C  N N 69  
CPH "O2'"  O  N N 70  
CPH "C3'"  C  N S 71  
CPH "O3'"  O  N N 72  
CPH "C4'"  C  N R 73  
CPH "O4'"  O  N N 74  
CPH C4A    C  Y N 75  
CPH "C5'"  C  N N 76  
CPH C5A    C  Y N 77  
CPH C8A    C  Y N 78  
CPH C9A    C  Y N 79  
CPH CC7    C  N N 80  
CPH O6     O  N N 81  
CPH O2     O  N N 82  
CPH CME    C  N N 83  
CPH H2     H  N N 84  
CPH H3     H  N N 85  
CPH H4     H  N N 86  
CPH H4A    H  N N 87  
CPH H5     H  N N 88  
CPH HO8    H  N N 89  
CPH HO9    H  N N 90  
CPH "H1'"  H  N N 91  
CPH H10    H  N N 92  
CPH "H3'"  H  N N 93  
CPH "HO3'" H  N N 94  
CPH "H4'"  H  N N 95  
CPH "HO4'" H  N N 96  
CPH "H5'"  H  N N 97  
CPH "H5'A" H  N N 98  
CPH "H5'B" H  N N 99  
CPH HC7    H  N N 100 
CPH HC7A   H  N N 101 
CPH HC7B   H  N N 102 
CPH HO6    H  N N 103 
CPH HO2    H  N N 104 
CPH HME    H  N N 105 
CPH HMEA   H  N N 106 
CPH HMEB   H  N N 107 
DA  OP3    O  N N 108 
DA  P      P  N N 109 
DA  OP1    O  N N 110 
DA  OP2    O  N N 111 
DA  "O5'"  O  N N 112 
DA  "C5'"  C  N N 113 
DA  "C4'"  C  N R 114 
DA  "O4'"  O  N N 115 
DA  "C3'"  C  N S 116 
DA  "O3'"  O  N N 117 
DA  "C2'"  C  N N 118 
DA  "C1'"  C  N R 119 
DA  N9     N  Y N 120 
DA  C8     C  Y N 121 
DA  N7     N  Y N 122 
DA  C5     C  Y N 123 
DA  C6     C  Y N 124 
DA  N6     N  N N 125 
DA  N1     N  Y N 126 
DA  C2     C  Y N 127 
DA  N3     N  Y N 128 
DA  C4     C  Y N 129 
DA  HOP3   H  N N 130 
DA  HOP2   H  N N 131 
DA  "H5'"  H  N N 132 
DA  "H5''" H  N N 133 
DA  "H4'"  H  N N 134 
DA  "H3'"  H  N N 135 
DA  "HO3'" H  N N 136 
DA  "H2'"  H  N N 137 
DA  "H2''" H  N N 138 
DA  "H1'"  H  N N 139 
DA  H8     H  N N 140 
DA  H61    H  N N 141 
DA  H62    H  N N 142 
DA  H2     H  N N 143 
DC  OP3    O  N N 144 
DC  P      P  N N 145 
DC  OP1    O  N N 146 
DC  OP2    O  N N 147 
DC  "O5'"  O  N N 148 
DC  "C5'"  C  N N 149 
DC  "C4'"  C  N R 150 
DC  "O4'"  O  N N 151 
DC  "C3'"  C  N S 152 
DC  "O3'"  O  N N 153 
DC  "C2'"  C  N N 154 
DC  "C1'"  C  N R 155 
DC  N1     N  N N 156 
DC  C2     C  N N 157 
DC  O2     O  N N 158 
DC  N3     N  N N 159 
DC  C4     C  N N 160 
DC  N4     N  N N 161 
DC  C5     C  N N 162 
DC  C6     C  N N 163 
DC  HOP3   H  N N 164 
DC  HOP2   H  N N 165 
DC  "H5'"  H  N N 166 
DC  "H5''" H  N N 167 
DC  "H4'"  H  N N 168 
DC  "H3'"  H  N N 169 
DC  "HO3'" H  N N 170 
DC  "H2'"  H  N N 171 
DC  "H2''" H  N N 172 
DC  "H1'"  H  N N 173 
DC  H41    H  N N 174 
DC  H42    H  N N 175 
DC  H5     H  N N 176 
DC  H6     H  N N 177 
DDA C1     C  N R 178 
DDA C2     C  N N 179 
DDA C3     C  N R 180 
DDA C4     C  N S 181 
DDA C5     C  N R 182 
DDA C6     C  N N 183 
DDA O5     O  N N 184 
DDA O1     O  N N 185 
DDA O3     O  N N 186 
DDA O4     O  N N 187 
DDA H1     H  N N 188 
DDA H21    H  N N 189 
DDA H22    H  N N 190 
DDA H3     H  N N 191 
DDA H4     H  N N 192 
DDA H5     H  N N 193 
DDA H61    H  N N 194 
DDA H62    H  N N 195 
DDA H63    H  N N 196 
DDA HO1    H  N N 197 
DDA HO3    H  N N 198 
DDA HO4    H  N N 199 
DG  OP3    O  N N 200 
DG  P      P  N N 201 
DG  OP1    O  N N 202 
DG  OP2    O  N N 203 
DG  "O5'"  O  N N 204 
DG  "C5'"  C  N N 205 
DG  "C4'"  C  N R 206 
DG  "O4'"  O  N N 207 
DG  "C3'"  C  N S 208 
DG  "O3'"  O  N N 209 
DG  "C2'"  C  N N 210 
DG  "C1'"  C  N R 211 
DG  N9     N  Y N 212 
DG  C8     C  Y N 213 
DG  N7     N  Y N 214 
DG  C5     C  Y N 215 
DG  C6     C  N N 216 
DG  O6     O  N N 217 
DG  N1     N  N N 218 
DG  C2     C  N N 219 
DG  N2     N  N N 220 
DG  N3     N  N N 221 
DG  C4     C  Y N 222 
DG  HOP3   H  N N 223 
DG  HOP2   H  N N 224 
DG  "H5'"  H  N N 225 
DG  "H5''" H  N N 226 
DG  "H4'"  H  N N 227 
DG  "H3'"  H  N N 228 
DG  "HO3'" H  N N 229 
DG  "H2'"  H  N N 230 
DG  "H2''" H  N N 231 
DG  "H1'"  H  N N 232 
DG  H8     H  N N 233 
DG  H1     H  N N 234 
DG  H21    H  N N 235 
DG  H22    H  N N 236 
DT  OP3    O  N N 237 
DT  P      P  N N 238 
DT  OP1    O  N N 239 
DT  OP2    O  N N 240 
DT  "O5'"  O  N N 241 
DT  "C5'"  C  N N 242 
DT  "C4'"  C  N R 243 
DT  "O4'"  O  N N 244 
DT  "C3'"  C  N S 245 
DT  "O3'"  O  N N 246 
DT  "C2'"  C  N N 247 
DT  "C1'"  C  N R 248 
DT  N1     N  N N 249 
DT  C2     C  N N 250 
DT  O2     O  N N 251 
DT  N3     N  N N 252 
DT  C4     C  N N 253 
DT  O4     O  N N 254 
DT  C5     C  N N 255 
DT  C7     C  N N 256 
DT  C6     C  N N 257 
DT  HOP3   H  N N 258 
DT  HOP2   H  N N 259 
DT  "H5'"  H  N N 260 
DT  "H5''" H  N N 261 
DT  "H4'"  H  N N 262 
DT  "H3'"  H  N N 263 
DT  "HO3'" H  N N 264 
DT  "H2'"  H  N N 265 
DT  "H2''" H  N N 266 
DT  "H1'"  H  N N 267 
DT  H3     H  N N 268 
DT  H71    H  N N 269 
DT  H72    H  N N 270 
DT  H73    H  N N 271 
DT  H6     H  N N 272 
ERI O1     O  N N 273 
ERI C1     C  N R 274 
ERI C2     C  N N 275 
ERI C3     C  N S 276 
ERI O3     O  N N 277 
ERI CC3    C  N N 278 
ERI C4     C  N S 279 
ERI O4     O  N N 280 
ERI CME    C  N N 281 
ERI CO4    C  N N 282 
ERI OC4    O  N N 283 
ERI C5     C  N S 284 
ERI O5     O  N N 285 
ERI C6     C  N N 286 
ERI HO1    H  N N 287 
ERI H1     H  N N 288 
ERI H21    H  N N 289 
ERI H22    H  N N 290 
ERI HO3    H  N N 291 
ERI H31    H  N N 292 
ERI H32    H  N N 293 
ERI H33    H  N N 294 
ERI H4     H  N N 295 
ERI H41    H  N N 296 
ERI H42    H  N N 297 
ERI H43    H  N N 298 
ERI H5     H  N N 299 
ERI H61    H  N N 300 
ERI H62    H  N N 301 
ERI H63    H  N N 302 
# 
loop_
_chem_comp_bond.comp_id 
_chem_comp_bond.atom_id_1 
_chem_comp_bond.atom_id_2 
_chem_comp_bond.value_order 
_chem_comp_bond.pdbx_aromatic_flag 
_chem_comp_bond.pdbx_stereo_config 
_chem_comp_bond.pdbx_ordinal 
1GL O1    C1     sing N N 1   
1GL O1    HO1    sing N N 2   
1GL C1    C2     sing N N 3   
1GL C1    O5     sing N N 4   
1GL C1    H1     sing N N 5   
1GL C2    C3     sing N N 6   
1GL C2    H2     sing N N 7   
1GL C2    H22    sing N N 8   
1GL C3    O3     sing N N 9   
1GL C3    C4     sing N N 10  
1GL C3    H3     sing N N 11  
1GL O3    HO3    sing N N 12  
1GL C4    O4     sing N N 13  
1GL C4    C5     sing N N 14  
1GL C4    H4     sing N N 15  
1GL O4    CME    sing N N 16  
1GL CME   HM41   sing N N 17  
1GL CME   HM42   sing N N 18  
1GL CME   HM43   sing N N 19  
1GL C5    O5     sing N N 20  
1GL C5    C6     sing N N 21  
1GL C5    H5     sing N N 22  
1GL C6    H61    sing N N 23  
1GL C6    H62    sing N N 24  
1GL C6    H63    sing N N 25  
2GL O5    C1     sing N N 26  
2GL O1    HO1    sing N N 27  
2GL C1    C2     sing N N 28  
2GL C1    O1     sing N N 29  
2GL C1    H1     sing N N 30  
2GL C2    C3     sing N N 31  
2GL C2    H2     sing N N 32  
2GL C2    H22    sing N N 33  
2GL C3    O3     sing N N 34  
2GL C3    C4     sing N N 35  
2GL C3    H3     sing N N 36  
2GL O3    HO3    sing N N 37  
2GL C4    O4     sing N N 38  
2GL C4    C5     sing N N 39  
2GL C4    H4     sing N N 40  
2GL O4    CO4    sing N N 41  
2GL CME   CO4    sing N N 42  
2GL CME   HM41   sing N N 43  
2GL CME   HM42   sing N N 44  
2GL CME   HM43   sing N N 45  
2GL CO4   OC4    doub N N 46  
2GL C5    O5     sing N N 47  
2GL C5    C6     sing N N 48  
2GL C5    H5     sing N N 49  
2GL C6    H61    sing N N 50  
2GL C6    H62    sing N N 51  
2GL C6    H63    sing N N 52  
CPH O1    C1     doub N N 53  
CPH C9A   C1     sing N N 54  
CPH C1    C2     sing N N 55  
CPH C2    O2     sing N N 56  
CPH C2    C3     sing N N 57  
CPH C2    H2     sing N N 58  
CPH C3    C4     sing N N 59  
CPH C3    "C1'"  sing N N 60  
CPH C3    H3     sing N N 61  
CPH C4A   C4     sing N N 62  
CPH C4    H4     sing N N 63  
CPH C4    H4A    sing N N 64  
CPH C6    C5     doub Y N 65  
CPH C5    C5A    sing Y N 66  
CPH C5    H5     sing N N 67  
CPH C7    C6     sing Y N 68  
CPH O6    C6     sing N N 69  
CPH CC7   C7     sing N N 70  
CPH C7    C8     doub Y N 71  
CPH O8    C8     sing N N 72  
CPH C8    C8A    sing Y N 73  
CPH O8    HO8    sing N N 74  
CPH O9    C9     sing N N 75  
CPH C8A   C9     doub Y N 76  
CPH C9    C9A    sing Y N 77  
CPH O9    HO9    sing N N 78  
CPH "C2'" "C1'"  sing N N 79  
CPH "C1'" "O1'"  sing N N 80  
CPH "C1'" "H1'"  sing N N 81  
CPH "O1'" CME    sing N N 82  
CPH C5A   C10    doub Y N 83  
CPH C10   C4A    sing Y N 84  
CPH C10   H10    sing N N 85  
CPH "O2'" "C2'"  doub N N 86  
CPH "C2'" "C3'"  sing N N 87  
CPH "O3'" "C3'"  sing N N 88  
CPH "C3'" "C4'"  sing N N 89  
CPH "C3'" "H3'"  sing N N 90  
CPH "O3'" "HO3'" sing N N 91  
CPH "O4'" "C4'"  sing N N 92  
CPH "C4'" "C5'"  sing N N 93  
CPH "C4'" "H4'"  sing N N 94  
CPH "O4'" "HO4'" sing N N 95  
CPH C9A   C4A    doub Y N 96  
CPH "C5'" "H5'"  sing N N 97  
CPH "C5'" "H5'A" sing N N 98  
CPH "C5'" "H5'B" sing N N 99  
CPH C8A   C5A    sing Y N 100 
CPH CC7   HC7    sing N N 101 
CPH CC7   HC7A   sing N N 102 
CPH CC7   HC7B   sing N N 103 
CPH O6    HO6    sing N N 104 
CPH O2    HO2    sing N N 105 
CPH CME   HME    sing N N 106 
CPH CME   HMEA   sing N N 107 
CPH CME   HMEB   sing N N 108 
DA  OP3   P      sing N N 109 
DA  OP3   HOP3   sing N N 110 
DA  P     OP1    doub N N 111 
DA  P     OP2    sing N N 112 
DA  P     "O5'"  sing N N 113 
DA  OP2   HOP2   sing N N 114 
DA  "O5'" "C5'"  sing N N 115 
DA  "C5'" "C4'"  sing N N 116 
DA  "C5'" "H5'"  sing N N 117 
DA  "C5'" "H5''" sing N N 118 
DA  "C4'" "O4'"  sing N N 119 
DA  "C4'" "C3'"  sing N N 120 
DA  "C4'" "H4'"  sing N N 121 
DA  "O4'" "C1'"  sing N N 122 
DA  "C3'" "O3'"  sing N N 123 
DA  "C3'" "C2'"  sing N N 124 
DA  "C3'" "H3'"  sing N N 125 
DA  "O3'" "HO3'" sing N N 126 
DA  "C2'" "C1'"  sing N N 127 
DA  "C2'" "H2'"  sing N N 128 
DA  "C2'" "H2''" sing N N 129 
DA  "C1'" N9     sing N N 130 
DA  "C1'" "H1'"  sing N N 131 
DA  N9    C8     sing Y N 132 
DA  N9    C4     sing Y N 133 
DA  C8    N7     doub Y N 134 
DA  C8    H8     sing N N 135 
DA  N7    C5     sing Y N 136 
DA  C5    C6     sing Y N 137 
DA  C5    C4     doub Y N 138 
DA  C6    N6     sing N N 139 
DA  C6    N1     doub Y N 140 
DA  N6    H61    sing N N 141 
DA  N6    H62    sing N N 142 
DA  N1    C2     sing Y N 143 
DA  C2    N3     doub Y N 144 
DA  C2    H2     sing N N 145 
DA  N3    C4     sing Y N 146 
DC  OP3   P      sing N N 147 
DC  OP3   HOP3   sing N N 148 
DC  P     OP1    doub N N 149 
DC  P     OP2    sing N N 150 
DC  P     "O5'"  sing N N 151 
DC  OP2   HOP2   sing N N 152 
DC  "O5'" "C5'"  sing N N 153 
DC  "C5'" "C4'"  sing N N 154 
DC  "C5'" "H5'"  sing N N 155 
DC  "C5'" "H5''" sing N N 156 
DC  "C4'" "O4'"  sing N N 157 
DC  "C4'" "C3'"  sing N N 158 
DC  "C4'" "H4'"  sing N N 159 
DC  "O4'" "C1'"  sing N N 160 
DC  "C3'" "O3'"  sing N N 161 
DC  "C3'" "C2'"  sing N N 162 
DC  "C3'" "H3'"  sing N N 163 
DC  "O3'" "HO3'" sing N N 164 
DC  "C2'" "C1'"  sing N N 165 
DC  "C2'" "H2'"  sing N N 166 
DC  "C2'" "H2''" sing N N 167 
DC  "C1'" N1     sing N N 168 
DC  "C1'" "H1'"  sing N N 169 
DC  N1    C2     sing N N 170 
DC  N1    C6     sing N N 171 
DC  C2    O2     doub N N 172 
DC  C2    N3     sing N N 173 
DC  N3    C4     doub N N 174 
DC  C4    N4     sing N N 175 
DC  C4    C5     sing N N 176 
DC  N4    H41    sing N N 177 
DC  N4    H42    sing N N 178 
DC  C5    C6     doub N N 179 
DC  C5    H5     sing N N 180 
DC  C6    H6     sing N N 181 
DDA C1    C2     sing N N 182 
DDA C1    O5     sing N N 183 
DDA C1    O1     sing N N 184 
DDA C1    H1     sing N N 185 
DDA C2    C3     sing N N 186 
DDA C2    H21    sing N N 187 
DDA C2    H22    sing N N 188 
DDA C3    C4     sing N N 189 
DDA C3    O3     sing N N 190 
DDA C3    H3     sing N N 191 
DDA C4    C5     sing N N 192 
DDA C4    O4     sing N N 193 
DDA C4    H4     sing N N 194 
DDA C5    C6     sing N N 195 
DDA C5    O5     sing N N 196 
DDA C5    H5     sing N N 197 
DDA C6    H61    sing N N 198 
DDA C6    H62    sing N N 199 
DDA C6    H63    sing N N 200 
DDA O1    HO1    sing N N 201 
DDA O3    HO3    sing N N 202 
DDA O4    HO4    sing N N 203 
DG  OP3   P      sing N N 204 
DG  OP3   HOP3   sing N N 205 
DG  P     OP1    doub N N 206 
DG  P     OP2    sing N N 207 
DG  P     "O5'"  sing N N 208 
DG  OP2   HOP2   sing N N 209 
DG  "O5'" "C5'"  sing N N 210 
DG  "C5'" "C4'"  sing N N 211 
DG  "C5'" "H5'"  sing N N 212 
DG  "C5'" "H5''" sing N N 213 
DG  "C4'" "O4'"  sing N N 214 
DG  "C4'" "C3'"  sing N N 215 
DG  "C4'" "H4'"  sing N N 216 
DG  "O4'" "C1'"  sing N N 217 
DG  "C3'" "O3'"  sing N N 218 
DG  "C3'" "C2'"  sing N N 219 
DG  "C3'" "H3'"  sing N N 220 
DG  "O3'" "HO3'" sing N N 221 
DG  "C2'" "C1'"  sing N N 222 
DG  "C2'" "H2'"  sing N N 223 
DG  "C2'" "H2''" sing N N 224 
DG  "C1'" N9     sing N N 225 
DG  "C1'" "H1'"  sing N N 226 
DG  N9    C8     sing Y N 227 
DG  N9    C4     sing Y N 228 
DG  C8    N7     doub Y N 229 
DG  C8    H8     sing N N 230 
DG  N7    C5     sing Y N 231 
DG  C5    C6     sing N N 232 
DG  C5    C4     doub Y N 233 
DG  C6    O6     doub N N 234 
DG  C6    N1     sing N N 235 
DG  N1    C2     sing N N 236 
DG  N1    H1     sing N N 237 
DG  C2    N2     sing N N 238 
DG  C2    N3     doub N N 239 
DG  N2    H21    sing N N 240 
DG  N2    H22    sing N N 241 
DG  N3    C4     sing N N 242 
DT  OP3   P      sing N N 243 
DT  OP3   HOP3   sing N N 244 
DT  P     OP1    doub N N 245 
DT  P     OP2    sing N N 246 
DT  P     "O5'"  sing N N 247 
DT  OP2   HOP2   sing N N 248 
DT  "O5'" "C5'"  sing N N 249 
DT  "C5'" "C4'"  sing N N 250 
DT  "C5'" "H5'"  sing N N 251 
DT  "C5'" "H5''" sing N N 252 
DT  "C4'" "O4'"  sing N N 253 
DT  "C4'" "C3'"  sing N N 254 
DT  "C4'" "H4'"  sing N N 255 
DT  "O4'" "C1'"  sing N N 256 
DT  "C3'" "O3'"  sing N N 257 
DT  "C3'" "C2'"  sing N N 258 
DT  "C3'" "H3'"  sing N N 259 
DT  "O3'" "HO3'" sing N N 260 
DT  "C2'" "C1'"  sing N N 261 
DT  "C2'" "H2'"  sing N N 262 
DT  "C2'" "H2''" sing N N 263 
DT  "C1'" N1     sing N N 264 
DT  "C1'" "H1'"  sing N N 265 
DT  N1    C2     sing N N 266 
DT  N1    C6     sing N N 267 
DT  C2    O2     doub N N 268 
DT  C2    N3     sing N N 269 
DT  N3    C4     sing N N 270 
DT  N3    H3     sing N N 271 
DT  C4    O4     doub N N 272 
DT  C4    C5     sing N N 273 
DT  C5    C7     sing N N 274 
DT  C5    C6     doub N N 275 
DT  C7    H71    sing N N 276 
DT  C7    H72    sing N N 277 
DT  C7    H73    sing N N 278 
DT  C6    H6     sing N N 279 
ERI O1    C1     sing N N 280 
ERI O1    HO1    sing N N 281 
ERI C1    C2     sing N N 282 
ERI C1    O5     sing N N 283 
ERI C1    H1     sing N N 284 
ERI C2    C3     sing N N 285 
ERI C2    H21    sing N N 286 
ERI C2    H22    sing N N 287 
ERI C3    O3     sing N N 288 
ERI C3    CC3    sing N N 289 
ERI C3    C4     sing N N 290 
ERI O3    HO3    sing N N 291 
ERI CC3   H31    sing N N 292 
ERI CC3   H32    sing N N 293 
ERI CC3   H33    sing N N 294 
ERI C4    O4     sing N N 295 
ERI C4    C5     sing N N 296 
ERI C4    H4     sing N N 297 
ERI O4    CO4    sing N N 298 
ERI CME   CO4    sing N N 299 
ERI CME   H41    sing N N 300 
ERI CME   H42    sing N N 301 
ERI CME   H43    sing N N 302 
ERI CO4   OC4    doub N N 303 
ERI C5    O5     sing N N 304 
ERI C5    C6     sing N N 305 
ERI C5    H5     sing N N 306 
ERI C6    H61    sing N N 307 
ERI C6    H62    sing N N 308 
ERI C6    H63    sing N N 309 
# 
loop_
_ndb_struct_conf_na.entry_id 
_ndb_struct_conf_na.feature 
1EKI 'double helix'        
1EKI 'a-form double helix' 
# 
loop_
_ndb_struct_na_base_pair.model_number 
_ndb_struct_na_base_pair.i_label_asym_id 
_ndb_struct_na_base_pair.i_label_comp_id 
_ndb_struct_na_base_pair.i_label_seq_id 
_ndb_struct_na_base_pair.i_symmetry 
_ndb_struct_na_base_pair.j_label_asym_id 
_ndb_struct_na_base_pair.j_label_comp_id 
_ndb_struct_na_base_pair.j_label_seq_id 
_ndb_struct_na_base_pair.j_symmetry 
_ndb_struct_na_base_pair.shear 
_ndb_struct_na_base_pair.stretch 
_ndb_struct_na_base_pair.stagger 
_ndb_struct_na_base_pair.buckle 
_ndb_struct_na_base_pair.propeller 
_ndb_struct_na_base_pair.opening 
_ndb_struct_na_base_pair.pair_number 
_ndb_struct_na_base_pair.pair_name 
_ndb_struct_na_base_pair.i_auth_asym_id 
_ndb_struct_na_base_pair.i_auth_seq_id 
_ndb_struct_na_base_pair.i_PDB_ins_code 
_ndb_struct_na_base_pair.j_auth_asym_id 
_ndb_struct_na_base_pair.j_auth_seq_id 
_ndb_struct_na_base_pair.j_PDB_ins_code 
_ndb_struct_na_base_pair.hbond_type_28 
_ndb_struct_na_base_pair.hbond_type_12 
1 A DT 1 1_555 B DA 8 1_555 0.142  -0.108 -0.228 3.476  -24.133 8.528  1 A_DT1:DA18_B A 1 ? B 18 ? 20 1 
1 A DT 2 1_555 B DA 7 1_555 -0.011 -0.050 -0.267 -3.134 -18.262 -5.318 2 A_DT2:DA17_B A 2 ? B 17 ? 20 1 
1 A DG 3 1_555 B DC 6 1_555 -0.111 -0.037 -0.011 -5.234 -9.137  5.134  3 A_DG3:DC16_B A 3 ? B 16 ? 19 1 
1 A DG 4 1_555 B DC 5 1_555 0.073  -0.289 0.630  -1.693 -22.407 -4.561 4 A_DG4:DC15_B A 4 ? B 15 ? 19 1 
1 A DC 5 1_555 B DG 4 1_555 -0.080 -0.240 0.508  3.870  -19.872 -4.124 5 A_DC5:DG14_B A 5 ? B 14 ? 19 1 
1 A DC 6 1_555 B DG 3 1_555 0.885  -0.100 -0.185 4.498  -12.092 11.361 6 A_DC6:DG13_B A 6 ? B 13 ? 19 1 
1 A DA 7 1_555 B DT 2 1_555 0.099  -0.036 -0.179 5.335  -16.053 -5.143 7 A_DA7:DT12_B A 7 ? B 12 ? 20 1 
1 A DA 8 1_555 B DT 1 1_555 -0.225 -0.107 -0.135 0.591  -24.079 9.683  8 A_DA8:DT11_B A 8 ? B 11 ? 20 1 
# 
loop_
_ndb_struct_na_base_pair_step.model_number 
_ndb_struct_na_base_pair_step.i_label_asym_id_1 
_ndb_struct_na_base_pair_step.i_label_comp_id_1 
_ndb_struct_na_base_pair_step.i_label_seq_id_1 
_ndb_struct_na_base_pair_step.i_symmetry_1 
_ndb_struct_na_base_pair_step.j_label_asym_id_1 
_ndb_struct_na_base_pair_step.j_label_comp_id_1 
_ndb_struct_na_base_pair_step.j_label_seq_id_1 
_ndb_struct_na_base_pair_step.j_symmetry_1 
_ndb_struct_na_base_pair_step.i_label_asym_id_2 
_ndb_struct_na_base_pair_step.i_label_comp_id_2 
_ndb_struct_na_base_pair_step.i_label_seq_id_2 
_ndb_struct_na_base_pair_step.i_symmetry_2 
_ndb_struct_na_base_pair_step.j_label_asym_id_2 
_ndb_struct_na_base_pair_step.j_label_comp_id_2 
_ndb_struct_na_base_pair_step.j_label_seq_id_2 
_ndb_struct_na_base_pair_step.j_symmetry_2 
_ndb_struct_na_base_pair_step.shift 
_ndb_struct_na_base_pair_step.slide 
_ndb_struct_na_base_pair_step.rise 
_ndb_struct_na_base_pair_step.tilt 
_ndb_struct_na_base_pair_step.roll 
_ndb_struct_na_base_pair_step.twist 
_ndb_struct_na_base_pair_step.x_displacement 
_ndb_struct_na_base_pair_step.y_displacement 
_ndb_struct_na_base_pair_step.helical_rise 
_ndb_struct_na_base_pair_step.inclination 
_ndb_struct_na_base_pair_step.tip 
_ndb_struct_na_base_pair_step.helical_twist 
_ndb_struct_na_base_pair_step.step_number 
_ndb_struct_na_base_pair_step.step_name 
_ndb_struct_na_base_pair_step.i_auth_asym_id_1 
_ndb_struct_na_base_pair_step.i_auth_seq_id_1 
_ndb_struct_na_base_pair_step.i_PDB_ins_code_1 
_ndb_struct_na_base_pair_step.j_auth_asym_id_1 
_ndb_struct_na_base_pair_step.j_auth_seq_id_1 
_ndb_struct_na_base_pair_step.j_PDB_ins_code_1 
_ndb_struct_na_base_pair_step.i_auth_asym_id_2 
_ndb_struct_na_base_pair_step.i_auth_seq_id_2 
_ndb_struct_na_base_pair_step.i_PDB_ins_code_2 
_ndb_struct_na_base_pair_step.j_auth_asym_id_2 
_ndb_struct_na_base_pair_step.j_auth_seq_id_2 
_ndb_struct_na_base_pair_step.j_PDB_ins_code_2 
1 A DT 1 1_555 B DA 8 1_555 A DT 2 1_555 B DA 7 1_555 -0.206 -0.600 3.337 3.607  8.197  32.541 -2.362 0.939  3.060 14.293 -6.290 
33.718 1 AA_DT1DT2:DA17DA18_BB A 1 ? B 18 ? A 2 ? B 17 ? 
1 A DT 2 1_555 B DA 7 1_555 A DG 3 1_555 B DC 6 1_555 0.783  -0.510 3.342 -2.112 13.289 35.201 -2.506 -1.487 2.918 21.048 3.345  
37.609 2 AA_DT2DG3:DC16DA17_BB A 2 ? B 17 ? A 3 ? B 16 ? 
1 A DG 3 1_555 B DC 6 1_555 A DG 4 1_555 B DC 5 1_555 1.314  -1.645 3.253 0.547  3.753  26.681 -4.456 -2.686 3.023 8.081  -1.177 
26.945 3 AA_DG3DG4:DC15DC16_BB A 3 ? B 16 ? A 4 ? B 15 ? 
1 A DG 4 1_555 B DC 5 1_555 A DC 5 1_555 B DG 4 1_555 -0.059 -2.499 2.846 0.591  2.567  28.928 -5.455 0.226  2.617 5.126  -1.180 
29.046 4 AA_DG4DC5:DG14DC15_BB A 4 ? B 15 ? A 5 ? B 14 ? 
1 A DC 5 1_555 B DG 4 1_555 A DC 6 1_555 B DG 3 1_555 -0.992 -1.589 3.282 -0.224 2.115  28.048 -3.758 1.989  3.164 4.355  0.462  
28.127 5 AA_DC5DC6:DG13DG14_BB A 5 ? B 14 ? A 6 ? B 13 ? 
1 A DC 6 1_555 B DG 3 1_555 A DA 7 1_555 B DT 2 1_555 -1.208 -0.070 3.353 1.927  12.190 33.496 -1.910 2.257  3.071 20.314 -3.211 
35.636 6 AA_DC6DA7:DT12DG13_BB A 6 ? B 13 ? A 7 ? B 12 ? 
1 A DA 7 1_555 B DT 2 1_555 A DA 8 1_555 B DT 1 1_555 0.201  -0.655 3.274 -4.305 7.504  31.404 -2.446 -1.092 2.989 13.545 7.770  
32.545 7 AA_DA7DA8:DT11DT12_BB A 7 ? B 12 ? A 8 ? B 11 ? 
# 
loop_
_pdbx_entity_branch_list.entity_id 
_pdbx_entity_branch_list.comp_id 
_pdbx_entity_branch_list.num 
_pdbx_entity_branch_list.hetero 
2 2GL 1 n 
2 1GL 2 n 
3 DDA 1 n 
3 DDA 2 n 
3 ERI 3 n 
# 
_pdbx_nmr_spectrometer.spectrometer_id   1 
_pdbx_nmr_spectrometer.type              ? 
_pdbx_nmr_spectrometer.manufacturer      GE 
_pdbx_nmr_spectrometer.model             OMEGA 
_pdbx_nmr_spectrometer.field_strength    500 
# 
_atom_sites.entry_id                    1EKI 
_atom_sites.fract_transf_matrix[1][1]   1.000000 
_atom_sites.fract_transf_matrix[1][2]   0.000000 
_atom_sites.fract_transf_matrix[1][3]   0.000000 
_atom_sites.fract_transf_matrix[2][1]   0.000000 
_atom_sites.fract_transf_matrix[2][2]   1.000000 
_atom_sites.fract_transf_matrix[2][3]   0.000000 
_atom_sites.fract_transf_matrix[3][1]   0.000000 
_atom_sites.fract_transf_matrix[3][2]   0.000000 
_atom_sites.fract_transf_matrix[3][3]   1.000000 
_atom_sites.fract_transf_vector[1]      0.00000 
_atom_sites.fract_transf_vector[2]      0.00000 
_atom_sites.fract_transf_vector[3]      0.00000 
# 
loop_
_atom_type.symbol 
C  
CO 
H  
N  
O  
P  
# 
loop_
_atom_site.group_PDB 
_atom_site.id 
_atom_site.type_symbol 
_atom_site.label_atom_id 
_atom_site.label_alt_id 
_atom_site.label_comp_id 
_atom_site.label_asym_id 
_atom_site.label_entity_id 
_atom_site.label_seq_id 
_atom_site.pdbx_PDB_ins_code 
_atom_site.Cartn_x 
_atom_site.Cartn_y 
_atom_site.Cartn_z 
_atom_site.occupancy 
_atom_site.B_iso_or_equiv 
_atom_site.pdbx_formal_charge 
_atom_site.auth_seq_id 
_atom_site.auth_comp_id 
_atom_site.auth_asym_id 
_atom_site.auth_atom_id 
_atom_site.pdbx_PDB_model_num 
ATOM   1   O  "O5'"  . DT  A 1 1 ? 10.801  14.482  0.149   1.00 1.70 ? 1  DT  A "O5'"  1 
ATOM   2   C  "C5'"  . DT  A 1 1 ? 11.268  13.325  -0.543  1.00 1.37 ? 1  DT  A "C5'"  1 
ATOM   3   C  "C4'"  . DT  A 1 1 ? 10.535  13.159  -1.866  1.00 1.03 ? 1  DT  A "C4'"  1 
ATOM   4   O  "O4'"  . DT  A 1 1 ? 10.961  11.941  -2.547  1.00 1.01 ? 1  DT  A "O4'"  1 
ATOM   5   C  "C3'"  . DT  A 1 1 ? 9.068   12.916  -1.629  1.00 0.73 ? 1  DT  A "C3'"  1 
ATOM   6   O  "O3'"  . DT  A 1 1 ? 8.335   14.113  -1.320  1.00 0.74 ? 1  DT  A "O3'"  1 
ATOM   7   C  "C2'"  . DT  A 1 1 ? 8.685   12.362  -2.987  1.00 0.70 ? 1  DT  A "C2'"  1 
ATOM   8   C  "C1'"  . DT  A 1 1 ? 9.886   11.518  -3.388  1.00 0.82 ? 1  DT  A "C1'"  1 
ATOM   9   N  N1     . DT  A 1 1 ? 9.646   10.079  -3.248  1.00 0.76 ? 1  DT  A N1     1 
ATOM   10  C  C2     . DT  A 1 1 ? 9.439   9.300   -4.411  1.00 0.77 ? 1  DT  A C2     1 
ATOM   11  O  O2     . DT  A 1 1 ? 9.411   9.734   -5.560  1.00 0.86 ? 1  DT  A O2     1 
ATOM   12  N  N3     . DT  A 1 1 ? 9.273   7.951   -4.174  1.00 0.72 ? 1  DT  A N3     1 
ATOM   13  C  C4     . DT  A 1 1 ? 9.299   7.306   -2.951  1.00 0.65 ? 1  DT  A C4     1 
ATOM   14  O  O4     . DT  A 1 1 ? 9.231   6.076   -2.904  1.00 0.62 ? 1  DT  A O4     1 
ATOM   15  C  C5     . DT  A 1 1 ? 9.444   8.199   -1.807  1.00 0.66 ? 1  DT  A C5     1 
ATOM   16  C  C7     . DT  A 1 1 ? 9.483   7.682   -0.441  1.00 0.65 ? 1  DT  A C7     1 
ATOM   17  C  C6     . DT  A 1 1 ? 9.581   9.513   -2.012  1.00 0.72 ? 1  DT  A C6     1 
ATOM   18  H  "H5'"  . DT  A 1 1 ? 11.105  12.428  0.093   1.00 1.43 ? 1  DT  A "H5'"  1 
ATOM   19  H  "H5''" . DT  A 1 1 ? 12.359  13.426  -0.733  1.00 2.03 ? 1  DT  A "H5''" 1 
ATOM   20  H  "H4'"  . DT  A 1 1 ? 10.690  14.027  -2.543  1.00 1.18 ? 1  DT  A "H4'"  1 
ATOM   21  H  "H3'"  . DT  A 1 1 ? 8.929   12.153  -0.830  1.00 0.81 ? 1  DT  A "H3'"  1 
ATOM   22  H  "H2'"  . DT  A 1 1 ? 7.732   11.797  -2.945  1.00 0.77 ? 1  DT  A "H2'"  1 
ATOM   23  H  "H2''" . DT  A 1 1 ? 8.569   13.190  -3.706  1.00 0.86 ? 1  DT  A "H2''" 1 
ATOM   24  H  "H1'"  . DT  A 1 1 ? 10.191  11.703  -4.416  1.00 0.98 ? 1  DT  A "H1'"  1 
ATOM   25  H  H3     . DT  A 1 1 ? 9.078   7.387   -4.994  1.00 0.76 ? 1  DT  A H3     1 
ATOM   26  H  H71    . DT  A 1 1 ? 8.848   8.340   0.192   1.00 1.31 ? 1  DT  A H71    1 
ATOM   27  H  H72    . DT  A 1 1 ? 10.536  7.750   -0.093  1.00 0.95 ? 1  DT  A H72    1 
ATOM   28  H  H73    . DT  A 1 1 ? 9.118   6.639   -0.411  1.00 1.05 ? 1  DT  A H73    1 
ATOM   29  H  H6     . DT  A 1 1 ? 9.623   10.246  -1.206  1.00 0.76 ? 1  DT  A H6     1 
ATOM   30  H  "HO5'" . DT  A 1 1 ? 9.872   14.595  -0.136  1.00 1.56 ? 1  DT  A "HO5'" 1 
ATOM   31  P  P      . DT  A 1 2 ? 6.756   14.054  -1.024  1.00 0.72 ? 2  DT  A P      1 
ATOM   32  O  OP1    . DT  A 1 2 ? 6.431   15.130  -0.067  1.00 0.86 ? 2  DT  A OP1    1 
ATOM   33  O  OP2    . DT  A 1 2 ? 6.442   12.661  -0.624  1.00 0.78 ? 2  DT  A OP2    1 
ATOM   34  O  "O5'"  . DT  A 1 2 ? 6.117   14.364  -2.469  1.00 0.75 ? 2  DT  A "O5'"  1 
ATOM   35  C  "C5'"  . DT  A 1 2 ? 4.882   13.866  -3.054  1.00 0.85 ? 2  DT  A "C5'"  1 
ATOM   36  C  "C4'"  . DT  A 1 2 ? 4.986   13.550  -4.560  1.00 0.61 ? 2  DT  A "C4'"  1 
ATOM   37  O  "O4'"  . DT  A 1 2 ? 6.042   12.569  -4.854  1.00 0.47 ? 2  DT  A "O4'"  1 
ATOM   38  C  "C3'"  . DT  A 1 2 ? 3.713   12.900  -5.037  1.00 0.69 ? 2  DT  A "C3'"  1 
ATOM   39  O  "O3'"  . DT  A 1 2 ? 2.738   13.844  -5.518  1.00 0.99 ? 2  DT  A "O3'"  1 
ATOM   40  C  "C2'"  . DT  A 1 2 ? 4.181   12.010  -6.157  1.00 0.58 ? 2  DT  A "C2'"  1 
ATOM   41  C  "C1'"  . DT  A 1 2 ? 5.510   11.496  -5.626  1.00 0.43 ? 2  DT  A "C1'"  1 
ATOM   42  N  N1     . DT  A 1 2 ? 5.426   10.242  -4.818  1.00 0.37 ? 2  DT  A N1     1 
ATOM   43  C  C2     . DT  A 1 2 ? 5.397   9.023   -5.543  1.00 0.36 ? 2  DT  A C2     1 
ATOM   44  O  O2     . DT  A 1 2 ? 5.306   8.935   -6.764  1.00 0.36 ? 2  DT  A O2     1 
ATOM   45  N  N3     . DT  A 1 2 ? 5.572   7.878   -4.784  1.00 0.36 ? 2  DT  A N3     1 
ATOM   46  C  C4     . DT  A 1 2 ? 5.813   7.813   -3.420  1.00 0.38 ? 2  DT  A C4     1 
ATOM   47  O  O4     . DT  A 1 2 ? 6.097   6.730   -2.904  1.00 0.38 ? 2  DT  A O4     1 
ATOM   48  C  C5     . DT  A 1 2 ? 5.791   9.094   -2.728  1.00 0.40 ? 2  DT  A C5     1 
ATOM   49  C  C7     . DT  A 1 2 ? 6.003   9.153   -1.258  1.00 0.45 ? 2  DT  A C7     1 
ATOM   50  C  C6     . DT  A 1 2 ? 5.581   10.215  -3.438  1.00 0.40 ? 2  DT  A C6     1 
ATOM   51  H  "H5'"  . DT  A 1 2 ? 4.084   14.635  -2.934  1.00 1.16 ? 2  DT  A "H5'"  1 
ATOM   52  H  "H5''" . DT  A 1 2 ? 4.533   12.961  -2.513  1.00 1.73 ? 2  DT  A "H5''" 1 
ATOM   53  H  "H4'"  . DT  A 1 2 ? 5.172   14.456  -5.155  1.00 0.68 ? 2  DT  A "H4'"  1 
ATOM   54  H  "H3'"  . DT  A 1 2 ? 3.334   12.270  -4.227  1.00 1.28 ? 2  DT  A "H3'"  1 
ATOM   55  H  "H2'"  . DT  A 1 2 ? 3.457   11.208  -6.406  1.00 1.21 ? 2  DT  A "H2'"  1 
ATOM   56  H  "H2''" . DT  A 1 2 ? 4.340   12.657  -7.030  1.00 0.97 ? 2  DT  A "H2''" 1 
ATOM   57  H  "H1'"  . DT  A 1 2 ? 6.215   11.346  -6.471  1.00 0.64 ? 2  DT  A "H1'"  1 
ATOM   58  H  H3     . DT  A 1 2 ? 5.527   7.006   -5.292  1.00 0.36 ? 2  DT  A H3     1 
ATOM   59  H  H71    . DT  A 1 2 ? 6.469   8.223   -0.872  1.00 0.77 ? 2  DT  A H71    1 
ATOM   60  H  H72    . DT  A 1 2 ? 5.027   9.313   -0.751  1.00 1.27 ? 2  DT  A H72    1 
ATOM   61  H  H73    . DT  A 1 2 ? 6.661   10.016  -1.005  1.00 0.91 ? 2  DT  A H73    1 
ATOM   62  H  H6     . DT  A 1 2 ? 5.556   11.181  -2.929  1.00 0.45 ? 2  DT  A H6     1 
ATOM   63  P  P      . DG  A 1 3 ? 1.178   13.811  -5.163  1.00 1.60 ? 3  DG  A P      1 
ATOM   64  O  OP1    . DG  A 1 3 ? 0.520   14.990  -5.765  1.00 2.10 ? 3  DG  A OP1    1 
ATOM   65  O  OP2    . DG  A 1 3 ? 1.023   13.589  -3.712  1.00 1.94 ? 3  DG  A OP2    1 
ATOM   66  O  "O5'"  . DG  A 1 3 ? 0.716   12.477  -5.940  1.00 1.35 ? 3  DG  A "O5'"  1 
ATOM   67  C  "C5'"  . DG  A 1 3 ? 0.323   12.288  -7.326  1.00 0.35 ? 3  DG  A "C5'"  1 
ATOM   68  C  "C4'"  . DG  A 1 3 ? 0.043   10.815  -7.645  1.00 0.29 ? 3  DG  A "C4'"  1 
ATOM   69  O  "O4'"  . DG  A 1 3 ? 1.252   9.982   -7.571  1.00 0.38 ? 3  DG  A "O4'"  1 
ATOM   70  C  "C3'"  . DG  A 1 3 ? -0.946  10.191  -6.749  1.00 0.27 ? 3  DG  A "C3'"  1 
ATOM   71  O  "O3'"  . DG  A 1 3 ? -2.316  10.619  -6.959  1.00 0.63 ? 3  DG  A "O3'"  1 
ATOM   72  C  "C2'"  . DG  A 1 3 ? -0.684  8.823   -7.311  1.00 0.34 ? 3  DG  A "C2'"  1 
ATOM   73  C  "C1'"  . DG  A 1 3 ? 0.815   8.697   -7.175  1.00 0.28 ? 3  DG  A "C1'"  1 
ATOM   74  N  N9     . DG  A 1 3 ? 1.343   8.413   -5.821  1.00 0.28 ? 3  DG  A N9     1 
ATOM   75  C  C8     . DG  A 1 3 ? 1.750   9.221   -4.799  1.00 0.36 ? 3  DG  A C8     1 
ATOM   76  N  N7     . DG  A 1 3 ? 2.275   8.557   -3.772  1.00 0.38 ? 3  DG  A N7     1 
ATOM   77  C  C5     . DG  A 1 3 ? 2.227   7.228   -4.169  1.00 0.29 ? 3  DG  A C5     1 
ATOM   78  C  C6     . DG  A 1 3 ? 2.663   6.034   -3.523  1.00 0.29 ? 3  DG  A C6     1 
ATOM   79  O  O6     . DG  A 1 3 ? 3.190   5.925   -2.408  1.00 0.35 ? 3  DG  A O6     1 
ATOM   80  N  N1     . DG  A 1 3 ? 2.461   4.914   -4.327  1.00 0.21 ? 3  DG  A N1     1 
ATOM   81  C  C2     . DG  A 1 3 ? 1.905   4.932   -5.582  1.00 0.17 ? 3  DG  A C2     1 
ATOM   82  N  N2     . DG  A 1 3 ? 1.838   3.787   -6.207  1.00 0.19 ? 3  DG  A N2     1 
ATOM   83  N  N3     . DG  A 1 3 ? 1.472   6.025   -6.159  1.00 0.19 ? 3  DG  A N3     1 
ATOM   84  C  C4     . DG  A 1 3 ? 1.659   7.133   -5.431  1.00 0.23 ? 3  DG  A C4     1 
ATOM   85  H  "H5'"  . DG  A 1 3 ? 1.119   12.665  -8.005  1.00 0.98 ? 3  DG  A "H5'"  1 
ATOM   86  H  "H5''" . DG  A 1 3 ? -0.608  12.865  -7.522  1.00 0.95 ? 3  DG  A "H5''" 1 
ATOM   87  H  "H4'"  . DG  A 1 3 ? -0.500  10.504  -8.550  1.00 0.51 ? 3  DG  A "H4'"  1 
ATOM   88  H  "H3'"  . DG  A 1 3 ? -0.665  10.291  -5.677  1.00 0.46 ? 3  DG  A "H3'"  1 
ATOM   89  H  "H2'"  . DG  A 1 3 ? -1.285  8.285   -6.651  1.00 0.55 ? 3  DG  A "H2'"  1 
ATOM   90  H  "H2''" . DG  A 1 3 ? -1.003  8.668   -8.380  1.00 0.59 ? 3  DG  A "H2''" 1 
ATOM   91  H  "H1'"  . DG  A 1 3 ? 1.133   7.866   -7.859  1.00 0.25 ? 3  DG  A "H1'"  1 
ATOM   92  H  H8     . DG  A 1 3 ? 1.640   10.306  -4.921  1.00 0.42 ? 3  DG  A H8     1 
ATOM   93  H  H1     . DG  A 1 3 ? 2.808   4.047   -3.951  1.00 0.22 ? 3  DG  A H1     1 
ATOM   94  H  H21    . DG  A 1 3 ? 2.079   2.930   -5.714  1.00 0.90 ? 3  DG  A H21    1 
ATOM   95  H  H22    . DG  A 1 3 ? 1.278   3.815   -7.051  1.00 0.77 ? 3  DG  A H22    1 
ATOM   96  P  P      . DG  A 1 4 ? -3.620  10.068  -7.710  1.00 0.19 ? 4  DG  A P      1 
ATOM   97  O  OP1    . DG  A 1 4 ? -3.367  9.886   -9.163  1.00 0.67 ? 4  DG  A OP1    1 
ATOM   98  O  OP2    . DG  A 1 4 ? -4.792  10.896  -7.360  1.00 0.70 ? 4  DG  A OP2    1 
ATOM   99  O  "O5'"  . DG  A 1 4 ? -3.850  8.601   -7.100  1.00 0.43 ? 4  DG  A "O5'"  1 
ATOM   100 C  "C5'"  . DG  A 1 4 ? -4.404  7.985   -5.908  1.00 0.22 ? 4  DG  A "C5'"  1 
ATOM   101 C  "C4'"  . DG  A 1 4 ? -3.652  6.701   -5.588  1.00 0.18 ? 4  DG  A "C4'"  1 
ATOM   102 O  "O4'"  . DG  A 1 4 ? -2.363  6.948   -4.979  1.00 0.18 ? 4  DG  A "O4'"  1 
ATOM   103 C  "C3'"  . DG  A 1 4 ? -4.328  5.803   -4.602  1.00 0.17 ? 4  DG  A "C3'"  1 
ATOM   104 O  "O3'"  . DG  A 1 4 ? -5.437  5.086   -5.179  1.00 0.19 ? 4  DG  A "O3'"  1 
ATOM   105 C  "C2'"  . DG  A 1 4 ? -3.171  4.846   -4.346  1.00 0.15 ? 4  DG  A "C2'"  1 
ATOM   106 C  "C1'"  . DG  A 1 4 ? -1.904  5.695   -4.501  1.00 0.15 ? 4  DG  A "C1'"  1 
ATOM   107 N  N9     . DG  A 1 4 ? -1.161  5.920   -3.244  1.00 0.17 ? 4  DG  A N9     1 
ATOM   108 C  C8     . DG  A 1 4 ? -1.065  7.037   -2.472  1.00 0.18 ? 4  DG  A C8     1 
ATOM   109 N  N7     . DG  A 1 4 ? -0.517  6.827   -1.280  1.00 0.18 ? 4  DG  A N7     1 
ATOM   110 C  C5     . DG  A 1 4 ? -0.154  5.493   -1.317  1.00 0.17 ? 4  DG  A C5     1 
ATOM   111 C  C6     . DG  A 1 4 ? 0.506   4.689   -0.359  1.00 0.19 ? 4  DG  A C6     1 
ATOM   112 O  O6     . DG  A 1 4 ? 0.920   5.046   0.746   1.00 0.22 ? 4  DG  A O6     1 
ATOM   113 N  N1     . DG  A 1 4 ? 0.603   3.357   -0.769  1.00 0.19 ? 4  DG  A N1     1 
ATOM   114 C  C2     . DG  A 1 4 ? 0.185   2.877   -1.964  1.00 0.18 ? 4  DG  A C2     1 
ATOM   115 N  N2     . DG  A 1 4 ? 0.391   1.591   -2.080  1.00 0.20 ? 4  DG  A N2     1 
ATOM   116 N  N3     . DG  A 1 4 ? -0.373  3.641   -2.879  1.00 0.17 ? 4  DG  A N3     1 
ATOM   117 C  C4     . DG  A 1 4 ? -0.546  4.918   -2.512  1.00 0.17 ? 4  DG  A C4     1 
ATOM   118 H  "H5'"  . DG  A 1 4 ? -5.418  7.610   -6.151  1.00 0.83 ? 4  DG  A "H5'"  1 
ATOM   119 H  "H5''" . DG  A 1 4 ? -4.508  8.706   -5.061  1.00 0.91 ? 4  DG  A "H5''" 1 
ATOM   120 H  "H4'"  . DG  A 1 4 ? -3.503  6.109   -6.501  1.00 0.19 ? 4  DG  A "H4'"  1 
ATOM   121 H  "H3'"  . DG  A 1 4 ? -4.615  6.402   -3.725  1.00 0.18 ? 4  DG  A "H3'"  1 
ATOM   122 H  "H2'"  . DG  A 1 4 ? -3.237  4.235   -3.415  1.00 0.18 ? 4  DG  A "H2'"  1 
ATOM   123 H  "H2''" . DG  A 1 4 ? -3.159  4.129   -5.205  1.00 0.15 ? 4  DG  A "H2''" 1 
ATOM   124 H  "H1'"  . DG  A 1 4 ? -1.272  5.194   -5.279  1.00 0.16 ? 4  DG  A "H1'"  1 
ATOM   125 H  H8     . DG  A 1 4 ? -1.403  7.984   -2.901  1.00 0.19 ? 4  DG  A H8     1 
ATOM   126 H  H1     . DG  A 1 4 ? 0.996   2.662   -0.145  1.00 0.20 ? 4  DG  A H1     1 
ATOM   127 H  H21    . DG  A 1 4 ? 0.740   1.022   -1.307  1.00 0.19 ? 4  DG  A H21    1 
ATOM   128 H  H22    . DG  A 1 4 ? 0.127   1.225   -2.982  1.00 0.25 ? 4  DG  A H22    1 
ATOM   129 P  P      . DC  A 1 5 ? -6.732  4.472   -4.463  1.00 0.21 ? 5  DC  A P      1 
ATOM   130 O  OP1    . DC  A 1 5 ? -7.584  3.893   -5.528  1.00 0.23 ? 5  DC  A OP1    1 
ATOM   131 O  OP2    . DC  A 1 5 ? -7.312  5.505   -3.578  1.00 0.25 ? 5  DC  A OP2    1 
ATOM   132 O  "O5'"  . DC  A 1 5 ? -6.108  3.279   -3.587  1.00 0.32 ? 5  DC  A "O5'"  1 
ATOM   133 C  "C5'"  . DC  A 1 5 ? -5.590  2.057   -4.170  1.00 0.22 ? 5  DC  A "C5'"  1 
ATOM   134 C  "C4'"  . DC  A 1 5 ? -4.804  1.167   -3.234  1.00 0.10 ? 5  DC  A "C4'"  1 
ATOM   135 O  "O4'"  . DC  A 1 5 ? -3.660  1.877   -2.728  1.00 0.29 ? 5  DC  A "O4'"  1 
ATOM   136 C  "C3'"  . DC  A 1 5 ? -5.552  0.744   -1.992  1.00 0.18 ? 5  DC  A "C3'"  1 
ATOM   137 O  "O3'"  . DC  A 1 5 ? -6.451  -0.357  -2.219  1.00 0.37 ? 5  DC  A "O3'"  1 
ATOM   138 C  "C2'"  . DC  A 1 5 ? -4.368  0.269   -1.202  1.00 0.16 ? 5  DC  A "C2'"  1 
ATOM   139 C  "C1'"  . DC  A 1 5 ? -3.209  1.144   -1.632  1.00 0.19 ? 5  DC  A "C1'"  1 
ATOM   140 N  N1     . DC  A 1 5 ? -2.699  2.021   -0.572  1.00 0.14 ? 5  DC  A N1     1 
ATOM   141 C  C2     . DC  A 1 5 ? -1.865  1.409   0.381   1.00 0.14 ? 5  DC  A C2     1 
ATOM   142 O  O2     . DC  A 1 5 ? -1.517  0.227   0.284   1.00 0.17 ? 5  DC  A O2     1 
ATOM   143 N  N3     . DC  A 1 5 ? -1.411  2.150   1.429   1.00 0.16 ? 5  DC  A N3     1 
ATOM   144 C  C4     . DC  A 1 5 ? -1.714  3.439   1.525   1.00 0.18 ? 5  DC  A C4     1 
ATOM   145 N  N4     . DC  A 1 5 ? -1.172  4.112   2.533   1.00 0.24 ? 5  DC  A N4     1 
ATOM   146 C  C5     . DC  A 1 5 ? -2.554  4.087   0.578   1.00 0.19 ? 5  DC  A C5     1 
ATOM   147 C  C6     . DC  A 1 5 ? -3.024  3.351   -0.435  1.00 0.17 ? 5  DC  A C6     1 
ATOM   148 H  "H5'"  . DC  A 1 5 ? -4.832  2.324   -4.933  1.00 0.45 ? 5  DC  A "H5'"  1 
ATOM   149 H  "H5''" . DC  A 1 5 ? -6.409  1.465   -4.637  1.00 1.16 ? 5  DC  A "H5''" 1 
ATOM   150 H  "H4'"  . DC  A 1 5 ? -4.359  0.282   -3.758  1.00 0.18 ? 5  DC  A "H4'"  1 
ATOM   151 H  "H3'"  . DC  A 1 5 ? -6.040  1.577   -1.435  1.00 0.31 ? 5  DC  A "H3'"  1 
ATOM   152 H  "H2'"  . DC  A 1 5 ? -4.595  0.346   -0.131  1.00 0.81 ? 5  DC  A "H2'"  1 
ATOM   153 H  "H2''" . DC  A 1 5 ? -4.134  -0.778  -1.478  1.00 0.58 ? 5  DC  A "H2''" 1 
ATOM   154 H  "H1'"  . DC  A 1 5 ? -2.423  0.497   -2.035  1.00 0.28 ? 5  DC  A "H1'"  1 
ATOM   155 H  H41    . DC  A 1 5 ? -0.489  3.550   3.038   1.00 0.26 ? 5  DC  A H41    1 
ATOM   156 H  H42    . DC  A 1 5 ? -1.110  5.111   2.416   1.00 0.28 ? 5  DC  A H42    1 
ATOM   157 H  H5     . DC  A 1 5 ? -2.743  5.147   0.679   1.00 0.27 ? 5  DC  A H5     1 
ATOM   158 H  H6     . DC  A 1 5 ? -3.621  3.785   -1.244  1.00 0.25 ? 5  DC  A H6     1 
ATOM   159 P  P      . DC  A 1 6 ? -7.528  -0.914  -1.165  1.00 0.84 ? 6  DC  A P      1 
ATOM   160 O  OP1    . DC  A 1 6 ? -8.394  -1.886  -1.880  1.00 1.51 ? 6  DC  A OP1    1 
ATOM   161 O  OP2    . DC  A 1 6 ? -8.145  0.202   -0.423  1.00 1.60 ? 6  DC  A OP2    1 
ATOM   162 O  "O5'"  . DC  A 1 6 ? -6.580  -1.728  -0.157  1.00 0.92 ? 6  DC  A "O5'"  1 
ATOM   163 C  "C5'"  . DC  A 1 6 ? -5.896  -2.915  -0.598  1.00 0.54 ? 6  DC  A "C5'"  1 
ATOM   164 C  "C4'"  . DC  A 1 6 ? -5.060  -3.679  0.438   1.00 0.35 ? 6  DC  A "C4'"  1 
ATOM   165 O  "O4'"  . DC  A 1 6 ? -3.930  -2.890  0.885   1.00 0.40 ? 6  DC  A "O4'"  1 
ATOM   166 C  "C3'"  . DC  A 1 6 ? -5.858  -4.092  1.687   1.00 0.39 ? 6  DC  A "C3'"  1 
ATOM   167 O  "O3'"  . DC  A 1 6 ? -6.171  -5.481  1.718   1.00 0.66 ? 6  DC  A "O3'"  1 
ATOM   168 C  "C2'"  . DC  A 1 6 ? -5.055  -3.656  2.863   1.00 0.67 ? 6  DC  A "C2'"  1 
ATOM   169 C  "C1'"  . DC  A 1 6 ? -3.861  -2.901  2.304   1.00 0.46 ? 6  DC  A "C1'"  1 
ATOM   170 N  N1     . DC  A 1 6 ? -3.777  -1.501  2.782   1.00 0.43 ? 6  DC  A N1     1 
ATOM   171 C  C2     . DC  A 1 6 ? -2.937  -1.259  3.873   1.00 0.46 ? 6  DC  A C2     1 
ATOM   172 O  O2     . DC  A 1 6 ? -2.266  -2.168  4.347   1.00 0.56 ? 6  DC  A O2     1 
ATOM   173 N  N3     . DC  A 1 6 ? -2.814  0.003   4.379   1.00 0.40 ? 6  DC  A N3     1 
ATOM   174 C  C4     . DC  A 1 6 ? -3.421  1.014   3.769   1.00 0.34 ? 6  DC  A C4     1 
ATOM   175 N  N4     . DC  A 1 6 ? -3.210  2.235   4.267   1.00 0.33 ? 6  DC  A N4     1 
ATOM   176 C  C5     . DC  A 1 6 ? -4.264  0.808   2.626   1.00 0.31 ? 6  DC  A C5     1 
ATOM   177 C  C6     . DC  A 1 6 ? -4.449  -0.451  2.215   1.00 0.33 ? 6  DC  A C6     1 
ATOM   178 H  "H5'"  . DC  A 1 6 ? -5.224  -2.639  -1.443  1.00 1.02 ? 6  DC  A "H5'"  1 
ATOM   179 H  "H5''" . DC  A 1 6 ? -6.652  -3.631  -0.974  1.00 1.25 ? 6  DC  A "H5''" 1 
ATOM   180 H  "H4'"  . DC  A 1 6 ? -4.607  -4.491  -0.160  1.00 0.96 ? 6  DC  A "H4'"  1 
ATOM   181 H  "H3'"  . DC  A 1 6 ? -6.752  -3.440  1.552   1.00 0.65 ? 6  DC  A "H3'"  1 
ATOM   182 H  "H2'"  . DC  A 1 6 ? -5.734  -3.003  3.435   1.00 1.41 ? 6  DC  A "H2'"  1 
ATOM   183 H  "H2''" . DC  A 1 6 ? -4.738  -4.513  3.490   1.00 0.58 ? 6  DC  A "H2''" 1 
ATOM   184 H  "H1'"  . DC  A 1 6 ? -2.970  -3.507  2.561   1.00 0.61 ? 6  DC  A "H1'"  1 
ATOM   185 H  H41    . DC  A 1 6 ? -2.602  2.261   5.078   1.00 0.33 ? 6  DC  A H41    1 
ATOM   186 H  H42    . DC  A 1 6 ? -3.514  3.024   3.734   1.00 0.34 ? 6  DC  A H42    1 
ATOM   187 H  H5     . DC  A 1 6 ? -4.703  1.636   2.079   1.00 0.31 ? 6  DC  A H5     1 
ATOM   188 H  H6     . DC  A 1 6 ? -5.080  -0.738  1.382   1.00 0.27 ? 6  DC  A H6     1 
ATOM   189 P  P      . DA  A 1 7 ? -7.569  -5.956  2.308   1.00 0.65 ? 7  DA  A P      1 
ATOM   190 O  OP1    . DA  A 1 7 ? -8.368  -6.469  1.172   1.00 1.08 ? 7  DA  A OP1    1 
ATOM   191 O  OP2    . DA  A 1 7 ? -8.134  -4.893  3.169   1.00 1.34 ? 7  DA  A OP2    1 
ATOM   192 O  "O5'"  . DA  A 1 7 ? -7.106  -7.164  3.250   1.00 0.61 ? 7  DA  A "O5'"  1 
ATOM   193 C  "C5'"  . DA  A 1 7 ? -5.809  -7.534  3.783   1.00 0.29 ? 7  DA  A "C5'"  1 
ATOM   194 C  "C4'"  . DA  A 1 7 ? -5.630  -7.387  5.316   1.00 0.22 ? 7  DA  A "C4'"  1 
ATOM   195 O  "O4'"  . DA  A 1 7 ? -5.178  -6.028  5.669   1.00 0.20 ? 7  DA  A "O4'"  1 
ATOM   196 C  "C3'"  . DA  A 1 7 ? -6.948  -7.613  6.074   1.00 0.28 ? 7  DA  A "C3'"  1 
ATOM   197 O  "O3'"  . DA  A 1 7 ? -6.807  -8.590  7.133   1.00 0.56 ? 7  DA  A "O3'"  1 
ATOM   198 C  "C2'"  . DA  A 1 7 ? -7.279  -6.197  6.514   1.00 0.19 ? 7  DA  A "C2'"  1 
ATOM   199 C  "C1'"  . DA  A 1 7 ? -5.939  -5.579  6.773   1.00 0.17 ? 7  DA  A "C1'"  1 
ATOM   200 N  N9     . DA  A 1 7 ? -5.974  -4.105  6.725   1.00 0.19 ? 7  DA  A N9     1 
ATOM   201 C  C8     . DA  A 1 7 ? -6.686  -3.365  5.833   1.00 0.29 ? 7  DA  A C8     1 
ATOM   202 N  N7     . DA  A 1 7 ? -6.441  -2.061  5.882   1.00 0.30 ? 7  DA  A N7     1 
ATOM   203 C  C5     . DA  A 1 7 ? -5.522  -1.953  6.919   1.00 0.21 ? 7  DA  A C5     1 
ATOM   204 C  C6     . DA  A 1 7 ? -4.891  -0.821  7.496   1.00 0.20 ? 7  DA  A C6     1 
ATOM   205 N  N6     . DA  A 1 7 ? -4.978  0.411   6.970   1.00 0.26 ? 7  DA  A N6     1 
ATOM   206 N  N1     . DA  A 1 7 ? -4.157  -1.017  8.603   1.00 0.21 ? 7  DA  A N1     1 
ATOM   207 C  C2     . DA  A 1 7 ? -3.977  -2.253  9.067   1.00 0.22 ? 7  DA  A C2     1 
ATOM   208 N  N3     . DA  A 1 7 ? -4.427  -3.403  8.556   1.00 0.19 ? 7  DA  A N3     1 
ATOM   209 C  C4     . DA  A 1 7 ? -5.230  -3.181  7.479   1.00 0.16 ? 7  DA  A C4     1 
ATOM   210 H  "H5'"  . DA  A 1 7 ? -5.016  -6.938  3.282   1.00 0.89 ? 7  DA  A "H5'"  1 
ATOM   211 H  "H5''" . DA  A 1 7 ? -5.675  -8.608  3.527   1.00 0.96 ? 7  DA  A "H5''" 1 
ATOM   212 H  "H4'"  . DA  A 1 7 ? -4.805  -8.048  5.670   1.00 0.22 ? 7  DA  A "H4'"  1 
ATOM   213 H  "H3'"  . DA  A 1 7 ? -7.766  -7.905  5.389   1.00 0.99 ? 7  DA  A "H3'"  1 
ATOM   214 H  "H2'"  . DA  A 1 7 ? -7.631  -5.760  5.575   1.00 0.24 ? 7  DA  A "H2'"  1 
ATOM   215 H  "H2''" . DA  A 1 7 ? -8.025  -6.007  7.308   1.00 0.22 ? 7  DA  A "H2''" 1 
ATOM   216 H  "H1'"  . DA  A 1 7 ? -5.545  -5.979  7.729   1.00 0.20 ? 7  DA  A "H1'"  1 
ATOM   217 H  H8     . DA  A 1 7 ? -7.426  -3.918  5.229   1.00 0.35 ? 7  DA  A H8     1 
ATOM   218 H  H61    . DA  A 1 7 ? -4.487  1.153   7.443   1.00 0.74 ? 7  DA  A H61    1 
ATOM   219 H  H62    . DA  A 1 7 ? -5.480  0.530   6.122   1.00 1.02 ? 7  DA  A H62    1 
ATOM   220 H  H2     . DA  A 1 7 ? -3.414  -2.313  10.008  1.00 0.28 ? 7  DA  A H2     1 
ATOM   221 P  P      . DA  A 1 8 ? -7.726  -9.126  8.338   1.00 0.77 ? 8  DA  A P      1 
ATOM   222 O  OP1    . DA  A 1 8 ? -7.925  -10.587 8.264   1.00 0.92 ? 8  DA  A OP1    1 
ATOM   223 O  OP2    . DA  A 1 8 ? -8.908  -8.258  8.534   1.00 1.20 ? 8  DA  A OP2    1 
ATOM   224 O  "O5'"  . DA  A 1 8 ? -6.772  -8.774  9.572   1.00 0.95 ? 8  DA  A "O5'"  1 
ATOM   225 C  "C5'"  . DA  A 1 8 ? -6.229  -7.436  9.613   1.00 1.11 ? 8  DA  A "C5'"  1 
ATOM   226 C  "C4'"  . DA  A 1 8 ? -6.172  -6.856  10.964  1.00 0.95 ? 8  DA  A "C4'"  1 
ATOM   227 O  "O4'"  . DA  A 1 8 ? -5.636  -5.502  10.911  1.00 1.00 ? 8  DA  A "O4'"  1 
ATOM   228 C  "C3'"  . DA  A 1 8 ? -7.544  -6.788  11.635  1.00 0.86 ? 8  DA  A "C3'"  1 
ATOM   229 O  "O3'"  . DA  A 1 8 ? -8.676  -6.630  10.772  1.00 1.34 ? 8  DA  A "O3'"  1 
ATOM   230 C  "C2'"  . DA  A 1 8 ? -7.412  -5.525  12.453  1.00 0.84 ? 8  DA  A "C2'"  1 
ATOM   231 C  "C1'"  . DA  A 1 8 ? -6.364  -4.652  11.776  1.00 0.89 ? 8  DA  A "C1'"  1 
ATOM   232 N  N9     . DA  A 1 8 ? -6.931  -3.599  10.933  1.00 0.78 ? 8  DA  A N9     1 
ATOM   233 C  C8     . DA  A 1 8 ? -7.697  -3.770  9.839   1.00 0.70 ? 8  DA  A C8     1 
ATOM   234 N  N7     . DA  A 1 8 ? -7.997  -2.659  9.187   1.00 0.70 ? 8  DA  A N7     1 
ATOM   235 C  C5     . DA  A 1 8 ? -7.337  -1.689  9.931   1.00 0.74 ? 8  DA  A C5     1 
ATOM   236 C  C6     . DA  A 1 8 ? -7.223  -0.288  9.763   1.00 0.82 ? 8  DA  A C6     1 
ATOM   237 N  N6     . DA  A 1 8 ? -7.755  0.381   8.727   1.00 0.80 ? 8  DA  A N6     1 
ATOM   238 N  N1     . DA  A 1 8 ? -6.513  0.383   10.686  1.00 1.04 ? 8  DA  A N1     1 
ATOM   239 C  C2     . DA  A 1 8 ? -5.932  -0.276  11.692  1.00 1.19 ? 8  DA  A C2     1 
ATOM   240 N  N3     . DA  A 1 8 ? -5.964  -1.578  11.949  1.00 1.12 ? 8  DA  A N3     1 
ATOM   241 C  C4     . DA  A 1 8 ? -6.687  -2.236  11.015  1.00 0.86 ? 8  DA  A C4     1 
ATOM   242 H  "H5'"  . DA  A 1 8 ? -6.849  -6.713  9.047   1.00 1.81 ? 8  DA  A "H5'"  1 
ATOM   243 H  "H5''" . DA  A 1 8 ? -5.204  -7.450  9.190   1.00 1.52 ? 8  DA  A "H5''" 1 
ATOM   244 H  "H4'"  . DA  A 1 8 ? -5.408  -7.436  11.464  1.00 1.41 ? 8  DA  A "H4'"  1 
ATOM   245 H  "H3'"  . DA  A 1 8 ? -7.705  -7.690  12.267  1.00 1.26 ? 8  DA  A "H3'"  1 
ATOM   246 H  "HO3'" . DA  A 1 8 ? -8.642  -7.331  10.080  1.00 1.23 ? 8  DA  A "HO3'" 1 
ATOM   247 H  "H2'"  . DA  A 1 8 ? -8.380  -5.020  12.624  1.00 0.81 ? 8  DA  A "H2'"  1 
ATOM   248 H  "H2''" . DA  A 1 8 ? -6.982  -5.812  13.398  1.00 0.94 ? 8  DA  A "H2''" 1 
ATOM   249 H  "H1'"  . DA  A 1 8 ? -5.650  -4.229  12.520  1.00 1.06 ? 8  DA  A "H1'"  1 
ATOM   250 H  H8     . DA  A 1 8 ? -7.940  -4.812  9.635   1.00 0.78 ? 8  DA  A H8     1 
ATOM   251 H  H61    . DA  A 1 8 ? -7.474  1.334   8.619   1.00 0.88 ? 8  DA  A H61    1 
ATOM   252 H  H62    . DA  A 1 8 ? -8.158  -0.155  7.986   1.00 0.82 ? 8  DA  A H62    1 
ATOM   253 H  H2     . DA  A 1 8 ? -5.354  0.328   12.399  1.00 1.44 ? 8  DA  A H2     1 
ATOM   254 O  "O5'"  . DT  B 1 1 ? -4.646  9.992   14.612  1.00 2.47 ? 11 DT  B "O5'"  1 
ATOM   255 C  "C5'"  . DT  B 1 1 ? -5.623  9.086   14.102  1.00 2.00 ? 11 DT  B "C5'"  1 
ATOM   256 C  "C4'"  . DT  B 1 1 ? -5.206  7.647   14.370  1.00 1.27 ? 11 DT  B "C4'"  1 
ATOM   257 O  "O4'"  . DT  B 1 1 ? -6.168  6.712   13.796  1.00 1.11 ? 11 DT  B "O4'"  1 
ATOM   258 C  "C3'"  . DT  B 1 1 ? -3.936  7.315   13.632  1.00 0.82 ? 11 DT  B "C3'"  1 
ATOM   259 O  "O3'"  . DT  B 1 1 ? -2.756  7.833   14.268  1.00 0.92 ? 11 DT  B "O3'"  1 
ATOM   260 C  "C2'"  . DT  B 1 1 ? -3.997  5.801   13.711  1.00 1.02 ? 11 DT  B "C2'"  1 
ATOM   261 C  "C1'"  . DT  B 1 1 ? -5.475  5.487   13.546  1.00 1.07 ? 11 DT  B "C1'"  1 
ATOM   262 N  N1     . DT  B 1 1 ? -5.806  4.959   12.220  1.00 1.03 ? 11 DT  B N1     1 
ATOM   263 C  C2     . DT  B 1 1 ? -6.074  3.577   12.083  1.00 0.95 ? 11 DT  B C2     1 
ATOM   264 O  O2     . DT  B 1 1 ? -6.067  2.757   12.998  1.00 0.99 ? 11 DT  B O2     1 
ATOM   265 N  N3     . DT  B 1 1 ? -6.377  3.178   10.797  1.00 0.90 ? 11 DT  B N3     1 
ATOM   266 C  C4     . DT  B 1 1 ? -6.454  3.975   9.666   1.00 0.93 ? 11 DT  B C4     1 
ATOM   267 O  O4     . DT  B 1 1 ? -6.831  3.492   8.598   1.00 0.87 ? 11 DT  B O4     1 
ATOM   268 C  C5     . DT  B 1 1 ? -6.093  5.370   9.898   1.00 1.08 ? 11 DT  B C5     1 
ATOM   269 C  C7     . DT  B 1 1 ? -6.106  6.347   8.811   1.00 1.24 ? 11 DT  B C7     1 
ATOM   270 C  C6     . DT  B 1 1 ? -5.772  5.771   11.132  1.00 1.12 ? 11 DT  B C6     1 
ATOM   271 H  "H5'"  . DT  B 1 1 ? -5.735  9.242   13.006  1.00 2.78 ? 11 DT  B "H5'"  1 
ATOM   272 H  "H5''" . DT  B 1 1 ? -6.600  9.283   14.592  1.00 1.98 ? 11 DT  B "H5''" 1 
ATOM   273 H  "H4'"  . DT  B 1 1 ? -5.101  7.438   15.457  1.00 1.63 ? 11 DT  B "H4'"  1 
ATOM   274 H  "H3'"  . DT  B 1 1 ? -3.999  7.667   12.577  1.00 1.17 ? 11 DT  B "H3'"  1 
ATOM   275 H  "H2'"  . DT  B 1 1 ? -3.344  5.322   12.953  1.00 1.41 ? 11 DT  B "H2'"  1 
ATOM   276 H  "H2''" . DT  B 1 1 ? -3.668  5.471   14.712  1.00 1.40 ? 11 DT  B "H2''" 1 
ATOM   277 H  "H1'"  . DT  B 1 1 ? -5.820  4.763   14.280  1.00 1.60 ? 11 DT  B "H1'"  1 
ATOM   278 H  H3     . DT  B 1 1 ? -6.540  2.183   10.683  1.00 0.88 ? 11 DT  B H3     1 
ATOM   279 H  H71    . DT  B 1 1 ? -6.984  7.006   8.975   1.00 1.62 ? 11 DT  B H71    1 
ATOM   280 H  H72    . DT  B 1 1 ? -6.163  5.836   7.832   1.00 1.20 ? 11 DT  B H72    1 
ATOM   281 H  H73    . DT  B 1 1 ? -5.177  6.952   8.888   1.00 1.84 ? 11 DT  B H73    1 
ATOM   282 H  H6     . DT  B 1 1 ? -5.428  6.781   11.364  1.00 1.24 ? 11 DT  B H6     1 
ATOM   283 H  "HO5'" . DT  B 1 1 ? -3.798  9.507   14.571  1.00 2.18 ? 11 DT  B "HO5'" 1 
ATOM   284 P  P      . DT  B 1 2 ? -1.298  7.556   13.650  1.00 0.87 ? 12 DT  B P      1 
ATOM   285 O  OP1    . DT  B 1 2 ? -0.435  8.706   13.981  1.00 1.17 ? 12 DT  B OP1    1 
ATOM   286 O  OP2    . DT  B 1 2 ? -1.488  7.228   12.216  1.00 0.88 ? 12 DT  B OP2    1 
ATOM   287 O  "O5'"  . DT  B 1 2 ? -0.828  6.242   14.453  1.00 0.76 ? 12 DT  B "O5'"  1 
ATOM   288 C  "C5'"  . DT  B 1 2 ? -0.007  5.124   14.012  1.00 0.97 ? 12 DT  B "C5'"  1 
ATOM   289 C  "C4'"  . DT  B 1 2 ? -0.478  3.759   14.551  1.00 0.65 ? 12 DT  B "C4'"  1 
ATOM   290 O  "O4'"  . DT  B 1 2 ? -1.851  3.437   14.132  1.00 0.52 ? 12 DT  B "O4'"  1 
ATOM   291 C  "C3'"  . DT  B 1 2 ? 0.375   2.658   13.973  1.00 0.58 ? 12 DT  B "C3'"  1 
ATOM   292 O  "O3'"  . DT  B 1 2 ? 1.510   2.336   14.799  1.00 0.74 ? 12 DT  B "O3'"  1 
ATOM   293 C  "C2'"  . DT  B 1 2 ? -0.574  1.492   13.902  1.00 0.47 ? 12 DT  B "C2'"  1 
ATOM   294 C  "C1'"  . DT  B 1 2 ? -1.890  2.152   13.518  1.00 0.37 ? 12 DT  B "C1'"  1 
ATOM   295 N  N1     . DT  B 1 2 ? -2.144  2.262   12.047  1.00 0.30 ? 12 DT  B N1     1 
ATOM   296 C  C2     . DT  B 1 2 ? -2.692  1.120   11.410  1.00 0.35 ? 12 DT  B C2     1 
ATOM   297 O  O2     . DT  B 1 2 ? -2.844  0.023   11.945  1.00 0.55 ? 12 DT  B O2     1 
ATOM   298 N  N3     . DT  B 1 2 ? -3.162  1.324   10.123  1.00 0.25 ? 12 DT  B N3     1 
ATOM   299 C  C4     . DT  B 1 2 ? -3.191  2.526   9.430   1.00 0.29 ? 12 DT  B C4     1 
ATOM   300 O  O4     . DT  B 1 2 ? -3.769  2.586   8.342   1.00 0.34 ? 12 DT  B O4     1 
ATOM   301 C  C5     . DT  B 1 2 ? -2.585  3.652   10.124  1.00 0.42 ? 12 DT  B C5     1 
ATOM   302 C  C7     . DT  B 1 2 ? -2.534  4.985   9.469   1.00 0.72 ? 12 DT  B C7     1 
ATOM   303 C  C6     . DT  B 1 2 ? -2.080  3.467   11.357  1.00 0.36 ? 12 DT  B C6     1 
ATOM   304 H  "H5'"  . DT  B 1 2 ? 1.037   5.276   14.367  1.00 1.47 ? 12 DT  B "H5'"  1 
ATOM   305 H  "H5''" . DT  B 1 2 ? 0.036   5.087   12.901  1.00 1.81 ? 12 DT  B "H5''" 1 
ATOM   306 H  "H4'"  . DT  B 1 2 ? -0.425  3.716   15.648  1.00 0.77 ? 12 DT  B "H4'"  1 
ATOM   307 H  "H3'"  . DT  B 1 2 ? 0.656   2.945   12.955  1.00 1.03 ? 12 DT  B "H3'"  1 
ATOM   308 H  "H2'"  . DT  B 1 2 ? -0.245  0.706   13.191  1.00 1.03 ? 12 DT  B "H2'"  1 
ATOM   309 H  "H2''" . DT  B 1 2 ? -0.636  1.072   14.915  1.00 0.84 ? 12 DT  B "H2''" 1 
ATOM   310 H  "H1'"  . DT  B 1 2 ? -2.728  1.605   14.002  1.00 0.69 ? 12 DT  B "H1'"  1 
ATOM   311 H  H3     . DT  B 1 2 ? -3.549  0.516   9.658   1.00 0.30 ? 12 DT  B H3     1 
ATOM   312 H  H71    . DT  B 1 2 ? -1.547  5.118   8.976   1.00 1.59 ? 12 DT  B H71    1 
ATOM   313 H  H72    . DT  B 1 2 ? -2.647  5.792   10.230  1.00 1.06 ? 12 DT  B H72    1 
ATOM   314 H  H73    . DT  B 1 2 ? -3.339  5.096   8.714   1.00 1.04 ? 12 DT  B H73    1 
ATOM   315 H  H6     . DT  B 1 2 ? -1.614  4.300   11.884  1.00 0.49 ? 12 DT  B H6     1 
ATOM   316 P  P      . DG  B 1 3 ? 3.000   2.076   14.279  1.00 1.31 ? 13 DG  B P      1 
ATOM   317 O  OP1    . DG  B 1 3 ? 3.894   1.887   15.441  1.00 1.80 ? 13 DG  B OP1    1 
ATOM   318 O  OP2    . DG  B 1 3 ? 3.351   3.116   13.289  1.00 1.77 ? 13 DG  B OP2    1 
ATOM   319 O  "O5'"  . DG  B 1 3 ? 2.815   0.678   13.505  1.00 1.20 ? 13 DG  B "O5'"  1 
ATOM   320 C  "C5'"  . DG  B 1 3 ? 2.784   -0.688  14.004  1.00 0.27 ? 13 DG  B "C5'"  1 
ATOM   321 C  "C4'"  . DG  B 1 3 ? 2.407   -1.690  12.908  1.00 0.23 ? 13 DG  B "C4'"  1 
ATOM   322 O  "O4'"  . DG  B 1 3 ? 1.022   -1.525  12.444  1.00 0.45 ? 13 DG  B "O4'"  1 
ATOM   323 C  "C3'"  . DG  B 1 3 ? 3.260   -1.595  11.710  1.00 0.30 ? 13 DG  B "C3'"  1 
ATOM   324 O  "O3'"  . DG  B 1 3 ? 4.602   -2.116  11.878  1.00 0.72 ? 13 DG  B "O3'"  1 
ATOM   325 C  "C2'"  . DG  B 1 3 ? 2.382   -2.530  10.934  1.00 0.40 ? 13 DG  B "C2'"  1 
ATOM   326 C  "C1'"  . DG  B 1 3 ? 1.017   -1.902  11.081  1.00 0.36 ? 13 DG  B "C1'"  1 
ATOM   327 N  N9     . DG  B 1 3 ? 0.732   -0.707  10.259  1.00 0.31 ? 13 DG  B N9     1 
ATOM   328 C  C8     . DG  B 1 3 ? 0.921   0.630   10.477  1.00 0.34 ? 13 DG  B C8     1 
ATOM   329 N  N7     . DG  B 1 3 ? 0.412   1.402   9.521   1.00 0.32 ? 13 DG  B N7     1 
ATOM   330 C  C5     . DG  B 1 3 ? -0.170  0.505   8.635   1.00 0.27 ? 13 DG  B C5     1 
ATOM   331 C  C6     . DG  B 1 3 ? -0.899  0.717   7.426   1.00 0.25 ? 13 DG  B C6     1 
ATOM   332 O  O6     . DG  B 1 3 ? -1.172  1.799   6.887   1.00 0.28 ? 13 DG  B O6     1 
ATOM   333 N  N1     . DG  B 1 3 ? -1.346  -0.489  6.880   1.00 0.23 ? 13 DG  B N1     1 
ATOM   334 C  C2     . DG  B 1 3 ? -1.121  -1.737  7.421   1.00 0.25 ? 13 DG  B C2     1 
ATOM   335 N  N2     . DG  B 1 3 ? -1.648  -2.763  6.796   1.00 0.27 ? 13 DG  B N2     1 
ATOM   336 N  N3     . DG  B 1 3 ? -0.427  -1.925  8.519   1.00 0.28 ? 13 DG  B N3     1 
ATOM   337 C  C4     . DG  B 1 3 ? 0.017   -0.794  9.084   1.00 0.28 ? 13 DG  B C4     1 
ATOM   338 H  "H5'"  . DG  B 1 3 ? 2.064   -0.773  14.848  1.00 0.97 ? 13 DG  B "H5'"  1 
ATOM   339 H  "H5''" . DG  B 1 3 ? 3.798   -0.956  14.379  1.00 0.85 ? 13 DG  B "H5''" 1 
ATOM   340 H  "H4'"  . DG  B 1 3 ? 2.579   -2.771  13.010  1.00 0.43 ? 13 DG  B "H4'"  1 
ATOM   341 H  "H3'"  . DG  B 1 3 ? 3.289   -0.565  11.289  1.00 0.61 ? 13 DG  B "H3'"  1 
ATOM   342 H  "H2'"  . DG  B 1 3 ? 2.872   -2.440  10.019  1.00 0.65 ? 13 DG  B "H2'"  1 
ATOM   343 H  "H2''" . DG  B 1 3 ? 2.371   -3.597  11.295  1.00 0.66 ? 13 DG  B "H2''" 1 
ATOM   344 H  "H1'"  . DG  B 1 3 ? 0.266   -2.698  10.820  1.00 0.37 ? 13 DG  B "H1'"  1 
ATOM   345 H  H8     . DG  B 1 3 ? 1.423   0.944   11.403  1.00 0.39 ? 13 DG  B H8     1 
ATOM   346 H  H1     . DG  B 1 3 ? -1.892  -0.372  6.039   1.00 0.24 ? 13 DG  B H1     1 
ATOM   347 H  H21    . DG  B 1 3 ? -2.006  -2.584  5.863   1.00 0.28 ? 13 DG  B H21    1 
ATOM   348 H  H22    . DG  B 1 3 ? -1.324  -3.660  7.126   1.00 0.29 ? 13 DG  B H22    1 
ATOM   349 P  P      . DG  B 1 4 ? 5.393   -3.459  11.504  1.00 0.29 ? 14 DG  B P      1 
ATOM   350 O  OP1    . DG  B 1 4 ? 4.773   -4.644  12.151  1.00 0.57 ? 14 DG  B OP1    1 
ATOM   351 O  OP2    . DG  B 1 4 ? 6.836   -3.272  11.750  1.00 0.51 ? 14 DG  B OP2    1 
ATOM   352 O  "O5'"  . DG  B 1 4 ? 5.174   -3.632  9.922   1.00 0.29 ? 14 DG  B "O5'"  1 
ATOM   353 C  "C5'"  . DG  B 1 4 ? 5.662   -3.046  8.686   1.00 0.27 ? 14 DG  B "C5'"  1 
ATOM   354 C  "C4'"  . DG  B 1 4 ? 4.551   -3.023  7.641   1.00 0.24 ? 14 DG  B "C4'"  1 
ATOM   355 O  "O4'"  . DG  B 1 4 ? 3.630   -1.913  7.805   1.00 0.22 ? 14 DG  B "O4'"  1 
ATOM   356 C  "C3'"  . DG  B 1 4 ? 5.032   -2.852  6.235   1.00 0.24 ? 14 DG  B "C3'"  1 
ATOM   357 O  "O3'"  . DG  B 1 4 ? 5.616   -4.053  5.697   1.00 0.26 ? 14 DG  B "O3'"  1 
ATOM   358 C  "C2'"  . DG  B 1 4 ? 3.685   -2.598  5.573   1.00 0.21 ? 14 DG  B "C2'"  1 
ATOM   359 C  "C1'"  . DG  B 1 4 ? 2.833   -1.887  6.629   1.00 0.22 ? 14 DG  B "C1'"  1 
ATOM   360 N  N9     . DG  B 1 4 ? 2.494   -0.482  6.301   1.00 0.23 ? 14 DG  B N9     1 
ATOM   361 C  C8     . DG  B 1 4 ? 2.984   0.677   6.822   1.00 0.25 ? 14 DG  B C8     1 
ATOM   362 N  N7     . DG  B 1 4 ? 2.668   1.764   6.130   1.00 0.26 ? 14 DG  B N7     1 
ATOM   363 C  C5     . DG  B 1 4 ? 1.838   1.287   5.129   1.00 0.23 ? 14 DG  B C5     1 
ATOM   364 C  C6     . DG  B 1 4 ? 1.152   1.968   4.093   1.00 0.23 ? 14 DG  B C6     1 
ATOM   365 O  O6     . DG  B 1 4 ? 1.161   3.184   3.874   1.00 0.26 ? 14 DG  B O6     1 
ATOM   366 N  N1     . DG  B 1 4 ? 0.473   1.086   3.249   1.00 0.20 ? 14 DG  B N1     1 
ATOM   367 C  C2     . DG  B 1 4 ? 0.419   -0.259  3.405   1.00 0.20 ? 14 DG  B C2     1 
ATOM   368 N  N2     . DG  B 1 4 ? -0.260  -0.832  2.438   1.00 0.20 ? 14 DG  B N2     1 
ATOM   369 N  N3     . DG  B 1 4 ? 1.011   -0.885  4.401   1.00 0.21 ? 14 DG  B N3     1 
ATOM   370 C  C4     . DG  B 1 4 ? 1.721   -0.092  5.216   1.00 0.22 ? 14 DG  B C4     1 
ATOM   371 H  "H5'"  . DG  B 1 4 ? 6.403   -3.744  8.242   1.00 0.82 ? 14 DG  B "H5'"  1 
ATOM   372 H  "H5''" . DG  B 1 4 ? 6.179   -2.071  8.852   1.00 0.95 ? 14 DG  B "H5''" 1 
ATOM   373 H  "H4'"  . DG  B 1 4 ? 3.985   -3.963  7.669   1.00 0.25 ? 14 DG  B "H4'"  1 
ATOM   374 H  "H3'"  . DG  B 1 4 ? 5.713   -1.988  6.206   1.00 0.25 ? 14 DG  B "H3'"  1 
ATOM   375 H  "H2'"  . DG  B 1 4 ? 3.720   -2.111  4.571   1.00 0.21 ? 14 DG  B "H2'"  1 
ATOM   376 H  "H2''" . DG  B 1 4 ? 3.207   -3.601  5.431   1.00 0.21 ? 14 DG  B "H2''" 1 
ATOM   377 H  "H1'"  . DG  B 1 4 ? 1.916   -2.515  6.777   1.00 0.21 ? 14 DG  B "H1'"  1 
ATOM   378 H  H8     . DG  B 1 4 ? 3.545   0.610   7.759   1.00 0.28 ? 14 DG  B H8     1 
ATOM   379 H  H1     . DG  B 1 4 ? -0.006  1.440   2.430   1.00 0.21 ? 14 DG  B H1     1 
ATOM   380 H  H21    . DG  B 1 4 ? -0.649  -0.318  1.649   1.00 0.18 ? 14 DG  B H21    1 
ATOM   381 H  H22    . DG  B 1 4 ? -0.388  -1.823  2.596   1.00 0.23 ? 14 DG  B H22    1 
ATOM   382 P  P      . DC  B 1 5 ? 6.717   -4.190  4.543   1.00 0.33 ? 15 DC  B P      1 
ATOM   383 O  OP1    . DC  B 1 5 ? 7.020   -5.633  4.401   1.00 0.40 ? 15 DC  B OP1    1 
ATOM   384 O  OP2    . DC  B 1 5 ? 7.827   -3.259  4.846   1.00 0.38 ? 15 DC  B OP2    1 
ATOM   385 O  "O5'"  . DC  B 1 5 ? 5.914   -3.700  3.242   1.00 0.38 ? 15 DC  B "O5'"  1 
ATOM   386 C  "C5'"  . DC  B 1 5 ? 4.858   -4.493  2.645   1.00 0.25 ? 15 DC  B "C5'"  1 
ATOM   387 C  "C4'"  . DC  B 1 5 ? 4.010   -3.799  1.600   1.00 0.19 ? 15 DC  B "C4'"  1 
ATOM   388 O  "O4'"  . DC  B 1 5 ? 3.302   -2.702  2.195   1.00 0.23 ? 15 DC  B "O4'"  1 
ATOM   389 C  "C3'"  . DC  B 1 5 ? 4.811   -3.145  0.498   1.00 0.31 ? 15 DC  B "C3'"  1 
ATOM   390 O  "O3'"  . DC  B 1 5 ? 5.313   -4.043  -0.514  1.00 0.49 ? 15 DC  B "O3'"  1 
ATOM   391 C  "C2'"  . DC  B 1 5 ? 3.699   -2.321  -0.068  1.00 0.22 ? 15 DC  B "C2'"  1 
ATOM   392 C  "C1'"  . DC  B 1 5 ? 2.840   -1.932  1.127   1.00 0.20 ? 15 DC  B "C1'"  1 
ATOM   393 N  N1     . DC  B 1 5 ? 2.927   -0.503  1.416   1.00 0.19 ? 15 DC  B N1     1 
ATOM   394 C  C2     . DC  B 1 5 ? 2.189   0.318   0.549   1.00 0.18 ? 15 DC  B C2     1 
ATOM   395 O  O2     . DC  B 1 5 ? 1.387   -0.147  -0.270  1.00 0.19 ? 15 DC  B O2     1 
ATOM   396 N  N3     . DC  B 1 5 ? 2.336   1.666   0.639   1.00 0.17 ? 15 DC  B N3     1 
ATOM   397 C  C4     . DC  B 1 5 ? 3.130   2.195   1.564   1.00 0.20 ? 15 DC  B C4     1 
ATOM   398 N  N4     . DC  B 1 5 ? 3.126   3.514   1.664   1.00 0.22 ? 15 DC  B N4     1 
ATOM   399 C  C5     . DC  B 1 5 ? 3.913   1.392   2.437   1.00 0.22 ? 15 DC  B C5     1 
ATOM   400 C  C6     . DC  B 1 5 ? 3.790   0.065   2.325   1.00 0.20 ? 15 DC  B C6     1 
ATOM   401 H  "H5'"  . DC  B 1 5 ? 4.128   -4.748  3.436   1.00 0.52 ? 15 DC  B "H5'"  1 
ATOM   402 H  "H5''" . DC  B 1 5 ? 5.276   -5.423  2.208   1.00 1.12 ? 15 DC  B "H5''" 1 
ATOM   403 H  "H4'"  . DC  B 1 5 ? 3.166   -4.431  1.205   1.00 0.23 ? 15 DC  B "H4'"  1 
ATOM   404 H  "H3'"  . DC  B 1 5 ? 5.606   -2.469  0.887   1.00 0.45 ? 15 DC  B "H3'"  1 
ATOM   405 H  "H2'"  . DC  B 1 5 ? 4.156   -1.473  -0.605  1.00 0.85 ? 15 DC  B "H2'"  1 
ATOM   406 H  "H2''" . DC  B 1 5 ? 3.088   -2.961  -0.727  1.00 0.55 ? 15 DC  B "H2''" 1 
ATOM   407 H  "H1'"  . DC  B 1 5 ? 1.787   -2.244  0.984   1.00 0.23 ? 15 DC  B "H1'"  1 
ATOM   408 H  H41    . DC  B 1 5 ? 2.397   3.920   1.085   1.00 0.22 ? 15 DC  B H41    1 
ATOM   409 H  H42    . DC  B 1 5 ? 3.437   3.892   2.545   1.00 0.26 ? 15 DC  B H42    1 
ATOM   410 H  H5     . DC  B 1 5 ? 4.537   1.864   3.185   1.00 0.27 ? 15 DC  B H5     1 
ATOM   411 H  H6     . DC  B 1 5 ? 4.316   -0.636  2.981   1.00 0.23 ? 15 DC  B H6     1 
ATOM   412 P  P      . DC  B 1 6 ? 6.348   -3.589  -1.668  1.00 0.94 ? 16 DC  B P      1 
ATOM   413 O  OP1    . DC  B 1 6 ? 7.252   -4.707  -2.003  1.00 1.57 ? 16 DC  B OP1    1 
ATOM   414 O  OP2    . DC  B 1 6 ? 6.942   -2.280  -1.306  1.00 1.92 ? 16 DC  B OP2    1 
ATOM   415 O  "O5'"  . DC  B 1 6 ? 5.369   -3.306  -2.916  1.00 0.78 ? 16 DC  B "O5'"  1 
ATOM   416 C  "C5'"  . DC  B 1 6 ? 4.158   -4.005  -3.270  1.00 0.35 ? 16 DC  B "C5'"  1 
ATOM   417 C  "C4'"  . DC  B 1 6 ? 3.354   -3.495  -4.461  1.00 0.19 ? 16 DC  B "C4'"  1 
ATOM   418 O  "O4'"  . DC  B 1 6 ? 2.570   -2.333  -4.063  1.00 0.23 ? 16 DC  B "O4'"  1 
ATOM   419 C  "C3'"  . DC  B 1 6 ? 4.149   -3.107  -5.753  1.00 0.22 ? 16 DC  B "C3'"  1 
ATOM   420 O  "O3'"  . DC  B 1 6 ? 3.616   -3.800  -6.877  1.00 0.24 ? 16 DC  B "O3'"  1 
ATOM   421 C  "C2'"  . DC  B 1 6 ? 4.037   -1.602  -5.841  1.00 0.26 ? 16 DC  B "C2'"  1 
ATOM   422 C  "C1'"  . DC  B 1 6 ? 2.976   -1.190  -4.813  1.00 0.21 ? 16 DC  B "C1'"  1 
ATOM   423 N  N1     . DC  B 1 6 ? 3.394   -0.084  -3.899  1.00 0.19 ? 16 DC  B N1     1 
ATOM   424 C  C2     . DC  B 1 6 ? 2.977   1.210   -4.248  1.00 0.22 ? 16 DC  B C2     1 
ATOM   425 O  O2     . DC  B 1 6 ? 2.349   1.396   -5.290  1.00 0.38 ? 16 DC  B O2     1 
ATOM   426 N  N3     . DC  B 1 6 ? 3.305   2.278   -3.451  1.00 0.22 ? 16 DC  B N3     1 
ATOM   427 C  C4     . DC  B 1 6 ? 4.069   2.092   -2.373  1.00 0.22 ? 16 DC  B C4     1 
ATOM   428 N  N4     . DC  B 1 6 ? 4.359   3.158   -1.610  1.00 0.27 ? 16 DC  B N4     1 
ATOM   429 C  C5     . DC  B 1 6 ? 4.577   0.799   -2.034  1.00 0.24 ? 16 DC  B C5     1 
ATOM   430 C  C6     . DC  B 1 6 ? 4.222   -0.233  -2.811  1.00 0.22 ? 16 DC  B C6     1 
ATOM   431 H  "H5'"  . DC  B 1 6 ? 3.456   -4.030  -2.395  1.00 0.48 ? 16 DC  B "H5'"  1 
ATOM   432 H  "H5''" . DC  B 1 6 ? 4.400   -5.040  -3.542  1.00 1.25 ? 16 DC  B "H5''" 1 
ATOM   433 H  "H4'"  . DC  B 1 6 ? 2.682   -4.407  -4.534  1.00 0.21 ? 16 DC  B "H4'"  1 
ATOM   434 H  "H3'"  . DC  B 1 6 ? 5.125   -3.503  -5.409  1.00 0.25 ? 16 DC  B "H3'"  1 
ATOM   435 H  "H2'"  . DC  B 1 6 ? 5.026   -1.153  -5.629  1.00 0.28 ? 16 DC  B "H2'"  1 
ATOM   436 H  "H2''" . DC  B 1 6 ? 3.715   -1.285  -6.854  1.00 0.31 ? 16 DC  B "H2''" 1 
ATOM   437 H  "H1'"  . DC  B 1 6 ? 2.062   -0.928  -5.390  1.00 0.27 ? 16 DC  B "H1'"  1 
ATOM   438 H  H41    . DC  B 1 6 ? 3.960   4.042   -1.906  1.00 0.27 ? 16 DC  B H41    1 
ATOM   439 H  H42    . DC  B 1 6 ? 4.924   3.021   -0.791  1.00 0.31 ? 16 DC  B H42    1 
ATOM   440 H  H5     . DC  B 1 6 ? 5.238   0.668   -1.179  1.00 0.28 ? 16 DC  B H5     1 
ATOM   441 H  H6     . DC  B 1 6 ? 4.569   -1.230  -2.617  1.00 0.23 ? 16 DC  B H6     1 
ATOM   442 P  P      . DA  B 1 7 ? 4.430   -4.268  -8.153  1.00 0.43 ? 17 DA  B P      1 
ATOM   443 O  OP1    . DA  B 1 7 ? 3.604   -5.263  -8.873  1.00 0.81 ? 17 DA  B OP1    1 
ATOM   444 O  OP2    . DA  B 1 7 ? 5.785   -4.683  -7.739  1.00 0.93 ? 17 DA  B OP2    1 
ATOM   445 O  "O5'"  . DA  B 1 7 ? 4.484   -2.881  -8.969  1.00 0.26 ? 17 DA  B "O5'"  1 
ATOM   446 C  "C5'"  . DA  B 1 7 ? 3.297   -2.197  -9.459  1.00 0.42 ? 17 DA  B "C5'"  1 
ATOM   447 C  "C4'"  . DA  B 1 7 ? 3.514   -0.770  -10.024 1.00 0.27 ? 17 DA  B "C4'"  1 
ATOM   448 O  "O4'"  . DA  B 1 7 ? 3.650   0.235   -8.956  1.00 0.41 ? 17 DA  B "O4'"  1 
ATOM   449 C  "C3'"  . DA  B 1 7 ? 4.812   -0.717  -10.835 1.00 0.29 ? 17 DA  B "C3'"  1 
ATOM   450 O  "O3'"  . DA  B 1 7 ? 4.595   -0.219  -12.174 1.00 0.34 ? 17 DA  B "O3'"  1 
ATOM   451 C  "C2'"  . DA  B 1 7 ? 5.689   0.139   -9.930  1.00 0.30 ? 17 DA  B "C2'"  1 
ATOM   452 C  "C1'"  . DA  B 1 7 ? 4.723   1.094   -9.296  1.00 0.30 ? 17 DA  B "C1'"  1 
ATOM   453 N  N9     . DA  B 1 7 ? 5.240   1.690   -8.047  1.00 0.26 ? 17 DA  B N9     1 
ATOM   454 C  C8     . DA  B 1 7 ? 5.934   1.017   -7.097  1.00 0.29 ? 17 DA  B C8     1 
ATOM   455 N  N7     . DA  B 1 7 ? 6.203   1.712   -6.003  1.00 0.28 ? 17 DA  B N7     1 
ATOM   456 C  C5     . DA  B 1 7 ? 5.673   2.964   -6.295  1.00 0.24 ? 17 DA  B C5     1 
ATOM   457 C  C6     . DA  B 1 7 ? 5.671   4.176   -5.557  1.00 0.26 ? 17 DA  B C6     1 
ATOM   458 N  N6     . DA  B 1 7 ? 6.100   4.260   -4.287  1.00 0.29 ? 17 DA  B N6     1 
ATOM   459 N  N1     . DA  B 1 7 ? 5.197   5.274   -6.169  1.00 0.27 ? 17 DA  B N1     1 
ATOM   460 C  C2     . DA  B 1 7 ? 4.684   5.178   -7.396  1.00 0.25 ? 17 DA  B C2     1 
ATOM   461 N  N3     . DA  B 1 7 ? 4.549   4.086   -8.155  1.00 0.24 ? 17 DA  B N3     1 
ATOM   462 C  C4     . DA  B 1 7 ? 5.092   2.997   -7.549  1.00 0.23 ? 17 DA  B C4     1 
ATOM   463 H  "H5'"  . DA  B 1 7 ? 2.569   -2.142  -8.628  1.00 0.48 ? 17 DA  B "H5'"  1 
ATOM   464 H  "H5''" . DA  B 1 7 ? 2.854   -2.812  -10.274 1.00 1.38 ? 17 DA  B "H5''" 1 
ATOM   465 H  "H4'"  . DA  B 1 7 ? 2.615   -0.438  -10.594 1.00 0.24 ? 17 DA  B "H4'"  1 
ATOM   466 H  "H3'"  . DA  B 1 7 ? 5.296   -1.710  -10.873 1.00 0.33 ? 17 DA  B "H3'"  1 
ATOM   467 H  "H2'"  . DA  B 1 7 ? 5.958   -0.582  -9.153  1.00 0.31 ? 17 DA  B "H2'"  1 
ATOM   468 H  "H2''" . DA  B 1 7 ? 6.604   0.620   -10.322 1.00 0.34 ? 17 DA  B "H2''" 1 
ATOM   469 H  "H1'"  . DA  B 1 7 ? 4.428   1.845   -10.058 1.00 0.36 ? 17 DA  B "H1'"  1 
ATOM   470 H  H8     . DA  B 1 7 ? 6.275   0.014   -7.394  1.00 0.31 ? 17 DA  B H8     1 
ATOM   471 H  H61    . DA  B 1 7 ? 6.057   5.161   -3.835  1.00 0.80 ? 17 DA  B H61    1 
ATOM   472 H  H62    . DA  B 1 7 ? 6.440   3.441   -3.842  1.00 0.97 ? 17 DA  B H62    1 
ATOM   473 H  H2     . DA  B 1 7 ? 4.360   6.130   -7.835  1.00 0.27 ? 17 DA  B H2     1 
ATOM   474 P  P      . DA  B 1 8 ? 5.527   0.198   -13.411 1.00 0.50 ? 18 DA  B P      1 
ATOM   475 O  OP1    . DA  B 1 8 ? 5.186   -0.553  -14.635 1.00 0.74 ? 18 DA  B OP1    1 
ATOM   476 O  OP2    . DA  B 1 8 ? 6.947   0.278   -13.000 1.00 1.03 ? 18 DA  B OP2    1 
ATOM   477 O  "O5'"  . DA  B 1 8 ? 5.075   1.724   -13.567 1.00 1.06 ? 18 DA  B "O5'"  1 
ATOM   478 C  "C5'"  . DA  B 1 8 ? 5.047   2.531   -12.369 1.00 1.07 ? 18 DA  B "C5'"  1 
ATOM   479 C  "C4'"  . DA  B 1 8 ? 5.556   3.896   -12.564 1.00 0.68 ? 18 DA  B "C4'"  1 
ATOM   480 O  "O4'"  . DA  B 1 8 ? 5.555   4.623   -11.301 1.00 1.07 ? 18 DA  B "O4'"  1 
ATOM   481 C  "C3'"  . DA  B 1 8 ? 6.984   3.926   -13.116 1.00 1.02 ? 18 DA  B "C3'"  1 
ATOM   482 O  "O3'"  . DA  B 1 8 ? 7.847   2.850   -12.737 1.00 2.04 ? 18 DA  B "O3'"  1 
ATOM   483 C  "C2'"  . DA  B 1 8 ? 7.518   5.183   -12.472 1.00 0.95 ? 18 DA  B "C2'"  1 
ATOM   484 C  "C1'"  . DA  B 1 8 ? 6.727   5.408   -11.189 1.00 0.80 ? 18 DA  B "C1'"  1 
ATOM   485 N  N9     . DA  B 1 8 ? 7.412   4.944   -9.983  1.00 0.63 ? 18 DA  B N9     1 
ATOM   486 C  C8     . DA  B 1 8 ? 7.758   3.676   -9.697  1.00 0.66 ? 18 DA  B C8     1 
ATOM   487 N  N7     . DA  B 1 8 ? 8.260   3.488   -8.488  1.00 0.68 ? 18 DA  B N7     1 
ATOM   488 C  C5     . DA  B 1 8 ? 8.213   4.768   -7.947  1.00 0.63 ? 18 DA  B C5     1 
ATOM   489 C  C6     . DA  B 1 8 ? 8.582   5.271   -6.675  1.00 0.70 ? 18 DA  B C6     1 
ATOM   490 N  N6     . DA  B 1 8 ? 9.046   4.506   -5.674  1.00 0.70 ? 18 DA  B N6     1 
ATOM   491 N  N1     . DA  B 1 8 ? 8.423   6.589   -6.469  1.00 0.89 ? 18 DA  B N1     1 
ATOM   492 C  C2     . DA  B 1 8 ? 7.915   7.362   -7.434  1.00 1.02 ? 18 DA  B C2     1 
ATOM   493 N  N3     . DA  B 1 8 ? 7.538   7.009   -8.657  1.00 0.94 ? 18 DA  B N3     1 
ATOM   494 C  C4     . DA  B 1 8 ? 7.707   5.682   -8.848  1.00 0.70 ? 18 DA  B C4     1 
ATOM   495 H  "H5'"  . DA  B 1 8 ? 5.709   2.128   -11.579 1.00 1.65 ? 18 DA  B "H5'"  1 
ATOM   496 H  "H5''" . DA  B 1 8 ? 4.006   2.583   -11.984 1.00 1.85 ? 18 DA  B "H5''" 1 
ATOM   497 H  "H4'"  . DA  B 1 8 ? 4.782   4.367   -13.157 1.00 1.45 ? 18 DA  B "H4'"  1 
ATOM   498 H  "H3'"  . DA  B 1 8 ? 6.962   3.990   -14.227 1.00 1.61 ? 18 DA  B "H3'"  1 
ATOM   499 H  "HO3'" . DA  B 1 8 ? 7.405   1.998   -12.967 1.00 2.18 ? 18 DA  B "HO3'" 1 
ATOM   500 H  "H2'"  . DA  B 1 8 ? 8.615   5.168   -12.333 1.00 1.08 ? 18 DA  B "H2'"  1 
ATOM   501 H  "H2''" . DA  B 1 8 ? 7.249   6.001   -13.123 1.00 1.36 ? 18 DA  B "H2''" 1 
ATOM   502 H  "H1'"  . DA  B 1 8 ? 6.416   6.474   -11.089 1.00 1.38 ? 18 DA  B "H1'"  1 
ATOM   503 H  H8     . DA  B 1 8 ? 7.548   2.979   -10.505 1.00 0.81 ? 18 DA  B H8     1 
ATOM   504 H  H61    . DA  B 1 8 ? 9.136   4.951   -4.782  1.00 0.75 ? 18 DA  B H61    1 
ATOM   505 H  H62    . DA  B 1 8 ? 9.041   3.517   -5.797  1.00 0.76 ? 18 DA  B H62    1 
ATOM   506 H  H2     . DA  B 1 8 ? 7.796   8.426   -7.196  1.00 1.27 ? 18 DA  B H2     1 
HETATM 507 O  O5     . 2GL C 2 . ? -4.700  1.199   -8.644  1.00 0.17 ? 1  2GL C O5     1 
HETATM 508 C  C1     . 2GL C 2 . ? -4.448  2.125   -7.577  1.00 0.19 ? 1  2GL C C1     1 
HETATM 509 C  C2     . 2GL C 2 . ? -4.550  3.476   -8.160  1.00 0.22 ? 1  2GL C C2     1 
HETATM 510 C  C3     . 2GL C 2 . ? -5.903  3.742   -8.749  1.00 0.19 ? 1  2GL C C3     1 
HETATM 511 O  O3     . 2GL C 2 . ? -5.718  4.970   -9.502  1.00 0.23 ? 1  2GL C O3     1 
HETATM 512 C  C4     . 2GL C 2 . ? -6.237  2.612   -9.730  1.00 0.20 ? 1  2GL C C4     1 
HETATM 513 O  O4     . 2GL C 2 . ? -5.339  2.608   -10.903 1.00 0.28 ? 1  2GL C O4     1 
HETATM 514 C  CME    . 2GL C 2 . ? -4.626  3.124   -13.100 1.00 1.09 ? 1  2GL C CME    1 
HETATM 515 C  CO4    . 2GL C 2 . ? -5.792  2.935   -12.127 1.00 0.70 ? 1  2GL C CO4    1 
HETATM 516 O  OC4    . 2GL C 2 . ? -6.964  3.040   -12.441 1.00 0.95 ? 1  2GL C OC4    1 
HETATM 517 C  C5     . 2GL C 2 . ? -6.093  1.301   -8.930  1.00 0.23 ? 1  2GL C C5     1 
HETATM 518 O  O1     . 2GL C 2 . ? -3.080  2.082   -7.153  1.00 0.27 ? 1  2GL C O1     1 
HETATM 519 C  C6     . 2GL C 2 . ? -6.550  0.124   -9.762  1.00 0.39 ? 1  2GL C C6     1 
HETATM 520 H  H1     . 2GL C 2 . ? -5.174  1.865   -6.768  1.00 0.21 ? 1  2GL C H1     1 
HETATM 521 H  H2     . 2GL C 2 . ? -3.758  3.545   -8.933  1.00 0.25 ? 1  2GL C H2     1 
HETATM 522 H  H22    . 2GL C 2 . ? -4.307  4.167   -7.330  1.00 0.29 ? 1  2GL C H22    1 
HETATM 523 H  H3     . 2GL C 2 . ? -6.657  3.867   -7.938  1.00 0.24 ? 1  2GL C H3     1 
HETATM 524 H  H4     . 2GL C 2 . ? -7.280  2.772   -10.048 1.00 0.28 ? 1  2GL C H4     1 
HETATM 525 H  HM41   . 2GL C 2 . ? -4.451  4.031   -12.479 1.00 1.93 ? 1  2GL C HM41   1 
HETATM 526 H  HM42   . 2GL C 2 . ? -3.536  3.056   -12.901 1.00 1.61 ? 1  2GL C HM42   1 
HETATM 527 H  HM43   . 2GL C 2 . ? -4.494  2.030   -12.948 1.00 1.08 ? 1  2GL C HM43   1 
HETATM 528 H  H5     . 2GL C 2 . ? -6.721  1.360   -8.005  1.00 0.27 ? 1  2GL C H5     1 
HETATM 529 H  H61    . 2GL C 2 . ? -6.037  0.119   -10.746 1.00 0.90 ? 1  2GL C H61    1 
HETATM 530 H  H62    . 2GL C 2 . ? -6.337  -0.831  -9.234  1.00 1.12 ? 1  2GL C H62    1 
HETATM 531 H  H63    . 2GL C 2 . ? -7.642  0.192   -9.948  1.00 1.04 ? 1  2GL C H63    1 
HETATM 532 C  C1     . 1GL C 2 . ? -6.981  5.536   -9.949  1.00 0.27 ? 2  1GL C C1     1 
HETATM 533 C  C2     . 1GL C 2 . ? -6.571  6.662   -10.873 1.00 0.29 ? 2  1GL C C2     1 
HETATM 534 C  C3     . 1GL C 2 . ? -5.775  7.707   -10.116 1.00 0.23 ? 2  1GL C C3     1 
HETATM 535 O  O3     . 1GL C 2 . ? -5.247  8.714   -10.983 1.00 0.27 ? 2  1GL C O3     1 
HETATM 536 C  C4     . 1GL C 2 . ? -6.642  8.234   -8.967  1.00 0.23 ? 2  1GL C C4     1 
HETATM 537 O  O4     . 1GL C 2 . ? -7.847  8.895   -9.509  1.00 0.30 ? 2  1GL C O4     1 
HETATM 538 C  CME    . 1GL C 2 . ? -7.683  10.314  -9.354  1.00 0.33 ? 2  1GL C CME    1 
HETATM 539 C  C5     . 1GL C 2 . ? -7.058  7.042   -8.090  1.00 0.22 ? 2  1GL C C5     1 
HETATM 540 O  O5     . 1GL C 2 . ? -7.819  6.095   -8.898  1.00 0.26 ? 2  1GL C O5     1 
HETATM 541 C  C6     . 1GL C 2 . ? -7.866  7.493   -6.891  1.00 0.29 ? 2  1GL C C6     1 
HETATM 542 H  H1     . 1GL C 2 . ? -7.579  4.788   -10.505 1.00 0.33 ? 2  1GL C H1     1 
HETATM 543 H  H2     . 1GL C 2 . ? -7.468  7.128   -11.328 1.00 0.33 ? 2  1GL C H2     1 
HETATM 544 H  H22    . 1GL C 2 . ? -5.964  6.188   -11.669 1.00 0.34 ? 2  1GL C H22    1 
HETATM 545 H  H3     . 1GL C 2 . ? -4.892  7.228   -9.636  1.00 0.21 ? 2  1GL C H3     1 
HETATM 546 H  HO3    . 1GL C 2 . ? -4.641  9.232   -10.411 1.00 0.29 ? 2  1GL C HO3    1 
HETATM 547 H  H4     . 1GL C 2 . ? -6.089  8.955   -8.342  1.00 0.24 ? 2  1GL C H4     1 
HETATM 548 H  HM41   . 1GL C 2 . ? -7.612  10.553  -8.270  1.00 1.15 ? 2  1GL C HM41   1 
HETATM 549 H  HM42   . 1GL C 2 . ? -8.558  10.824  -9.807  1.00 0.99 ? 2  1GL C HM42   1 
HETATM 550 H  HM43   . 1GL C 2 . ? -6.748  10.631  -9.865  1.00 0.95 ? 2  1GL C HM43   1 
HETATM 551 H  H5     . 1GL C 2 . ? -6.152  6.518   -7.710  1.00 0.18 ? 2  1GL C H5     1 
HETATM 552 H  H61    . 1GL C 2 . ? -8.003  6.634   -6.197  1.00 1.04 ? 2  1GL C H61    1 
HETATM 553 H  H62    . 1GL C 2 . ? -7.304  8.278   -6.338  1.00 0.86 ? 2  1GL C H62    1 
HETATM 554 H  H63    . 1GL C 2 . ? -8.841  7.907   -7.197  1.00 1.01 ? 2  1GL C H63    1 
HETATM 555 O  O5     . 2GL D 2 . ? 2.943   -8.305  4.432   1.00 0.29 ? 1  2GL D O5     1 
HETATM 556 C  C1     . 2GL D 2 . ? 3.243   -6.944  4.758   1.00 0.26 ? 1  2GL D C1     1 
HETATM 557 C  C2     . 2GL D 2 . ? 3.675   -6.934  6.164   1.00 0.28 ? 1  2GL D C2     1 
HETATM 558 C  C3     . 2GL D 2 . ? 4.904   -7.775  6.349   1.00 0.30 ? 1  2GL D C3     1 
HETATM 559 O  O3     . 2GL D 2 . ? 5.050   -7.873  7.789   1.00 0.34 ? 1  2GL D O3     1 
HETATM 560 C  C4     . 2GL D 2 . ? 4.641   -9.178  5.775   1.00 0.37 ? 1  2GL D C4     1 
HETATM 561 O  O4     . 2GL D 2 . ? 3.576   -9.894  6.506   1.00 0.46 ? 1  2GL D O4     1 
HETATM 562 C  CME    . 2GL D 2 . ? 2.687   -10.747 8.383   1.00 0.92 ? 1  2GL D CME    1 
HETATM 563 C  CO4    . 2GL D 2 . ? 3.833   -10.807 7.413   1.00 0.67 ? 1  2GL D CO4    1 
HETATM 564 O  OC4    . 2GL D 2 . ? 4.894   -11.373 7.605   1.00 0.95 ? 1  2GL D OC4    1 
HETATM 565 C  C5     . 2GL D 2 . ? 4.208   -8.939  4.314   1.00 0.43 ? 1  2GL D C5     1 
HETATM 566 O  O1     . 2GL D 2 . ? 2.055   -6.168  4.791   1.00 0.28 ? 1  2GL D O1     1 
HETATM 567 C  C6     . 2GL D 2 . ? 4.082   -10.236 3.551   1.00 0.67 ? 1  2GL D C6     1 
HETATM 568 H  H1     . 2GL D 2 . ? 3.967   -6.589  3.976   1.00 0.28 ? 1  2GL D H1     1 
HETATM 569 H  H2     . 2GL D 2 . ? 2.822   -7.306  6.766   1.00 0.31 ? 1  2GL D H2     1 
HETATM 570 H  H22    . 2GL D 2 . ? 3.843   -5.867  6.396   1.00 0.32 ? 1  2GL D H22    1 
HETATM 571 H  H3     . 2GL D 2 . ? 5.779   -7.268  5.881   1.00 0.32 ? 1  2GL D H3     1 
HETATM 572 H  H4     . 2GL D 2 . ? 5.584   -9.741  5.836   1.00 0.41 ? 1  2GL D H4     1 
HETATM 573 H  HM41   . 2GL D 2 . ? 2.832   -11.523 9.156   1.00 1.17 ? 1  2GL D HM41   1 
HETATM 574 H  HM42   . 2GL D 2 . ? 1.726   -10.902 7.847   1.00 1.39 ? 1  2GL D HM42   1 
HETATM 575 H  HM43   . 2GL D 2 . ? 2.671   -9.739  8.850   1.00 1.57 ? 1  2GL D HM43   1 
HETATM 576 H  H5     . 2GL D 2 . ? 4.961   -8.296  3.793   1.00 1.33 ? 1  2GL D H5     1 
HETATM 577 H  H61    . 2GL D 2 . ? 3.485   -10.973 4.126   1.00 1.57 ? 1  2GL D H61    1 
HETATM 578 H  H62    . 2GL D 2 . ? 3.591   -10.049 2.571   1.00 1.13 ? 1  2GL D H62    1 
HETATM 579 H  H63    . 2GL D 2 . ? 5.088   -10.665 3.367   1.00 1.04 ? 1  2GL D H63    1 
HETATM 580 C  C1     . 1GL D 2 . ? 6.343   -8.420  8.166   1.00 0.38 ? 2  1GL D C1     1 
HETATM 581 C  C2     . 1GL D 2 . ? 6.238   -8.613  9.662   1.00 0.40 ? 2  1GL D C2     1 
HETATM 582 C  C3     . 1GL D 2 . ? 6.039   -7.276  10.353  1.00 0.36 ? 2  1GL D C3     1 
HETATM 583 O  O3     . 1GL D 2 . ? 5.781   -7.421  11.750  1.00 0.39 ? 2  1GL D O3     1 
HETATM 584 C  C4     . 1GL D 2 . ? 7.225   -6.371  10.009  1.00 0.38 ? 2  1GL D C4     1 
HETATM 585 O  O4     . 1GL D 2 . ? 8.478   -6.967  10.520  1.00 0.42 ? 2  1GL D O4     1 
HETATM 586 C  CME    . 1GL D 2 . ? 8.897   -6.214  11.671  1.00 0.46 ? 2  1GL D CME    1 
HETATM 587 C  C5     . 1GL D 2 . ? 7.300   -6.240  8.479   1.00 0.39 ? 2  1GL D C5     1 
HETATM 588 O  O5     . 1GL D 2 . ? 7.489   -7.567  7.894   1.00 0.41 ? 2  1GL D O5     1 
HETATM 589 C  C6     . 1GL D 2 . ? 8.420   -5.311  8.058   1.00 0.45 ? 2  1GL D C6     1 
HETATM 590 H  H1     . 1GL D 2 . ? 6.514   -9.396  7.666   1.00 0.43 ? 2  1GL D H1     1 
HETATM 591 H  H2     . 1GL D 2 . ? 7.153   -9.105  10.048  1.00 0.45 ? 2  1GL D H2     1 
HETATM 592 H  H22    . 1GL D 2 . ? 5.373   -9.287  9.808   1.00 0.41 ? 2  1GL D H22    1 
HETATM 593 H  H3     . 1GL D 2 . ? 5.139   -6.772  9.931   1.00 0.33 ? 2  1GL D H3     1 
HETATM 594 H  HO3    . 1GL D 2 . ? 5.523   -6.521  12.036  1.00 0.40 ? 2  1GL D HO3    1 
HETATM 595 H  H4     . 1GL D 2 . ? 7.106   -5.365  10.443  1.00 0.37 ? 2  1GL D H4     1 
HETATM 596 H  HM41   . 1GL D 2 . ? 9.802   -6.690  12.099  1.00 0.97 ? 2  1GL D HM41   1 
HETATM 597 H  HM42   . 1GL D 2 . ? 9.122   -5.169  11.359  1.00 1.17 ? 2  1GL D HM42   1 
HETATM 598 H  HM43   . 1GL D 2 . ? 8.078   -6.207  12.422  1.00 0.82 ? 2  1GL D HM43   1 
HETATM 599 H  H5     . 1GL D 2 . ? 6.342   -5.825  8.090   1.00 0.36 ? 2  1GL D H5     1 
HETATM 600 H  H61    . 1GL D 2 . ? 8.310   -4.337  8.585   1.00 1.14 ? 2  1GL D H61    1 
HETATM 601 H  H62    . 1GL D 2 . ? 9.409   -5.737  8.304   1.00 0.82 ? 2  1GL D H62    1 
HETATM 602 H  H63    . 1GL D 2 . ? 8.343   -5.110  6.968   1.00 0.64 ? 2  1GL D H63    1 
HETATM 603 C  C1     . DDA E 3 . ? 0.073   -5.521  -5.640  1.00 0.33 ? 1  DDA E C1     1 
HETATM 604 C  C2     . DDA E 3 . ? 0.550   -4.445  -6.510  1.00 0.36 ? 1  DDA E C2     1 
HETATM 605 C  C3     . DDA E 3 . ? -0.593  -3.797  -7.116  1.00 0.34 ? 1  DDA E C3     1 
HETATM 606 C  C4     . DDA E 3 . ? -1.088  -4.828  -8.100  1.00 0.61 ? 1  DDA E C4     1 
HETATM 607 C  C5     . DDA E 3 . ? -1.124  -6.320  -7.577  1.00 0.57 ? 1  DDA E C5     1 
HETATM 608 C  C6     . DDA E 3 . ? -0.349  -7.306  -8.440  1.00 1.10 ? 1  DDA E C6     1 
HETATM 609 O  O5     . DDA E 3 . ? -0.539  -6.578  -6.304  1.00 0.47 ? 1  DDA E O5     1 
HETATM 610 O  O1     . DDA E 3 . ? 1.260   -5.964  -5.001  1.00 0.39 ? 1  DDA E O1     1 
HETATM 611 O  O3     . DDA E 3 . ? 0.049   -2.713  -7.828  1.00 0.44 ? 1  DDA E O3     1 
HETATM 612 O  O4     . DDA E 3 . ? -2.389  -4.519  -8.619  1.00 1.03 ? 1  DDA E O4     1 
HETATM 613 H  H1     . DDA E 3 . ? -0.755  -5.300  -4.984  1.00 0.41 ? 1  DDA E H1     1 
HETATM 614 H  H21    . DDA E 3 . ? 1.270   -4.827  -7.272  1.00 0.48 ? 1  DDA E H21    1 
HETATM 615 H  H22    . DDA E 3 . ? 1.071   -3.684  -5.891  1.00 0.42 ? 1  DDA E H22    1 
HETATM 616 H  H3     . DDA E 3 . ? -1.359  -3.440  -6.395  1.00 0.28 ? 1  DDA E H3     1 
HETATM 617 H  H4     . DDA E 3 . ? -0.331  -4.901  -8.925  1.00 1.41 ? 1  DDA E H4     1 
HETATM 618 H  H5     . DDA E 3 . ? -2.170  -6.559  -7.321  1.00 0.88 ? 1  DDA E H5     1 
HETATM 619 H  H61    . DDA E 3 . ? 0.738   -7.037  -8.406  1.00 1.66 ? 1  DDA E H61    1 
HETATM 620 H  H62    . DDA E 3 . ? -0.409  -8.319  -7.970  1.00 1.53 ? 1  DDA E H62    1 
HETATM 621 H  H63    . DDA E 3 . ? -0.700  -7.364  -9.481  1.00 1.49 ? 1  DDA E H63    1 
HETATM 622 H  HO4    . DDA E 3 . ? -2.242  -3.680  -9.095  1.00 1.15 ? 1  DDA E HO4    1 
HETATM 623 C  C1     . DDA E 3 . ? -0.879  -1.672  -8.103  1.00 0.32 ? 2  DDA E C1     1 
HETATM 624 C  C2     . DDA E 3 . ? -0.036  -0.513  -8.534  1.00 0.35 ? 2  DDA E C2     1 
HETATM 625 C  C3     . DDA E 3 . ? -0.867  0.586   -9.156  1.00 0.30 ? 2  DDA E C3     1 
HETATM 626 C  C4     . DDA E 3 . ? -1.904  0.048   -10.140 1.00 0.28 ? 2  DDA E C4     1 
HETATM 627 C  C5     . DDA E 3 . ? -2.639  -1.083  -9.495  1.00 0.26 ? 2  DDA E C5     1 
HETATM 628 C  C6     . DDA E 3 . ? -3.648  -1.740  -10.358 1.00 0.33 ? 2  DDA E C6     1 
HETATM 629 O  O5     . DDA E 3 . ? -1.638  -2.058  -9.249  1.00 0.33 ? 2  DDA E O5     1 
HETATM 630 O  O3     . DDA E 3 . ? 0.024   1.346   -9.998  1.00 0.36 ? 2  DDA E O3     1 
HETATM 631 O  O4     . DDA E 3 . ? -2.802  1.059   -10.607 1.00 0.28 ? 2  DDA E O4     1 
HETATM 632 H  H1     . DDA E 3 . ? -1.534  -1.461  -7.237  1.00 0.25 ? 2  DDA E H1     1 
HETATM 633 H  H21    . DDA E 3 . ? 0.650   -0.926  -9.277  1.00 0.43 ? 2  DDA E H21    1 
HETATM 634 H  H22    . DDA E 3 . ? 0.558   -0.131  -7.667  1.00 0.38 ? 2  DDA E H22    1 
HETATM 635 H  H3     . DDA E 3 . ? -1.304  1.179   -8.334  1.00 0.28 ? 2  DDA E H3     1 
HETATM 636 H  H4     . DDA E 3 . ? -1.358  -0.397  -10.985 1.00 0.34 ? 2  DDA E H4     1 
HETATM 637 H  H5     . DDA E 3 . ? -3.106  -0.741  -8.568  1.00 0.19 ? 2  DDA E H5     1 
HETATM 638 H  H61    . DDA E 3 . ? -3.137  -2.219  -11.215 1.00 1.07 ? 2  DDA E H61    1 
HETATM 639 H  H62    . DDA E 3 . ? -4.177  -2.494  -9.738  1.00 1.15 ? 2  DDA E H62    1 
HETATM 640 H  H63    . DDA E 3 . ? -4.347  -0.966  -10.707 1.00 1.10 ? 2  DDA E H63    1 
HETATM 641 H  HO4    . DDA E 3 . ? -3.322  1.298   -9.814  1.00 0.24 ? 2  DDA E HO4    1 
HETATM 642 C  C1     . ERI E 3 . ? 0.856   2.250   -9.261  1.00 0.63 ? 3  ERI E C1     1 
HETATM 643 C  C2     . ERI E 3 . ? 1.662   2.966   -10.320 1.00 0.75 ? 3  ERI E C2     1 
HETATM 644 C  C3     . ERI E 3 . ? 0.890   3.985   -11.160 1.00 0.61 ? 3  ERI E C3     1 
HETATM 645 O  O3     . ERI E 3 . ? 1.840   4.733   -11.897 1.00 0.77 ? 3  ERI E O3     1 
HETATM 646 C  CC3    . ERI E 3 . ? 0.003   3.303   -12.188 1.00 0.74 ? 3  ERI E CC3    1 
HETATM 647 C  C4     . ERI E 3 . ? 0.054   4.898   -10.243 1.00 0.38 ? 3  ERI E C4     1 
HETATM 648 O  O4     . ERI E 3 . ? -0.867  5.786   -10.975 1.00 0.44 ? 3  ERI E O4     1 
HETATM 649 C  CME    . ERI E 3 . ? -1.734  7.918   -11.180 1.00 0.59 ? 3  ERI E CME    1 
HETATM 650 C  CO4    . ERI E 3 . ? -0.492  7.072   -11.104 1.00 0.56 ? 3  ERI E CO4    1 
HETATM 651 O  OC4    . ERI E 3 . ? 0.622   7.522   -10.908 1.00 1.24 ? 3  ERI E OC4    1 
HETATM 652 C  C5     . ERI E 3 . ? -0.760  4.046   -9.276  1.00 0.26 ? 3  ERI E C5     1 
HETATM 653 O  O5     . ERI E 3 . ? 0.185   3.282   -8.500  1.00 0.38 ? 3  ERI E O5     1 
HETATM 654 C  C6     . ERI E 3 . ? -1.484  4.930   -8.285  1.00 0.35 ? 3  ERI E C6     1 
HETATM 655 H  H1     . ERI E 3 . ? 1.445   1.644   -8.529  1.00 1.26 ? 3  ERI E H1     1 
HETATM 656 H  H21    . ERI E 3 . ? 2.476   3.474   -9.769  1.00 0.85 ? 3  ERI E H21    1 
HETATM 657 H  H22    . ERI E 3 . ? 2.111   2.200   -10.986 1.00 0.98 ? 3  ERI E H22    1 
HETATM 658 H  HO3    . ERI E 3 . ? 2.487   5.023   -11.248 1.00 0.73 ? 3  ERI E HO3    1 
HETATM 659 H  H31    . ERI E 3 . ? 0.601   2.556   -12.750 1.00 0.96 ? 3  ERI E H31    1 
HETATM 660 H  H32    . ERI E 3 . ? -0.856  2.774   -11.724 1.00 1.09 ? 3  ERI E H32    1 
HETATM 661 H  H33    . ERI E 3 . ? -0.403  4.045   -12.901 1.00 1.15 ? 3  ERI E H33    1 
HETATM 662 H  H4     . ERI E 3 . ? 0.753   5.497   -9.617  1.00 0.50 ? 3  ERI E H4     1 
HETATM 663 H  H41    . ERI E 3 . ? -1.436  8.983   -11.137 1.00 1.36 ? 3  ERI E H41    1 
HETATM 664 H  H42    . ERI E 3 . ? -2.292  7.717   -12.116 1.00 1.21 ? 3  ERI E H42    1 
HETATM 665 H  H43    . ERI E 3 . ? -2.389  7.709   -10.306 1.00 1.11 ? 3  ERI E H43    1 
HETATM 666 H  H5     . ERI E 3 . ? -1.482  3.370   -9.783  1.00 0.32 ? 3  ERI E H5     1 
HETATM 667 H  H61    . ERI E 3 . ? -2.291  5.510   -8.776  1.00 0.75 ? 3  ERI E H61    1 
HETATM 668 H  H62    . ERI E 3 . ? -1.951  4.302   -7.498  1.00 1.10 ? 3  ERI E H62    1 
HETATM 669 H  H63    . ERI E 3 . ? -0.781  5.623   -7.780  1.00 0.68 ? 3  ERI E H63    1 
HETATM 670 C  C1     . DDA F 3 . ? -3.277  -7.127  -1.743  1.00 0.42 ? 1  DDA F C1     1 
HETATM 671 C  C2     . DDA F 3 . ? -3.487  -7.236  -0.284  1.00 0.43 ? 1  DDA F C2     1 
HETATM 672 C  C3     . DDA F 3 . ? -2.231  -7.749  0.303   1.00 0.24 ? 1  DDA F C3     1 
HETATM 673 C  C4     . DDA F 3 . ? -1.915  -9.129  -0.328  1.00 0.60 ? 1  DDA F C4     1 
HETATM 674 C  C5     . DDA F 3 . ? -1.995  -9.072  -1.875  1.00 0.68 ? 1  DDA F C5     1 
HETATM 675 C  C6     . DDA F 3 . ? -2.002  -10.446 -2.502  1.00 1.18 ? 1  DDA F C6     1 
HETATM 676 O  O5     . DDA F 3 . ? -3.249  -8.461  -2.246  1.00 0.65 ? 1  DDA F O5     1 
HETATM 677 O  O1     . DDA F 3 . ? -4.447  -6.450  -2.174  1.00 0.57 ? 1  DDA F O1     1 
HETATM 678 O  O3     . DDA F 3 . ? -2.620  -7.892  1.689   1.00 0.34 ? 1  DDA F O3     1 
HETATM 679 O  O4     . DDA F 3 . ? -0.601  -9.570  0.027   1.00 1.56 ? 1  DDA F O4     1 
HETATM 680 H  H1     . DDA F 3 . ? -2.320  -6.617  -1.980  1.00 0.38 ? 1  DDA F H1     1 
HETATM 681 H  H21    . DDA F 3 . ? -4.360  -7.901  -0.067  1.00 0.69 ? 1  DDA F H21    1 
HETATM 682 H  H22    . DDA F 3 . ? -3.704  -6.243  0.169   1.00 0.77 ? 1  DDA F H22    1 
HETATM 683 H  H3     . DDA F 3 . ? -1.393  -7.022  0.200   1.00 0.48 ? 1  DDA F H3     1 
HETATM 684 H  H4     . DDA F 3 . ? -2.676  -9.860  0.030   1.00 0.99 ? 1  DDA F H4     1 
HETATM 685 H  H5     . DDA F 3 . ? -1.156  -8.467  -2.284  1.00 1.28 ? 1  DDA F H5     1 
HETATM 686 H  H61    . DDA F 3 . ? -2.892  -11.009 -2.147  1.00 1.53 ? 1  DDA F H61    1 
HETATM 687 H  H62    . DDA F 3 . ? -1.084  -11.008 -2.240  1.00 1.77 ? 1  DDA F H62    1 
HETATM 688 H  H63    . DDA F 3 . ? -2.081  -10.350 -3.608  1.00 1.66 ? 1  DDA F H63    1 
HETATM 689 H  HO4    . DDA F 3 . ? -0.646  -9.631  0.999   1.00 1.76 ? 1  DDA F HO4    1 
HETATM 690 C  C1     . DDA F 3 . ? -1.481  -7.842  2.544   1.00 0.28 ? 2  DDA F C1     1 
HETATM 691 C  C2     . DDA F 3 . ? -1.994  -7.404  3.895   1.00 0.29 ? 2  DDA F C2     1 
HETATM 692 C  C3     . DDA F 3 . ? -0.989  -7.636  5.010   1.00 0.27 ? 2  DDA F C3     1 
HETATM 693 C  C4     . DDA F 3 . ? -0.354  -9.020  4.908   1.00 0.30 ? 2  DDA F C4     1 
HETATM 694 C  C5     . DDA F 3 . ? 0.111   -9.235  3.495   1.00 0.31 ? 2  DDA F C5     1 
HETATM 695 C  C6     . DDA F 3 . ? 0.734   -10.554 3.256   1.00 0.39 ? 2  DDA F C6     1 
HETATM 696 O  O5     . DDA F 3 . ? -1.054  -9.195  2.686   1.00 0.35 ? 2  DDA F O5     1 
HETATM 697 O  O3     . DDA F 3 . ? -1.745  -7.697  6.243   1.00 0.31 ? 2  DDA F O3     1 
HETATM 698 O  O4     . DDA F 3 . ? 0.714   -9.203  5.844   1.00 0.29 ? 2  DDA F O4     1 
HETATM 699 H  H1     . DDA F 3 . ? -0.664  -7.214  2.136   1.00 0.22 ? 2  DDA F H1     1 
HETATM 700 H  H21    . DDA F 3 . ? -2.869  -8.035  4.073   1.00 0.34 ? 2  DDA F H21    1 
HETATM 701 H  H22    . DDA F 3 . ? -2.319  -6.335  3.880   1.00 0.29 ? 2  DDA F H22    1 
HETATM 702 H  H3     . DDA F 3 . ? -0.232  -6.832  5.037   1.00 0.24 ? 2  DDA F H3     1 
HETATM 703 H  H4     . DDA F 3 . ? -1.135  -9.770  5.080   1.00 0.35 ? 2  DDA F H4     1 
HETATM 704 H  H5     . DDA F 3 . ? 0.812   -8.444  3.217   1.00 0.27 ? 2  DDA F H5     1 
HETATM 705 H  H61    . DDA F 3 . ? -0.035  -11.343 3.336   1.00 0.80 ? 2  DDA F H61    1 
HETATM 706 H  H62    . DDA F 3 . ? 1.176   -10.531 2.237   1.00 1.06 ? 2  DDA F H62    1 
HETATM 707 H  H63    . DDA F 3 . ? 1.516   -10.694 4.017   1.00 1.01 ? 2  DDA F H63    1 
HETATM 708 H  HO4    . DDA F 3 . ? 1.447   -8.663  5.494   1.00 0.25 ? 2  DDA F HO4    1 
HETATM 709 C  C1     . ERI F 3 . ? -1.999  -6.400  6.815   1.00 0.31 ? 3  ERI F C1     1 
HETATM 710 C  C2     . ERI F 3 . ? -2.697  -6.677  8.128   1.00 0.38 ? 3  ERI F C2     1 
HETATM 711 C  C3     . ERI F 3 . ? -1.816  -7.219  9.249   1.00 0.38 ? 3  ERI F C3     1 
HETATM 712 O  O3     . ERI F 3 . ? -2.575  -7.165  10.443  1.00 0.47 ? 3  ERI F O3     1 
HETATM 713 C  CC3    . ERI F 3 . ? -1.479  -8.683  9.031   1.00 0.36 ? 3  ERI F CC3    1 
HETATM 714 C  C4     . ERI F 3 . ? -0.540  -6.367  9.367   1.00 0.33 ? 3  ERI F C4     1 
HETATM 715 O  O4     . ERI F 3 . ? 0.454   -6.922  10.307  1.00 0.34 ? 3  ERI F O4     1 
HETATM 716 C  CME    . ERI F 3 . ? 1.980   -6.510  12.004  1.00 0.36 ? 3  ERI F CME    1 
HETATM 717 C  CO4    . ERI F 3 . ? 0.575   -6.307  11.502  1.00 0.33 ? 3  ERI F CO4    1 
HETATM 718 O  OC4    . ERI F 3 . ? -0.208  -5.512  11.988  1.00 0.29 ? 3  ERI F OC4    1 
HETATM 719 C  C5     . ERI F 3 . ? 0.112   -6.228  7.994   1.00 0.25 ? 3  ERI F C5     1 
HETATM 720 O  O5     . ERI F 3 . ? -0.849  -5.572  7.133   1.00 0.27 ? 3  ERI F O5     1 
HETATM 721 C  C6     . ERI F 3 . ? 1.308   -5.301  8.095   1.00 0.25 ? 3  ERI F C6     1 
HETATM 722 H  H1     . ERI F 3 . ? -2.613  -5.831  6.078   1.00 0.32 ? 3  ERI F H1     1 
HETATM 723 H  H21    . ERI F 3 . ? -3.129  -5.707  8.446   1.00 0.40 ? 3  ERI F H21    1 
HETATM 724 H  H22    . ERI F 3 . ? -3.525  -7.386  7.931   1.00 0.41 ? 3  ERI F H22    1 
HETATM 725 H  HO3    . ERI F 3 . ? -3.048  -6.327  10.406  1.00 1.10 ? 3  ERI F HO3    1 
HETATM 726 H  H31    . ERI F 3 . ? -2.412  -9.253  8.843   1.00 0.94 ? 3  ERI F H31    1 
HETATM 727 H  H32    . ERI F 3 . ? -0.802  -8.838  8.166   1.00 0.81 ? 3  ERI F H32    1 
HETATM 728 H  H33    . ERI F 3 . ? -0.981  -9.100  9.927   1.00 0.75 ? 3  ERI F H33    1 
HETATM 729 H  H4     . ERI F 3 . ? -0.841  -5.343  9.683   1.00 0.39 ? 3  ERI F H4     1 
HETATM 730 H  H41    . ERI F 3 . ? 2.711   -6.166  11.241  1.00 1.25 ? 3  ERI F H41    1 
HETATM 731 H  H42    . ERI F 3 . ? 2.115   -5.892  12.914  1.00 1.13 ? 3  ERI F H42    1 
HETATM 732 H  H43    . ERI F 3 . ? 2.161   -7.576  12.240  1.00 0.92 ? 3  ERI F H43    1 
HETATM 733 H  H5     . ERI F 3 . ? 0.418   -7.203  7.555   1.00 0.22 ? 3  ERI F H5     1 
HETATM 734 H  H61    . ERI F 3 . ? 1.018   -4.327  8.544   1.00 0.91 ? 3  ERI F H61    1 
HETATM 735 H  H62    . ERI F 3 . ? 2.120   -5.753  8.701   1.00 0.89 ? 3  ERI F H62    1 
HETATM 736 H  H63    . ERI F 3 . ? 1.716   -5.097  7.085   1.00 1.05 ? 3  ERI F H63    1 
HETATM 737 CO CO     . CO  G 4 . ? -0.891  -3.261  -1.901  1.00 0.14 ? 41 CO  A CO     1 
HETATM 738 C  C1     . CPH H 5 . ? -3.427  -4.182  -2.451  1.00 0.42 ? 33 CPH A C1     1 
HETATM 739 O  O1     . CPH H 5 . ? -2.495  -4.309  -1.657  1.00 0.73 ? 33 CPH A O1     1 
HETATM 740 C  C2     . CPH H 5 . ? -4.192  -5.389  -3.122  1.00 0.23 ? 33 CPH A C2     1 
HETATM 741 C  C3     . CPH H 5 . ? -5.605  -4.957  -3.573  1.00 0.33 ? 33 CPH A C3     1 
HETATM 742 C  C4     . CPH H 5 . ? -5.471  -3.942  -4.580  1.00 0.38 ? 33 CPH A C4     1 
HETATM 743 C  C5     . CPH H 5 . ? -3.671  -0.111  -6.262  1.00 0.25 ? 33 CPH A C5     1 
HETATM 744 C  C6     . CPH H 5 . ? -2.819  0.984   -6.294  1.00 0.24 ? 33 CPH A C6     1 
HETATM 745 C  C7     . CPH H 5 . ? -1.621  1.000   -5.584  1.00 0.25 ? 33 CPH A C7     1 
HETATM 746 C  C8     . CPH H 5 . ? -1.339  -0.080  -4.749  1.00 0.27 ? 33 CPH A C8     1 
HETATM 747 O  O8     . CPH H 5 . ? -0.104  -0.174  -4.110  1.00 0.44 ? 33 CPH A O8     1 
HETATM 748 C  C9     . CPH H 5 . ? -2.248  -2.053  -3.481  1.00 0.60 ? 33 CPH A C9     1 
HETATM 749 O  O9     . CPH H 5 . ? -1.584  -1.549  -2.354  1.00 1.03 ? 33 CPH A O9     1 
HETATM 750 C  "C1'"  . CPH H 5 . ? -6.541  -5.997  -4.272  1.00 0.50 ? 33 CPH A "C1'"  1 
HETATM 751 O  "O1'"  . CPH H 5 . ? -6.090  -6.453  -5.578  1.00 0.66 ? 33 CPH A "O1'"  1 
HETATM 752 C  C10    . CPH H 5 . ? -4.393  -2.072  -5.369  1.00 0.31 ? 33 CPH A C10    1 
HETATM 753 C  "C2'"  . CPH H 5 . ? -7.693  -6.838  -3.666  1.00 0.95 ? 33 CPH A "C2'"  1 
HETATM 754 O  "O2'"  . CPH H 5 . ? -8.179  -7.827  -4.208  1.00 1.82 ? 33 CPH A "O2'"  1 
HETATM 755 C  "C3'"  . CPH H 5 . ? -8.205  -6.276  -2.338  1.00 0.86 ? 33 CPH A "C3'"  1 
HETATM 756 O  "O3'"  . CPH H 5 . ? -7.225  -6.036  -1.314  1.00 1.83 ? 33 CPH A "O3'"  1 
HETATM 757 C  "C4'"  . CPH H 5 . ? -9.015  -5.069  -2.774  1.00 1.44 ? 33 CPH A "C4'"  1 
HETATM 758 O  "O4'"  . CPH H 5 . ? -9.475  -4.274  -1.691  1.00 2.16 ? 33 CPH A "O4'"  1 
HETATM 759 C  C4A    . CPH H 5 . ? -4.351  -2.996  -4.388  1.00 0.36 ? 33 CPH A C4A    1 
HETATM 760 C  "C5'"  . CPH H 5 . ? -10.249 -5.669  -3.361  1.00 1.95 ? 33 CPH A "C5'"  1 
HETATM 761 C  C5A    . CPH H 5 . ? -3.417  -1.127  -5.418  1.00 0.24 ? 33 CPH A C5A    1 
HETATM 762 C  C8A    . CPH H 5 . ? -2.288  -1.112  -4.544  1.00 0.33 ? 33 CPH A C8A    1 
HETATM 763 C  C9A    . CPH H 5 . ? -3.314  -3.034  -3.443  1.00 0.46 ? 33 CPH A C9A    1 
HETATM 764 C  CC7    . CPH H 5 . ? -0.663  2.146   -5.739  1.00 0.33 ? 33 CPH A CC7    1 
HETATM 765 C  CME    . CPH H 5 . ? -5.479  -7.740  -5.506  1.00 0.78 ? 33 CPH A CME    1 
HETATM 766 H  H2     . CPH H 5 . ? -3.661  -5.777  -4.012  1.00 0.27 ? 33 CPH A H2     1 
HETATM 767 H  H3     . CPH H 5 . ? -6.127  -4.488  -2.720  1.00 0.47 ? 33 CPH A H3     1 
HETATM 768 H  H5     . CPH H 5 . ? -4.586  -0.191  -6.820  1.00 0.32 ? 33 CPH A H5     1 
HETATM 769 H  HO8    . CPH H 5 . ? -0.324  -0.740  -3.359  1.00 1.13 ? 33 CPH A HO8    1 
HETATM 770 H  "H1'"  . CPH H 5 . ? -6.216  -6.573  -3.492  1.00 0.81 ? 33 CPH A "H1'"  1 
HETATM 771 H  "H3'"  . CPH H 5 . ? -8.739  -7.128  -1.958  1.00 1.43 ? 33 CPH A "H3'"  1 
HETATM 772 H  "H4'"  . CPH H 5 . ? -8.416  -4.513  -3.557  1.00 2.16 ? 33 CPH A "H4'"  1 
HETATM 773 H  H41    . CPH H 5 . ? -5.213  -4.486  -5.500  1.00 1.09 ? 33 CPH A H41    1 
HETATM 774 H  H42    . CPH H 5 . ? -6.508  -3.547  -4.602  1.00 0.81 ? 33 CPH A H42    1 
HETATM 775 H  H102   . CPH H 5 . ? -5.238  -2.077  -6.045  1.00 0.40 ? 33 CPH A H102   1 
HETATM 776 H  H71    . CPH H 5 . ? 0.013   1.925   -6.583  1.00 1.16 ? 33 CPH A H71    1 
HETATM 777 H  H72    . CPH H 5 . ? -1.183  3.112   -5.930  1.00 1.19 ? 33 CPH A H72    1 
HETATM 778 H  H73    . CPH H 5 . ? -0.024  2.275   -4.851  1.00 0.82 ? 33 CPH A H73    1 
HETATM 779 H  H11    . CPH H 5 . ? -5.302  -8.059  -4.462  1.00 1.61 ? 33 CPH A H11    1 
HETATM 780 H  H12    . CPH H 5 . ? -4.551  -7.696  -6.110  1.00 1.50 ? 33 CPH A H12    1 
HETATM 781 H  H13    . CPH H 5 . ? -6.214  -8.422  -5.999  1.00 0.59 ? 33 CPH A H13    1 
HETATM 782 H  HO3    . CPH H 5 . ? -7.712  -6.045  -0.452  1.00 2.10 ? 33 CPH A HO3    1 
HETATM 783 H  HO4    . CPH H 5 . ? -9.028  -3.393  -1.718  1.00 2.40 ? 33 CPH A HO4    1 
HETATM 784 H  H51    . CPH H 5 . ? -10.648 -6.367  -2.591  1.00 2.69 ? 33 CPH A H51    1 
HETATM 785 H  H52    . CPH H 5 . ? -10.000 -6.213  -4.294  1.00 2.13 ? 33 CPH A H52    1 
HETATM 786 H  H53    . CPH H 5 . ? -10.942 -4.839  -3.552  1.00 2.28 ? 33 CPH A H53    1 
HETATM 787 C  C1     . CPH I 5 . ? 0.525   -5.469  -2.776  1.00 0.47 ? 23 CPH B C1     1 
HETATM 788 O  O1     . CPH I 5 . ? -0.277  -4.590  -3.054  1.00 0.72 ? 23 CPH B O1     1 
HETATM 789 C  C2     . CPH I 5 . ? 0.974   -6.558  -3.739  1.00 0.30 ? 23 CPH B C2     1 
HETATM 790 C  C3     . CPH I 5 . ? 2.313   -7.126  -3.285  1.00 0.30 ? 23 CPH B C3     1 
HETATM 791 C  C4     . CPH I 5 . ? 2.047   -7.882  -2.042  1.00 0.36 ? 23 CPH B C4     1 
HETATM 792 C  C5     . CPH I 5 . ? 2.178   -6.497  2.361   1.00 0.31 ? 23 CPH B C5     1 
HETATM 793 C  C6     . CPH I 5 . ? 1.666   -5.819  3.479   1.00 0.25 ? 23 CPH B C6     1 
HETATM 794 C  C7     . CPH I 5 . ? 0.699   -4.827  3.390   1.00 0.23 ? 23 CPH B C7     1 
HETATM 795 C  C8     . CPH I 5 . ? 0.235   -4.523  2.117   1.00 0.26 ? 23 CPH B C8     1 
HETATM 796 O  O8     . CPH I 5 . ? -0.703  -3.519  1.927   1.00 0.45 ? 23 CPH B O8     1 
HETATM 797 C  C9     . CPH I 5 . ? 0.420   -4.826  -0.338  1.00 0.58 ? 23 CPH B C9     1 
HETATM 798 O  O9     . CPH I 5 . ? 0.418   -3.440  -0.520  1.00 1.08 ? 23 CPH B O9     1 
HETATM 799 C  "C1'"  . CPH I 5 . ? 3.127   -8.035  -4.186  1.00 0.57 ? 23 CPH B "C1'"  1 
HETATM 800 O  "O1'"  . CPH I 5 . ? 4.535   -7.732  -4.137  1.00 1.43 ? 23 CPH B "O1'"  1 
HETATM 801 C  C10    . CPH I 5 . ? 2.300   -6.882  0.095   1.00 0.32 ? 23 CPH B C10    1 
HETATM 802 C  "C2'"  . CPH I 5 . ? 2.539   -8.460  -5.509  1.00 1.32 ? 23 CPH B "C2'"  1 
HETATM 803 O  "O2'"  . CPH I 5 . ? 1.341   -8.495  -5.741  1.00 2.18 ? 23 CPH B "O2'"  1 
HETATM 804 C  "C3'"  . CPH I 5 . ? 3.197   -9.768  -5.753  1.00 1.88 ? 23 CPH B "C3'"  1 
HETATM 805 O  "O3'"  . CPH I 5 . ? 4.627   -10.002 -5.631  1.00 2.46 ? 23 CPH B "O3'"  1 
HETATM 806 C  "C4'"  . CPH I 5 . ? 2.313   -10.845 -5.155  1.00 2.45 ? 23 CPH B "C4'"  1 
HETATM 807 O  "O4'"  . CPH I 5 . ? 3.051   -11.927 -4.605  1.00 3.05 ? 23 CPH B "O4'"  1 
HETATM 808 C  C4A    . CPH I 5 . ? 1.622   -6.855  -1.070  1.00 0.33 ? 23 CPH B C4A    1 
HETATM 809 C  "C5'"  . CPH I 5 . ? 1.528   -11.388 -6.336  1.00 3.17 ? 23 CPH B "C5'"  1 
HETATM 810 C  C5A    . CPH I 5 . ? 1.712   -6.215  1.148   1.00 0.24 ? 23 CPH B C5A    1 
HETATM 811 C  C8A    . CPH I 5 . ? 0.724   -5.196  0.974   1.00 0.30 ? 23 CPH B C8A    1 
HETATM 812 C  C9A    . CPH I 5 . ? 0.793   -5.757  -1.347  1.00 0.44 ? 23 CPH B C9A    1 
HETATM 813 C  CC7    . CPH I 5 . ? 0.198   -4.097  4.618   1.00 0.28 ? 23 CPH B CC7    1 
HETATM 814 C  CME    . CPH I 5 . ? 4.913   -7.022  -5.315  1.00 2.48 ? 23 CPH B CME    1 
HETATM 815 H  H2     . CPH I 5 . ? 0.201   -7.343  -3.878  1.00 0.44 ? 23 CPH B H2     1 
HETATM 816 H  H3     . CPH I 5 . ? 2.988   -6.282  -3.049  1.00 0.37 ? 23 CPH B H3     1 
HETATM 817 H  H5     . CPH I 5 . ? 2.938   -7.257  2.366   1.00 0.44 ? 23 CPH B H5     1 
HETATM 818 H  HO8    . CPH I 5 . ? -0.529  -3.296  1.005   1.00 0.95 ? 23 CPH B HO8    1 
HETATM 819 H  "H1'"  . CPH I 5 . ? 3.099   -9.040  -3.774  1.00 1.55 ? 23 CPH B "H1'"  1 
HETATM 820 H  "H3'"  . CPH I 5 . ? 2.929   -9.512  -6.747  1.00 2.29 ? 23 CPH B "H3'"  1 
HETATM 821 H  "H4'"  . CPH I 5 . ? 1.730   -10.345 -4.326  1.00 2.51 ? 23 CPH B "H4'"  1 
HETATM 822 H  H41    . CPH I 5 . ? 1.244   -8.641  -2.198  1.00 0.73 ? 23 CPH B H41    1 
HETATM 823 H  H42    . CPH I 5 . ? 2.973   -8.423  -1.733  1.00 1.11 ? 23 CPH B H42    1 
HETATM 824 H  H102   . CPH I 5 . ? 3.241   -7.436  0.123   1.00 0.45 ? 23 CPH B H102   1 
HETATM 825 H  H71    . CPH I 5 . ? -0.015  -3.040  4.396   1.00 0.93 ? 23 CPH B H71    1 
HETATM 826 H  H72    . CPH I 5 . ? 0.931   -4.113  5.456   1.00 1.09 ? 23 CPH B H72    1 
HETATM 827 H  H73    . CPH I 5 . ? -0.749  -4.555  4.960   1.00 1.00 ? 23 CPH B H73    1 
HETATM 828 H  H11    . CPH I 5 . ? 4.049   -6.425  -5.675  1.00 2.94 ? 23 CPH B H11    1 
HETATM 829 H  H12    . CPH I 5 . ? 5.772   -6.388  -5.029  1.00 2.97 ? 23 CPH B H12    1 
HETATM 830 H  H13    . CPH I 5 . ? 5.222   -7.757  -6.090  1.00 3.01 ? 23 CPH B H13    1 
HETATM 831 H  HO3    . CPH I 5 . ? 4.996   -9.232  -5.158  1.00 2.70 ? 23 CPH B HO3    1 
HETATM 832 H  HO4    . CPH I 5 . ? 3.947   -11.756 -4.937  1.00 3.18 ? 23 CPH B HO4    1 
HETATM 833 H  H51    . CPH I 5 . ? 2.260   -11.748 -7.091  1.00 3.35 ? 23 CPH B H51    1 
HETATM 834 H  H52    . CPH I 5 . ? 0.871   -12.209 -6.004  1.00 3.59 ? 23 CPH B H52    1 
HETATM 835 H  H53    . CPH I 5 . ? 0.929   -10.574 -6.799  1.00 3.60 ? 23 CPH B H53    1 
# 
